data_9OER
#
_entry.id   9OER
#
_cell.length_a   147.300
_cell.length_b   147.300
_cell.length_c   287.870
_cell.angle_alpha   90.00
_cell.angle_beta   90.00
_cell.angle_gamma   120.00
#
_symmetry.space_group_name_H-M   'H 3'
#
loop_
_entity.id
_entity.type
_entity.pdbx_description
1 polymer 'Lysine halogenase'
2 non-polymer LYSINE
3 non-polymer '2-OXOGLUTARIC ACID'
4 non-polymer 'FE (II) ION'
5 non-polymer 'CHLORIDE ION'
6 non-polymer 'SUCCINIC ACID'
7 non-polymer (4R)-4-chloro-L-lysine
8 non-polymer '(2S)-2-hydroperoxy-2-hydroxypentanedioic acid'
9 water water
#
_entity_poly.entity_id   1
_entity_poly.type   'polypeptide(L)'
_entity_poly.pdbx_seq_one_letter_code
;MNVEQIDENLAKFLAERYTPESVAQLADRFHRFGFVKFDAANRLVPDELQTAVREECDLLIEQHKERRNLLLSTTGNTPR
RMSVVKSEEIEKSELISTLSRSEVLLGFLAGITREEIIPEVSSDERYLITHQEFKSDTHGWHWGDYSFALIWALRMPPIE
HGGMLQAVPHTHWDKSNPRINQTLCEREINTHGLESGDLYLLRTDTTLHRTVPLSEDSTRTILNMTWAAKRDLEKDLVGN
DRWWENPEAEAARAVDNA
;
_entity_poly.pdbx_strand_id   A,B,C,D,E,F,G,H
#
# COMPACT_ATOMS: atom_id res chain seq x y z
N ASN A 2 -3.21 33.32 8.84
CA ASN A 2 -4.04 34.08 7.93
C ASN A 2 -3.21 34.70 6.80
N VAL A 3 -3.88 35.51 5.98
CA VAL A 3 -3.27 36.20 4.85
C VAL A 3 -2.75 35.20 3.82
N GLU A 4 -1.78 35.62 3.01
CA GLU A 4 -1.29 34.83 1.87
C GLU A 4 -0.51 33.61 2.36
N GLN A 5 -0.37 33.45 3.68
CA GLN A 5 0.29 32.28 4.23
C GLN A 5 -0.50 31.01 3.95
N ILE A 6 -1.81 31.12 3.72
CA ILE A 6 -2.62 29.93 3.46
C ILE A 6 -2.27 29.34 2.09
N ASP A 7 -2.20 30.18 1.06
CA ASP A 7 -1.83 29.67 -0.26
C ASP A 7 -0.39 29.19 -0.29
N GLU A 8 0.50 29.87 0.43
CA GLU A 8 1.91 29.48 0.46
C GLU A 8 2.09 28.12 1.12
N ASN A 9 1.37 27.86 2.21
CA ASN A 9 1.49 26.58 2.90
C ASN A 9 0.74 25.48 2.15
N LEU A 10 -0.36 25.82 1.47
CA LEU A 10 -1.08 24.82 0.70
C LEU A 10 -0.26 24.37 -0.51
N ALA A 11 0.40 25.31 -1.19
CA ALA A 11 1.27 24.93 -2.29
C ALA A 11 2.37 23.98 -1.83
N LYS A 12 2.97 24.28 -0.67
CA LYS A 12 3.95 23.36 -0.09
C LYS A 12 3.33 22.02 0.24
N PHE A 13 2.17 22.05 0.92
CA PHE A 13 1.48 20.82 1.30
C PHE A 13 1.23 19.94 0.08
N LEU A 14 0.86 20.55 -1.05
CA LEU A 14 0.60 19.78 -2.25
C LEU A 14 1.89 19.35 -2.94
N ALA A 15 2.91 20.21 -2.94
CA ALA A 15 4.18 19.87 -3.56
C ALA A 15 4.86 18.68 -2.89
N GLU A 16 4.58 18.48 -1.60
CA GLU A 16 5.12 17.34 -0.86
C GLU A 16 4.45 16.03 -1.25
N ARG A 17 3.27 16.09 -1.87
CA ARG A 17 2.42 14.92 -2.04
C ARG A 17 2.11 14.56 -3.48
N TYR A 18 2.06 15.53 -4.40
CA TYR A 18 1.59 15.28 -5.75
C TYR A 18 2.61 15.74 -6.77
N THR A 19 2.66 15.01 -7.88
CA THR A 19 3.45 15.30 -9.07
C THR A 19 2.53 15.35 -10.27
N PRO A 20 2.97 15.92 -11.39
CA PRO A 20 2.16 15.86 -12.61
C PRO A 20 1.82 14.44 -13.04
N GLU A 21 2.69 13.47 -12.78
CA GLU A 21 2.40 12.09 -13.16
C GLU A 21 1.28 11.51 -12.31
N SER A 22 1.28 11.78 -11.00
CA SER A 22 0.23 11.24 -10.14
C SER A 22 -1.09 11.98 -10.31
N VAL A 23 -1.05 13.28 -10.61
CA VAL A 23 -2.28 14.02 -10.87
C VAL A 23 -2.95 13.50 -12.14
N ALA A 24 -2.16 13.20 -13.16
CA ALA A 24 -2.71 12.66 -14.40
C ALA A 24 -3.43 11.34 -14.17
N GLN A 25 -2.94 10.51 -13.23
CA GLN A 25 -3.68 9.30 -12.89
C GLN A 25 -5.01 9.65 -12.23
N LEU A 26 -5.01 10.69 -11.39
CA LEU A 26 -6.25 11.16 -10.79
C LEU A 26 -7.20 11.72 -11.83
N ALA A 27 -6.67 12.41 -12.84
CA ALA A 27 -7.50 12.93 -13.91
C ALA A 27 -8.17 11.81 -14.69
N ASP A 28 -7.46 10.69 -14.88
CA ASP A 28 -8.06 9.52 -15.52
C ASP A 28 -9.22 8.98 -14.70
N ARG A 29 -9.02 8.83 -13.39
CA ARG A 29 -10.08 8.34 -12.54
C ARG A 29 -11.22 9.33 -12.43
N PHE A 30 -10.92 10.62 -12.47
CA PHE A 30 -11.99 11.62 -12.45
C PHE A 30 -12.85 11.53 -13.71
N HIS A 31 -12.22 11.32 -14.88
CA HIS A 31 -13.00 11.21 -16.10
C HIS A 31 -13.80 9.91 -16.13
N ARG A 32 -13.24 8.82 -15.61
CA ARG A 32 -13.90 7.53 -15.66
C ARG A 32 -15.06 7.43 -14.67
N PHE A 33 -14.89 7.98 -13.47
CA PHE A 33 -15.89 7.85 -12.42
C PHE A 33 -16.65 9.13 -12.11
N GLY A 34 -16.22 10.28 -12.64
CA GLY A 34 -16.83 11.54 -12.24
C GLY A 34 -16.58 11.88 -10.80
N PHE A 35 -15.64 11.20 -10.17
CA PHE A 35 -15.47 11.22 -8.72
C PHE A 35 -14.05 10.85 -8.41
N VAL A 36 -13.38 11.66 -7.61
CA VAL A 36 -12.05 11.37 -7.10
C VAL A 36 -12.05 11.68 -5.61
N LYS A 37 -11.64 10.73 -4.80
CA LYS A 37 -11.70 10.85 -3.34
C LYS A 37 -10.33 11.23 -2.79
N PHE A 38 -10.31 12.22 -1.91
CA PHE A 38 -9.09 12.68 -1.24
C PHE A 38 -9.14 12.18 0.20
N ASP A 39 -8.56 11.01 0.43
CA ASP A 39 -8.59 10.33 1.71
C ASP A 39 -7.18 10.33 2.31
N ALA A 40 -6.95 9.45 3.29
CA ALA A 40 -5.63 9.38 3.92
C ALA A 40 -4.54 9.03 2.91
N ALA A 41 -4.91 8.37 1.81
CA ALA A 41 -3.96 8.08 0.74
C ALA A 41 -3.74 9.26 -0.19
N ASN A 42 -4.70 10.18 -0.28
CA ASN A 42 -4.63 11.32 -1.18
C ASN A 42 -5.13 12.57 -0.45
N ARG A 43 -4.46 12.94 0.65
CA ARG A 43 -4.84 14.17 1.35
C ARG A 43 -4.79 15.37 0.42
N LEU A 44 -5.69 16.32 0.64
CA LEU A 44 -5.81 17.51 -0.19
C LEU A 44 -5.48 18.80 0.54
N VAL A 45 -5.85 18.92 1.82
CA VAL A 45 -5.55 20.11 2.61
C VAL A 45 -4.99 19.66 3.95
N PRO A 46 -4.22 20.53 4.61
CA PRO A 46 -3.67 20.18 5.92
C PRO A 46 -4.74 19.98 6.97
N ASP A 47 -4.38 19.22 8.01
CA ASP A 47 -5.31 18.96 9.11
C ASP A 47 -5.73 20.25 9.79
N GLU A 48 -4.78 21.15 10.04
CA GLU A 48 -5.10 22.42 10.69
C GLU A 48 -6.06 23.26 9.86
N LEU A 49 -6.04 23.08 8.54
CA LEU A 49 -6.91 23.86 7.68
C LEU A 49 -8.33 23.31 7.65
N GLN A 50 -8.46 21.98 7.49
CA GLN A 50 -9.79 21.38 7.52
C GLN A 50 -10.46 21.57 8.87
N THR A 51 -9.68 21.47 9.95
CA THR A 51 -10.24 21.72 11.28
C THR A 51 -10.82 23.13 11.37
N ALA A 52 -10.15 24.10 10.76
CA ALA A 52 -10.64 25.47 10.76
C ALA A 52 -11.91 25.60 9.92
N VAL A 53 -11.97 24.91 8.78
CA VAL A 53 -13.17 24.90 7.96
C VAL A 53 -14.30 24.18 8.68
N ARG A 54 -13.99 23.08 9.37
CA ARG A 54 -15.02 22.35 10.10
C ARG A 54 -15.61 23.19 11.22
N GLU A 55 -14.75 23.89 11.98
CA GLU A 55 -15.27 24.71 13.06
C GLU A 55 -16.04 25.91 12.54
N GLU A 56 -15.70 26.42 11.35
CA GLU A 56 -16.52 27.45 10.74
C GLU A 56 -17.89 26.91 10.36
N CYS A 57 -17.93 25.69 9.81
CA CYS A 57 -19.20 25.12 9.36
C CYS A 57 -20.08 24.74 10.55
N ASP A 58 -19.50 24.23 11.63
CA ASP A 58 -20.29 23.90 12.81
C ASP A 58 -20.92 25.15 13.43
N LEU A 59 -20.26 26.30 13.28
CA LEU A 59 -20.85 27.54 13.78
C LEU A 59 -21.97 28.01 12.86
N LEU A 60 -21.81 27.84 11.54
CA LEU A 60 -22.86 28.21 10.61
C LEU A 60 -24.10 27.33 10.79
N ILE A 61 -23.89 26.05 11.10
CA ILE A 61 -25.02 25.14 11.29
C ILE A 61 -25.82 25.53 12.53
N GLU A 62 -25.12 25.84 13.62
CA GLU A 62 -25.81 26.25 14.84
C GLU A 62 -26.55 27.55 14.68
N GLN A 63 -26.12 28.41 13.76
CA GLN A 63 -26.71 29.73 13.56
C GLN A 63 -27.77 29.78 12.47
N HIS A 64 -27.64 28.99 11.40
CA HIS A 64 -28.51 29.20 10.24
C HIS A 64 -29.02 27.91 9.61
N LYS A 65 -29.02 26.80 10.33
CA LYS A 65 -29.56 25.57 9.77
C LYS A 65 -31.05 25.71 9.50
N GLU A 66 -31.48 25.20 8.34
CA GLU A 66 -32.87 25.22 7.93
C GLU A 66 -33.26 23.81 7.49
N ARG A 67 -34.32 23.27 8.08
CA ARG A 67 -34.79 21.95 7.70
C ARG A 67 -35.43 21.99 6.31
N ARG A 68 -35.17 20.96 5.52
CA ARG A 68 -35.79 20.77 4.22
C ARG A 68 -36.36 19.36 4.15
N ASN A 69 -37.61 19.25 3.75
CA ASN A 69 -38.28 17.94 3.62
C ASN A 69 -39.22 18.07 2.43
N LEU A 70 -38.73 17.67 1.26
CA LEU A 70 -39.43 17.93 0.01
C LEU A 70 -39.00 16.90 -1.01
N LEU A 71 -39.68 16.93 -2.16
CA LEU A 71 -39.28 16.19 -3.34
C LEU A 71 -39.07 17.19 -4.48
N LEU A 72 -38.04 16.96 -5.30
CA LEU A 72 -37.69 17.87 -6.39
C LEU A 72 -38.21 17.29 -7.70
N SER A 73 -39.18 17.97 -8.31
CA SER A 73 -39.82 17.46 -9.51
C SER A 73 -38.85 17.37 -10.68
N THR A 74 -37.90 18.30 -10.77
CA THR A 74 -36.95 18.27 -11.87
C THR A 74 -35.99 17.09 -11.79
N THR A 75 -35.93 16.39 -10.66
CA THR A 75 -35.16 15.15 -10.59
C THR A 75 -36.08 13.99 -10.22
N GLY A 76 -37.21 13.86 -10.92
CA GLY A 76 -38.09 12.72 -10.73
C GLY A 76 -38.66 12.59 -9.35
N ASN A 77 -38.91 13.71 -8.66
CA ASN A 77 -39.46 13.74 -7.30
C ASN A 77 -38.59 12.98 -6.31
N THR A 78 -37.27 13.01 -6.49
CA THR A 78 -36.38 12.48 -5.47
C THR A 78 -36.38 13.40 -4.26
N PRO A 79 -36.22 12.84 -3.06
CA PRO A 79 -36.37 13.64 -1.84
C PRO A 79 -35.13 14.47 -1.54
N ARG A 80 -35.37 15.55 -0.79
CA ARG A 80 -34.33 16.37 -0.18
C ARG A 80 -34.72 16.47 1.28
N ARG A 81 -34.28 15.51 2.08
CA ARG A 81 -34.63 15.46 3.50
C ARG A 81 -33.34 15.66 4.30
N MET A 82 -33.17 16.86 4.83
CA MET A 82 -31.92 17.30 5.43
C MET A 82 -32.05 18.69 6.03
N SER A 83 -30.99 19.20 6.65
CA SER A 83 -30.86 20.62 6.97
C SER A 83 -29.82 21.24 6.04
N VAL A 84 -29.97 22.54 5.79
CA VAL A 84 -29.06 23.26 4.91
C VAL A 84 -28.68 24.60 5.53
N VAL A 85 -27.56 25.14 5.07
CA VAL A 85 -27.18 26.53 5.30
C VAL A 85 -26.97 27.16 3.94
N LYS A 86 -27.65 28.28 3.69
CA LYS A 86 -27.68 28.85 2.34
C LYS A 86 -26.34 29.46 1.97
N SER A 87 -26.14 29.61 0.65
CA SER A 87 -24.86 30.08 0.14
C SER A 87 -24.53 31.49 0.64
N GLU A 88 -25.54 32.36 0.70
CA GLU A 88 -25.30 33.74 1.12
C GLU A 88 -24.80 33.82 2.55
N GLU A 89 -25.22 32.87 3.41
CA GLU A 89 -24.74 32.87 4.78
C GLU A 89 -23.34 32.30 4.89
N ILE A 90 -23.02 31.31 4.06
CA ILE A 90 -21.70 30.69 4.10
C ILE A 90 -20.65 31.66 3.55
N GLU A 91 -21.02 32.46 2.55
CA GLU A 91 -20.06 33.37 1.93
C GLU A 91 -19.56 34.42 2.91
N LYS A 92 -20.22 34.58 4.06
CA LYS A 92 -19.74 35.52 5.07
C LYS A 92 -18.43 35.04 5.69
N SER A 93 -18.21 33.73 5.70
CA SER A 93 -16.97 33.15 6.20
C SER A 93 -15.82 33.56 5.28
N GLU A 94 -14.94 34.45 5.78
CA GLU A 94 -13.78 34.86 5.01
C GLU A 94 -12.89 33.67 4.67
N LEU A 95 -12.75 32.72 5.61
CA LEU A 95 -11.92 31.55 5.34
C LEU A 95 -12.50 30.72 4.20
N ILE A 96 -13.78 30.38 4.28
CA ILE A 96 -14.39 29.53 3.27
C ILE A 96 -14.48 30.26 1.93
N SER A 97 -14.78 31.55 1.94
CA SER A 97 -14.94 32.26 0.67
C SER A 97 -13.61 32.41 -0.05
N THR A 98 -12.54 32.70 0.67
CA THR A 98 -11.26 32.96 0.04
C THR A 98 -10.62 31.66 -0.47
N LEU A 99 -10.59 30.63 0.37
CA LEU A 99 -10.00 29.37 -0.07
C LEU A 99 -10.77 28.79 -1.25
N SER A 100 -12.08 29.07 -1.34
CA SER A 100 -12.87 28.61 -2.48
C SER A 100 -12.46 29.29 -3.78
N ARG A 101 -11.80 30.44 -3.72
CA ARG A 101 -11.27 31.12 -4.89
C ARG A 101 -9.75 31.05 -4.96
N SER A 102 -9.13 30.18 -4.17
CA SER A 102 -7.67 30.08 -4.14
C SER A 102 -7.14 29.61 -5.48
N GLU A 103 -6.22 30.38 -6.06
CA GLU A 103 -5.60 29.95 -7.31
C GLU A 103 -4.68 28.75 -7.12
N VAL A 104 -4.18 28.53 -5.90
CA VAL A 104 -3.40 27.34 -5.62
C VAL A 104 -4.28 26.10 -5.62
N LEU A 105 -5.44 26.16 -4.95
CA LEU A 105 -6.34 25.02 -4.91
C LEU A 105 -6.95 24.76 -6.29
N LEU A 106 -7.53 25.79 -6.90
CA LEU A 106 -8.17 25.61 -8.20
C LEU A 106 -7.17 25.19 -9.26
N GLY A 107 -5.95 25.72 -9.19
CA GLY A 107 -4.94 25.33 -10.16
C GLY A 107 -4.53 23.88 -10.02
N PHE A 108 -4.50 23.37 -8.79
CA PHE A 108 -4.19 21.96 -8.57
C PHE A 108 -5.32 21.08 -9.09
N LEU A 109 -6.56 21.36 -8.68
CA LEU A 109 -7.70 20.58 -9.12
C LEU A 109 -7.91 20.69 -10.62
N ALA A 110 -7.42 21.75 -11.25
CA ALA A 110 -7.56 21.88 -12.70
C ALA A 110 -6.74 20.83 -13.44
N GLY A 111 -5.68 20.32 -12.81
CA GLY A 111 -4.96 19.18 -13.36
C GLY A 111 -5.72 17.87 -13.29
N ILE A 112 -6.76 17.81 -12.47
CA ILE A 112 -7.61 16.62 -12.39
C ILE A 112 -8.79 16.73 -13.35
N THR A 113 -9.34 17.93 -13.51
CA THR A 113 -10.46 18.15 -14.42
C THR A 113 -10.02 18.30 -15.87
N ARG A 114 -8.74 18.61 -16.10
CA ARG A 114 -8.19 18.86 -17.43
C ARG A 114 -8.83 20.07 -18.11
N GLU A 115 -9.47 20.94 -17.35
CA GLU A 115 -9.97 22.21 -17.85
C GLU A 115 -9.99 23.21 -16.71
N GLU A 116 -10.02 24.48 -17.09
CA GLU A 116 -10.01 25.55 -16.09
C GLU A 116 -11.23 25.46 -15.18
N ILE A 117 -11.01 25.72 -13.90
CA ILE A 117 -12.07 25.77 -12.90
C ILE A 117 -12.34 27.24 -12.62
N ILE A 118 -13.56 27.68 -12.90
CA ILE A 118 -13.92 29.09 -12.92
C ILE A 118 -14.85 29.37 -11.73
N PRO A 119 -14.41 30.15 -10.76
CA PRO A 119 -15.26 30.45 -9.58
C PRO A 119 -16.28 31.56 -9.86
N GLU A 120 -17.12 31.34 -10.87
CA GLU A 120 -18.16 32.28 -11.27
C GLU A 120 -19.45 31.49 -11.44
N VAL A 121 -20.15 31.25 -10.33
CA VAL A 121 -21.44 30.58 -10.36
C VAL A 121 -22.45 31.48 -9.65
N SER A 122 -23.72 31.13 -9.81
CA SER A 122 -24.82 31.90 -9.23
C SER A 122 -24.56 32.16 -7.75
N SER A 123 -24.93 33.37 -7.31
CA SER A 123 -24.64 33.78 -5.94
C SER A 123 -25.37 32.94 -4.90
N ASP A 124 -26.35 32.12 -5.30
CA ASP A 124 -27.09 31.29 -4.35
C ASP A 124 -26.61 29.85 -4.35
N GLU A 125 -25.60 29.52 -5.14
CA GLU A 125 -25.10 28.15 -5.25
C GLU A 125 -23.58 28.08 -5.14
N ARG A 126 -22.91 29.16 -4.73
CA ARG A 126 -21.46 29.10 -4.57
C ARG A 126 -21.06 28.12 -3.49
N TYR A 127 -21.78 28.12 -2.37
CA TYR A 127 -21.48 27.26 -1.24
C TYR A 127 -22.76 26.62 -0.71
N LEU A 128 -22.63 25.44 -0.13
CA LEU A 128 -23.75 24.77 0.48
C LEU A 128 -23.23 23.89 1.60
N ILE A 129 -23.95 23.87 2.71
CA ILE A 129 -23.75 22.91 3.78
C ILE A 129 -25.03 22.10 3.93
N THR A 130 -24.92 20.78 3.90
CA THR A 130 -26.03 19.91 4.22
C THR A 130 -25.72 19.17 5.51
N HIS A 131 -26.75 19.01 6.35
CA HIS A 131 -26.59 18.47 7.69
C HIS A 131 -27.74 17.50 7.96
N GLN A 132 -27.51 16.23 7.69
CA GLN A 132 -28.53 15.21 7.89
C GLN A 132 -28.38 14.62 9.29
N GLU A 133 -29.49 14.48 10.00
CA GLU A 133 -29.42 14.02 11.37
C GLU A 133 -30.33 12.84 11.69
N PHE A 134 -31.37 12.60 10.92
CA PHE A 134 -32.40 11.64 11.31
C PHE A 134 -32.45 10.49 10.31
N LYS A 135 -33.07 9.40 10.74
CA LYS A 135 -33.32 8.28 9.86
C LYS A 135 -34.09 8.75 8.62
N SER A 136 -33.72 8.19 7.47
CA SER A 136 -34.30 8.47 6.15
C SER A 136 -33.84 9.79 5.56
N ASP A 137 -33.03 10.57 6.28
CA ASP A 137 -32.44 11.77 5.70
C ASP A 137 -31.57 11.39 4.52
N THR A 138 -31.67 12.18 3.45
CA THR A 138 -31.06 11.82 2.18
C THR A 138 -30.98 13.04 1.30
N HIS A 139 -29.96 13.04 0.44
CA HIS A 139 -29.85 13.96 -0.68
C HIS A 139 -30.13 13.12 -1.92
N GLY A 140 -31.38 13.12 -2.36
CA GLY A 140 -31.83 12.20 -3.38
C GLY A 140 -31.10 12.36 -4.70
N TRP A 141 -31.33 11.39 -5.57
CA TRP A 141 -30.69 11.34 -6.88
C TRP A 141 -30.83 12.67 -7.61
N HIS A 142 -29.72 13.18 -8.12
CA HIS A 142 -29.76 14.48 -8.77
C HIS A 142 -28.49 14.67 -9.58
N TRP A 143 -28.49 15.72 -10.38
CA TRP A 143 -27.34 16.27 -11.04
C TRP A 143 -27.13 17.70 -10.52
N GLY A 144 -26.04 18.32 -10.97
CA GLY A 144 -25.81 19.71 -10.65
C GLY A 144 -25.96 20.59 -11.87
N ASP A 145 -26.25 21.87 -11.65
CA ASP A 145 -26.32 22.81 -12.76
C ASP A 145 -24.93 23.16 -13.28
N TYR A 146 -23.92 23.08 -12.43
CA TYR A 146 -22.54 23.41 -12.81
C TYR A 146 -21.69 22.15 -12.87
N SER A 147 -20.52 22.30 -13.48
CA SER A 147 -19.70 21.13 -13.81
C SER A 147 -19.04 20.53 -12.56
N PHE A 148 -18.59 21.37 -11.63
CA PHE A 148 -17.64 20.95 -10.61
C PHE A 148 -18.16 21.23 -9.21
N ALA A 149 -17.91 20.29 -8.30
CA ALA A 149 -18.18 20.49 -6.88
C ALA A 149 -17.09 19.82 -6.08
N LEU A 150 -16.57 20.53 -5.09
CA LEU A 150 -15.66 19.98 -4.11
C LEU A 150 -16.42 19.79 -2.81
N ILE A 151 -16.55 18.54 -2.38
CA ILE A 151 -17.35 18.19 -1.22
C ILE A 151 -16.43 17.87 -0.06
N TRP A 152 -16.69 18.49 1.08
CA TRP A 152 -15.95 18.24 2.31
C TRP A 152 -16.77 17.28 3.17
N ALA A 153 -16.33 16.03 3.27
CA ALA A 153 -17.02 15.06 4.12
C ALA A 153 -16.64 15.31 5.58
N LEU A 154 -17.16 16.43 6.11
CA LEU A 154 -16.75 16.90 7.42
C LEU A 154 -17.04 15.89 8.52
N ARG A 155 -18.21 15.26 8.48
CA ARG A 155 -18.57 14.23 9.44
C ARG A 155 -19.43 13.19 8.72
N MET A 156 -19.01 11.93 8.82
CA MET A 156 -19.72 10.82 8.20
C MET A 156 -20.15 9.81 9.25
N PRO A 157 -21.35 9.27 9.15
CA PRO A 157 -21.74 8.16 10.01
C PRO A 157 -21.00 6.90 9.61
N PRO A 158 -21.09 5.83 10.40
CA PRO A 158 -20.56 4.55 9.93
C PRO A 158 -21.24 4.15 8.62
N ILE A 159 -20.50 3.38 7.81
CA ILE A 159 -21.04 2.93 6.53
C ILE A 159 -22.28 2.08 6.74
N GLU A 160 -22.36 1.33 7.84
CA GLU A 160 -23.53 0.51 8.10
C GLU A 160 -24.79 1.35 8.29
N HIS A 161 -24.66 2.64 8.60
CA HIS A 161 -25.80 3.52 8.81
C HIS A 161 -26.19 4.29 7.55
N GLY A 162 -25.60 3.96 6.41
CA GLY A 162 -25.88 4.70 5.20
C GLY A 162 -25.00 5.93 5.08
N GLY A 163 -25.41 6.83 4.20
CA GLY A 163 -24.67 8.06 3.98
C GLY A 163 -23.62 8.01 2.89
N MET A 164 -23.45 6.87 2.22
CA MET A 164 -22.52 6.79 1.12
C MET A 164 -23.02 7.62 -0.06
N LEU A 165 -22.09 8.01 -0.92
CA LEU A 165 -22.43 8.64 -2.19
C LEU A 165 -22.55 7.56 -3.25
N GLN A 166 -23.70 7.50 -3.91
CA GLN A 166 -23.88 6.63 -5.06
C GLN A 166 -23.88 7.48 -6.32
N ALA A 167 -23.18 7.01 -7.35
CA ALA A 167 -22.91 7.83 -8.52
C ALA A 167 -23.03 7.00 -9.79
N VAL A 168 -23.58 7.61 -10.83
CA VAL A 168 -23.58 7.05 -12.18
C VAL A 168 -22.94 8.07 -13.11
N PRO A 169 -21.68 7.89 -13.50
CA PRO A 169 -21.03 8.87 -14.38
C PRO A 169 -21.54 8.74 -15.81
N HIS A 170 -21.17 9.75 -16.61
CA HIS A 170 -21.47 9.76 -18.04
C HIS A 170 -22.97 9.76 -18.30
N THR A 171 -23.68 10.63 -17.60
CA THR A 171 -25.10 10.84 -17.79
C THR A 171 -25.35 12.32 -18.06
N HIS A 172 -26.62 12.70 -18.12
CA HIS A 172 -26.97 14.10 -18.37
C HIS A 172 -28.35 14.37 -17.76
N TRP A 173 -28.58 15.65 -17.47
CA TRP A 173 -29.75 16.08 -16.70
C TRP A 173 -30.76 16.71 -17.65
N ASP A 174 -31.87 16.03 -17.86
CA ASP A 174 -33.01 16.59 -18.58
C ASP A 174 -34.07 16.94 -17.55
N LYS A 175 -34.25 18.24 -17.29
CA LYS A 175 -35.13 18.63 -16.20
C LYS A 175 -36.59 18.32 -16.50
N SER A 176 -36.96 18.25 -17.77
CA SER A 176 -38.32 17.88 -18.16
C SER A 176 -38.52 16.37 -18.25
N ASN A 177 -37.45 15.59 -18.24
CA ASN A 177 -37.55 14.13 -18.34
C ASN A 177 -36.30 13.52 -17.72
N PRO A 178 -36.20 13.53 -16.38
CA PRO A 178 -34.95 13.11 -15.72
C PRO A 178 -34.57 11.66 -15.99
N ARG A 179 -35.54 10.75 -16.02
CA ARG A 179 -35.31 9.34 -16.29
C ARG A 179 -34.33 8.73 -15.28
N ILE A 180 -34.54 9.02 -14.01
CA ILE A 180 -33.59 8.58 -13.00
C ILE A 180 -33.63 7.07 -12.82
N ASN A 181 -34.82 6.52 -12.54
CA ASN A 181 -34.91 5.08 -12.32
C ASN A 181 -34.63 4.29 -13.60
N GLN A 182 -34.93 4.85 -14.76
CA GLN A 182 -34.59 4.18 -16.01
C GLN A 182 -33.09 4.22 -16.26
N THR A 183 -32.42 5.30 -15.87
CA THR A 183 -30.97 5.35 -15.97
C THR A 183 -30.33 4.30 -15.08
N LEU A 184 -30.89 4.09 -13.88
CA LEU A 184 -30.37 3.07 -12.99
C LEU A 184 -30.53 1.68 -13.59
N CYS A 185 -31.64 1.43 -14.28
CA CYS A 185 -31.83 0.12 -14.91
C CYS A 185 -30.80 -0.13 -16.00
N GLU A 186 -30.35 0.94 -16.67
CA GLU A 186 -29.45 0.80 -17.81
C GLU A 186 -27.99 0.93 -17.44
N ARG A 187 -27.67 1.31 -16.21
CA ARG A 187 -26.31 1.63 -15.80
C ARG A 187 -25.98 0.99 -14.46
N GLU A 188 -24.70 0.79 -14.22
CA GLU A 188 -24.23 0.27 -12.94
C GLU A 188 -23.99 1.40 -11.97
N ILE A 189 -24.43 1.21 -10.73
CA ILE A 189 -24.27 2.22 -9.69
C ILE A 189 -22.94 1.98 -8.98
N ASN A 190 -22.12 3.02 -8.93
CA ASN A 190 -20.92 3.04 -8.11
C ASN A 190 -21.28 3.62 -6.74
N THR A 191 -21.01 2.86 -5.69
CA THR A 191 -21.22 3.32 -4.32
C THR A 191 -19.88 3.71 -3.70
N HIS A 192 -19.80 4.93 -3.19
CA HIS A 192 -18.56 5.49 -2.68
C HIS A 192 -18.71 5.72 -1.17
N GLY A 193 -18.07 4.88 -0.37
CA GLY A 193 -18.09 5.09 1.07
C GLY A 193 -17.15 6.21 1.49
N LEU A 194 -17.60 7.01 2.44
CA LEU A 194 -16.87 8.17 2.89
C LEU A 194 -16.62 8.10 4.39
N GLU A 195 -15.52 8.70 4.82
CA GLU A 195 -15.17 8.82 6.22
C GLU A 195 -14.99 10.30 6.57
N SER A 196 -15.21 10.62 7.84
CA SER A 196 -14.97 11.99 8.29
C SER A 196 -13.55 12.42 7.97
N GLY A 197 -13.41 13.66 7.51
CA GLY A 197 -12.13 14.15 7.06
C GLY A 197 -11.87 13.99 5.58
N ASP A 198 -12.59 13.10 4.91
CA ASP A 198 -12.40 12.93 3.47
C ASP A 198 -12.94 14.14 2.71
N LEU A 199 -12.38 14.33 1.51
CA LEU A 199 -12.96 15.22 0.52
C LEU A 199 -13.11 14.45 -0.79
N TYR A 200 -13.91 15.00 -1.71
CA TYR A 200 -13.96 14.42 -3.04
C TYR A 200 -14.38 15.48 -4.05
N LEU A 201 -13.83 15.34 -5.25
CA LEU A 201 -14.18 16.17 -6.39
C LEU A 201 -15.21 15.44 -7.23
N LEU A 202 -16.27 16.13 -7.63
CA LEU A 202 -17.39 15.52 -8.34
C LEU A 202 -17.66 16.31 -9.61
N ARG A 203 -17.79 15.59 -10.73
CA ARG A 203 -18.24 16.19 -11.98
C ARG A 203 -19.77 16.15 -11.94
N THR A 204 -20.36 17.22 -11.41
CA THR A 204 -21.76 17.18 -11.00
C THR A 204 -22.74 17.26 -12.17
N ASP A 205 -22.33 17.80 -13.30
CA ASP A 205 -23.28 17.96 -14.40
C ASP A 205 -23.51 16.66 -15.16
N THR A 206 -22.52 15.76 -15.20
CA THR A 206 -22.66 14.52 -15.95
C THR A 206 -22.61 13.28 -15.07
N THR A 207 -22.75 13.43 -13.75
CA THR A 207 -22.74 12.32 -12.82
C THR A 207 -24.03 12.36 -12.01
N LEU A 208 -24.92 11.40 -12.26
CA LEU A 208 -26.11 11.25 -11.43
C LEU A 208 -25.69 10.72 -10.07
N HIS A 209 -26.10 11.41 -9.00
CA HIS A 209 -25.59 11.04 -7.69
C HIS A 209 -26.62 11.30 -6.60
N ARG A 210 -26.42 10.64 -5.47
CA ARG A 210 -27.25 10.81 -4.29
C ARG A 210 -26.44 10.38 -3.07
N THR A 211 -26.99 10.66 -1.89
CA THR A 211 -26.44 10.09 -0.66
C THR A 211 -27.41 9.03 -0.17
N VAL A 212 -26.87 7.86 0.14
CA VAL A 212 -27.71 6.76 0.61
C VAL A 212 -28.43 7.19 1.88
N PRO A 213 -29.75 6.97 2.00
CA PRO A 213 -30.46 7.42 3.19
C PRO A 213 -29.89 6.85 4.48
N LEU A 214 -30.00 7.64 5.54
CA LEU A 214 -29.54 7.21 6.85
C LEU A 214 -30.52 6.17 7.41
N SER A 215 -30.00 5.00 7.77
CA SER A 215 -30.83 3.96 8.36
C SER A 215 -31.07 4.18 9.85
N GLU A 216 -30.32 5.08 10.47
CA GLU A 216 -30.49 5.42 11.87
C GLU A 216 -30.18 6.89 12.04
N ASP A 217 -30.75 7.49 13.09
CA ASP A 217 -30.44 8.87 13.44
C ASP A 217 -28.94 8.99 13.67
N SER A 218 -28.23 9.65 12.75
CA SER A 218 -26.80 9.83 12.89
C SER A 218 -26.44 11.30 12.74
N THR A 219 -25.27 11.59 12.20
CA THR A 219 -24.91 12.94 11.82
C THR A 219 -24.06 12.87 10.56
N ARG A 220 -24.54 13.49 9.50
CA ARG A 220 -23.83 13.57 8.23
C ARG A 220 -23.77 15.02 7.83
N THR A 221 -22.56 15.57 7.74
CA THR A 221 -22.35 16.98 7.49
C THR A 221 -21.32 17.16 6.38
N ILE A 222 -21.67 17.92 5.35
CA ILE A 222 -20.75 18.20 4.26
C ILE A 222 -20.74 19.69 3.97
N LEU A 223 -19.69 20.12 3.29
CA LEU A 223 -19.60 21.44 2.70
C LEU A 223 -19.41 21.30 1.20
N ASN A 224 -20.19 22.05 0.43
CA ASN A 224 -20.15 22.00 -1.03
C ASN A 224 -19.57 23.31 -1.56
N MET A 225 -18.44 23.21 -2.26
CA MET A 225 -17.89 24.31 -3.07
C MET A 225 -18.18 24.01 -4.53
N THR A 226 -19.05 24.81 -5.14
CA THR A 226 -19.45 24.63 -6.53
C THR A 226 -18.73 25.63 -7.41
N TRP A 227 -18.13 25.15 -8.49
CA TRP A 227 -17.48 26.00 -9.48
C TRP A 227 -18.02 25.68 -10.87
N ALA A 228 -17.78 26.60 -11.79
CA ALA A 228 -18.19 26.45 -13.17
C ALA A 228 -17.03 25.94 -14.03
N ALA A 229 -17.37 25.34 -15.16
CA ALA A 229 -16.45 25.16 -16.26
C ALA A 229 -16.75 26.21 -17.32
N LYS A 230 -15.89 26.26 -18.34
CA LYS A 230 -16.14 27.17 -19.45
C LYS A 230 -17.52 26.95 -20.05
N ARG A 231 -18.03 25.71 -19.99
CA ARG A 231 -19.32 25.38 -20.57
C ARG A 231 -20.49 26.01 -19.80
N ASP A 232 -20.27 26.42 -18.57
CA ASP A 232 -21.39 26.89 -17.70
C ASP A 232 -21.53 28.41 -17.69
N LEU A 233 -20.60 29.10 -18.32
CA LEU A 233 -20.70 30.58 -18.39
C LEU A 233 -21.78 30.96 -19.43
N LYS A 235 -24.68 30.01 -20.37
CA LYS A 235 -25.81 29.11 -20.02
C LYS A 235 -26.77 29.82 -19.06
N ASP A 236 -28.06 29.52 -19.18
CA ASP A 236 -29.08 30.18 -18.35
C ASP A 236 -29.68 29.18 -17.38
N LEU A 237 -29.97 29.65 -16.18
CA LEU A 237 -30.47 28.76 -15.13
C LEU A 237 -31.96 28.53 -15.36
N VAL A 238 -32.34 27.28 -15.31
CA VAL A 238 -33.74 26.94 -15.54
C VAL A 238 -34.17 25.85 -14.57
N GLY A 239 -35.49 25.69 -14.44
CA GLY A 239 -36.08 24.61 -13.69
C GLY A 239 -36.93 25.07 -12.51
N ASN A 240 -36.59 26.24 -11.95
CA ASN A 240 -37.24 26.75 -10.74
C ASN A 240 -37.14 25.73 -9.62
N ASP A 241 -35.96 25.12 -9.48
CA ASP A 241 -35.76 23.99 -8.58
C ASP A 241 -34.67 24.26 -7.54
N ARG A 242 -34.40 25.53 -7.24
CA ARG A 242 -33.33 25.90 -6.32
C ARG A 242 -33.84 25.76 -4.88
N TRP A 243 -34.13 24.51 -4.51
CA TRP A 243 -34.81 24.18 -3.26
C TRP A 243 -33.98 24.57 -2.04
N TRP A 244 -32.65 24.56 -2.17
CA TRP A 244 -31.81 24.94 -1.05
C TRP A 244 -31.92 26.45 -0.77
N GLU A 245 -31.92 27.26 -1.82
CA GLU A 245 -32.01 28.70 -1.64
C GLU A 245 -33.45 29.13 -1.34
N ASN A 246 -34.42 28.34 -1.79
CA ASN A 246 -35.83 28.65 -1.64
C ASN A 246 -36.58 27.36 -1.31
N PRO A 247 -37.02 27.18 -0.07
CA PRO A 247 -37.68 25.92 0.30
C PRO A 247 -38.96 25.68 -0.47
N GLU A 248 -39.57 26.72 -0.99
CA GLU A 248 -40.83 26.64 -1.71
C GLU A 248 -40.64 26.99 -3.19
N ALA A 249 -39.55 26.51 -3.78
CA ALA A 249 -39.36 26.65 -5.21
C ALA A 249 -40.48 25.94 -5.95
N GLU A 250 -40.68 26.33 -7.20
CA GLU A 250 -41.79 25.78 -7.98
C GLU A 250 -41.67 24.27 -8.13
N ALA A 251 -40.45 23.76 -8.23
CA ALA A 251 -40.25 22.33 -8.40
C ALA A 251 -40.28 21.57 -7.08
N ALA A 252 -40.33 22.26 -5.94
CA ALA A 252 -40.37 21.60 -4.64
C ALA A 252 -41.79 21.11 -4.36
N ARG A 253 -41.91 19.85 -3.95
CA ARG A 253 -43.19 19.22 -3.66
C ARG A 253 -43.24 18.76 -2.22
N ALA A 254 -44.44 18.69 -1.67
CA ALA A 254 -44.62 18.33 -0.27
C ALA A 254 -44.40 16.83 -0.07
N VAL A 255 -44.41 16.42 1.19
CA VAL A 255 -44.21 15.03 1.57
C VAL A 255 -42.83 14.55 1.15
N ASN B 2 -56.51 -28.74 -17.22
CA ASN B 2 -55.80 -28.94 -15.96
C ASN B 2 -55.00 -30.24 -15.99
N VAL B 3 -54.33 -30.54 -14.88
CA VAL B 3 -53.61 -31.80 -14.69
C VAL B 3 -52.45 -31.91 -15.67
N GLU B 4 -52.02 -33.15 -15.95
CA GLU B 4 -50.85 -33.43 -16.80
C GLU B 4 -50.96 -32.80 -18.18
N GLN B 5 -52.13 -32.31 -18.57
CA GLN B 5 -52.22 -31.50 -19.78
C GLN B 5 -51.45 -30.19 -19.62
N ILE B 6 -51.13 -29.80 -18.40
CA ILE B 6 -50.36 -28.57 -18.18
C ILE B 6 -48.89 -28.80 -18.50
N ASP B 7 -48.32 -29.93 -18.06
CA ASP B 7 -46.94 -30.24 -18.39
C ASP B 7 -46.75 -30.46 -19.88
N GLU B 8 -47.73 -31.11 -20.52
CA GLU B 8 -47.65 -31.35 -21.96
C GLU B 8 -47.78 -30.05 -22.73
N ASN B 9 -48.69 -29.16 -22.31
CA ASN B 9 -48.82 -27.87 -22.98
C ASN B 9 -47.59 -27.00 -22.74
N LEU B 10 -47.04 -27.02 -21.52
CA LEU B 10 -45.86 -26.21 -21.24
C LEU B 10 -44.65 -26.69 -22.02
N ALA B 11 -44.51 -28.01 -22.20
CA ALA B 11 -43.38 -28.52 -22.97
C ALA B 11 -43.45 -28.07 -24.43
N LYS B 12 -44.66 -28.01 -24.99
CA LYS B 12 -44.83 -27.49 -26.34
C LYS B 12 -44.53 -26.01 -26.39
N PHE B 13 -44.97 -25.26 -25.38
CA PHE B 13 -44.75 -23.81 -25.34
C PHE B 13 -43.26 -23.49 -25.38
N LEU B 14 -42.43 -24.29 -24.70
CA LEU B 14 -41.01 -24.03 -24.65
C LEU B 14 -40.30 -24.50 -25.91
N ALA B 15 -40.74 -25.62 -26.49
CA ALA B 15 -40.13 -26.11 -27.73
C ALA B 15 -40.35 -25.15 -28.90
N GLU B 16 -41.41 -24.34 -28.85
CA GLU B 16 -41.65 -23.34 -29.87
C GLU B 16 -40.68 -22.16 -29.75
N ARG B 17 -40.15 -21.92 -28.55
CA ARG B 17 -39.41 -20.70 -28.28
C ARG B 17 -37.94 -20.90 -27.98
N TYR B 18 -37.55 -22.03 -27.41
CA TYR B 18 -36.18 -22.21 -26.95
C TYR B 18 -35.53 -23.43 -27.60
N THR B 19 -34.21 -23.38 -27.69
CA THR B 19 -33.34 -24.45 -28.12
C THR B 19 -32.21 -24.58 -27.13
N PRO B 20 -31.53 -25.72 -27.09
CA PRO B 20 -30.33 -25.83 -26.24
C PRO B 20 -29.30 -24.73 -26.49
N GLU B 21 -29.11 -24.31 -27.75
CA GLU B 21 -28.16 -23.23 -28.02
C GLU B 21 -28.64 -21.92 -27.42
N SER B 22 -29.95 -21.63 -27.49
CA SER B 22 -30.44 -20.39 -26.91
C SER B 22 -30.50 -20.45 -25.39
N VAL B 23 -30.74 -21.63 -24.82
CA VAL B 23 -30.67 -21.79 -23.37
C VAL B 23 -29.23 -21.59 -22.88
N ALA B 24 -28.25 -22.06 -23.67
CA ALA B 24 -26.86 -21.96 -23.25
C ALA B 24 -26.43 -20.50 -23.10
N GLN B 25 -26.90 -19.63 -24.01
CA GLN B 25 -26.61 -18.20 -23.86
C GLN B 25 -27.33 -17.63 -22.64
N LEU B 26 -28.53 -18.12 -22.33
CA LEU B 26 -29.20 -17.71 -21.10
C LEU B 26 -28.41 -18.18 -19.88
N ALA B 27 -27.84 -19.39 -19.94
CA ALA B 27 -27.05 -19.89 -18.82
C ALA B 27 -25.84 -19.01 -18.55
N ASP B 28 -25.21 -18.51 -19.63
CA ASP B 28 -24.09 -17.59 -19.47
C ASP B 28 -24.49 -16.33 -18.71
N ARG B 29 -25.63 -15.75 -19.09
CA ARG B 29 -26.10 -14.54 -18.41
C ARG B 29 -26.49 -14.84 -16.97
N PHE B 30 -27.03 -16.02 -16.71
CA PHE B 30 -27.37 -16.38 -15.33
C PHE B 30 -26.13 -16.45 -14.45
N HIS B 31 -25.06 -17.07 -14.95
CA HIS B 31 -23.84 -17.15 -14.16
C HIS B 31 -23.22 -15.78 -13.96
N ARG B 32 -23.30 -14.92 -14.98
CA ARG B 32 -22.69 -13.59 -14.90
C ARG B 32 -23.47 -12.65 -13.98
N PHE B 33 -24.79 -12.65 -14.08
CA PHE B 33 -25.60 -11.71 -13.29
C PHE B 33 -26.33 -12.35 -12.12
N GLY B 34 -26.35 -13.68 -12.02
CA GLY B 34 -27.20 -14.32 -11.02
C GLY B 34 -28.67 -14.12 -11.28
N PHE B 35 -29.03 -13.75 -12.51
CA PHE B 35 -30.34 -13.20 -12.81
C PHE B 35 -30.59 -13.35 -14.29
N VAL B 36 -31.75 -13.91 -14.64
CA VAL B 36 -32.20 -13.99 -16.03
C VAL B 36 -33.68 -13.64 -16.04
N LYS B 37 -34.06 -12.73 -16.93
CA LYS B 37 -35.43 -12.21 -16.99
C LYS B 37 -36.16 -12.82 -18.18
N PHE B 38 -37.37 -13.32 -17.92
CA PHE B 38 -38.27 -13.79 -18.96
C PHE B 38 -39.32 -12.71 -19.18
N ASP B 39 -39.10 -11.89 -20.21
CA ASP B 39 -39.98 -10.77 -20.53
C ASP B 39 -40.76 -11.07 -21.81
N ALA B 40 -41.32 -10.02 -22.42
CA ALA B 40 -42.21 -10.22 -23.56
C ALA B 40 -41.49 -10.84 -24.76
N ALA B 41 -40.17 -10.66 -24.85
CA ALA B 41 -39.39 -11.24 -25.93
C ALA B 41 -38.98 -12.68 -25.67
N ASN B 42 -39.10 -13.17 -24.43
CA ASN B 42 -38.73 -14.55 -24.11
C ASN B 42 -39.63 -15.02 -22.97
N ARG B 43 -40.87 -15.36 -23.33
CA ARG B 43 -41.83 -15.84 -22.34
C ARG B 43 -41.41 -17.20 -21.77
N LEU B 44 -41.82 -17.45 -20.53
CA LEU B 44 -41.57 -18.72 -19.86
C LEU B 44 -42.78 -19.62 -19.76
N VAL B 45 -43.97 -19.05 -19.54
CA VAL B 45 -45.21 -19.81 -19.41
C VAL B 45 -46.29 -19.19 -20.28
N PRO B 46 -47.27 -19.96 -20.75
CA PRO B 46 -48.34 -19.38 -21.57
C PRO B 46 -49.14 -18.35 -20.78
N ASP B 47 -49.62 -17.33 -21.48
CA ASP B 47 -50.35 -16.24 -20.84
C ASP B 47 -51.56 -16.76 -20.08
N GLU B 48 -52.25 -17.76 -20.63
CA GLU B 48 -53.37 -18.37 -19.92
C GLU B 48 -52.91 -18.94 -18.58
N LEU B 49 -51.72 -19.53 -18.55
CA LEU B 49 -51.21 -20.12 -17.33
C LEU B 49 -50.84 -19.04 -16.31
N GLN B 50 -50.18 -17.96 -16.77
CA GLN B 50 -49.84 -16.88 -15.87
C GLN B 50 -51.07 -16.21 -15.28
N THR B 51 -52.11 -16.04 -16.08
CA THR B 51 -53.36 -15.48 -15.57
C THR B 51 -53.94 -16.36 -14.47
N ALA B 52 -53.82 -17.69 -14.63
CA ALA B 52 -54.35 -18.60 -13.62
C ALA B 52 -53.58 -18.49 -12.31
N VAL B 53 -52.27 -18.30 -12.39
CA VAL B 53 -51.44 -18.15 -11.19
C VAL B 53 -51.71 -16.81 -10.53
N ARG B 54 -51.81 -15.73 -11.32
CA ARG B 54 -52.10 -14.42 -10.74
C ARG B 54 -53.44 -14.42 -10.03
N GLU B 55 -54.46 -15.02 -10.63
CA GLU B 55 -55.76 -15.09 -9.98
C GLU B 55 -55.69 -15.92 -8.69
N GLU B 56 -54.86 -16.95 -8.66
CA GLU B 56 -54.69 -17.73 -7.43
C GLU B 56 -54.04 -16.90 -6.34
N CYS B 57 -53.02 -16.10 -6.70
CA CYS B 57 -52.27 -15.37 -5.70
C CYS B 57 -53.08 -14.20 -5.14
N ASP B 58 -53.88 -13.54 -5.98
CA ASP B 58 -54.72 -12.46 -5.47
C ASP B 58 -55.79 -12.99 -4.53
N LEU B 59 -56.18 -14.25 -4.69
CA LEU B 59 -57.10 -14.87 -3.75
C LEU B 59 -56.42 -15.16 -2.42
N LEU B 60 -55.23 -15.76 -2.47
CA LEU B 60 -54.48 -16.04 -1.25
C LEU B 60 -54.12 -14.76 -0.51
N ILE B 61 -53.82 -13.70 -1.26
CA ILE B 61 -53.53 -12.41 -0.63
C ILE B 61 -54.76 -11.90 0.11
N GLU B 62 -55.92 -11.93 -0.56
CA GLU B 62 -57.14 -11.44 0.07
C GLU B 62 -57.43 -12.17 1.37
N GLN B 63 -57.09 -13.45 1.45
CA GLN B 63 -57.46 -14.29 2.59
C GLN B 63 -56.39 -14.40 3.67
N HIS B 64 -55.10 -14.30 3.31
CA HIS B 64 -54.04 -14.63 4.26
C HIS B 64 -52.91 -13.62 4.29
N LYS B 65 -53.13 -12.40 3.81
CA LYS B 65 -52.08 -11.39 3.85
C LYS B 65 -51.79 -11.02 5.31
N GLU B 66 -50.51 -10.79 5.59
CA GLU B 66 -50.08 -10.42 6.93
C GLU B 66 -49.00 -9.36 6.80
N ARG B 67 -49.26 -8.18 7.35
CA ARG B 67 -48.35 -7.06 7.19
C ARG B 67 -47.06 -7.31 7.96
N ARG B 68 -45.93 -7.05 7.32
CA ARG B 68 -44.62 -7.11 7.94
C ARG B 68 -44.02 -5.72 7.96
N ASN B 69 -43.44 -5.34 9.10
CA ASN B 69 -42.79 -4.03 9.21
C ASN B 69 -41.66 -4.21 10.23
N LEU B 70 -40.54 -4.73 9.75
CA LEU B 70 -39.45 -5.10 10.64
C LEU B 70 -38.12 -4.87 9.95
N LEU B 71 -37.04 -4.99 10.73
CA LEU B 71 -35.67 -5.03 10.25
C LEU B 71 -35.08 -6.38 10.58
N LEU B 72 -34.21 -6.89 9.71
CA LEU B 72 -33.62 -8.21 9.88
C LEU B 72 -32.16 -8.08 10.26
N SER B 73 -31.82 -8.52 11.47
CA SER B 73 -30.46 -8.36 11.97
C SER B 73 -29.45 -9.18 11.18
N THR B 74 -29.84 -10.36 10.72
CA THR B 74 -28.92 -11.21 9.95
C THR B 74 -28.62 -10.65 8.57
N THR B 75 -29.28 -9.58 8.15
CA THR B 75 -28.95 -8.86 6.92
C THR B 75 -28.79 -7.38 7.22
N GLY B 76 -27.99 -7.06 8.23
CA GLY B 76 -27.64 -5.68 8.51
C GLY B 76 -28.80 -4.77 8.84
N ASN B 77 -29.85 -5.31 9.47
CA ASN B 77 -31.02 -4.54 9.89
C ASN B 77 -31.72 -3.87 8.70
N THR B 78 -31.61 -4.46 7.52
CA THR B 78 -32.35 -3.95 6.38
C THR B 78 -33.84 -4.25 6.56
N PRO B 79 -34.71 -3.35 6.10
CA PRO B 79 -36.13 -3.49 6.41
C PRO B 79 -36.83 -4.55 5.57
N ARG B 80 -37.87 -5.13 6.17
CA ARG B 80 -38.89 -5.91 5.48
C ARG B 80 -40.20 -5.17 5.73
N ARG B 81 -40.66 -4.42 4.74
CA ARG B 81 -41.83 -3.56 4.87
C ARG B 81 -42.76 -3.96 3.74
N MET B 82 -43.68 -4.87 4.04
CA MET B 82 -44.54 -5.49 3.04
C MET B 82 -45.63 -6.29 3.74
N SER B 83 -46.50 -6.91 2.96
CA SER B 83 -47.37 -7.97 3.43
C SER B 83 -47.01 -9.26 2.73
N VAL B 84 -47.17 -10.37 3.42
CA VAL B 84 -46.74 -11.67 2.92
C VAL B 84 -47.89 -12.67 3.01
N VAL B 85 -47.73 -13.77 2.28
CA VAL B 85 -48.56 -14.97 2.43
C VAL B 85 -47.60 -16.13 2.64
N LYS B 86 -47.78 -16.86 3.73
CA LYS B 86 -46.84 -17.89 4.14
C LYS B 86 -46.85 -19.07 3.17
N SER B 87 -45.77 -19.86 3.20
CA SER B 87 -45.64 -20.99 2.28
C SER B 87 -46.72 -22.03 2.51
N GLU B 88 -47.07 -22.28 3.77
CA GLU B 88 -48.05 -23.32 4.08
C GLU B 88 -49.42 -22.99 3.50
N GLU B 89 -49.76 -21.70 3.39
CA GLU B 89 -51.01 -21.32 2.76
C GLU B 89 -50.95 -21.41 1.25
N ILE B 90 -49.79 -21.12 0.67
CA ILE B 90 -49.66 -21.18 -0.79
C ILE B 90 -49.62 -22.62 -1.28
N GLU B 91 -49.04 -23.53 -0.49
CA GLU B 91 -48.96 -24.93 -0.89
C GLU B 91 -50.33 -25.56 -1.03
N LYS B 92 -51.35 -25.00 -0.37
CA LYS B 92 -52.71 -25.50 -0.50
C LYS B 92 -53.26 -25.31 -1.91
N SER B 93 -52.63 -24.45 -2.72
CA SER B 93 -53.01 -24.28 -4.11
C SER B 93 -52.43 -25.43 -4.93
N GLU B 94 -53.30 -26.28 -5.48
CA GLU B 94 -52.84 -27.41 -6.29
C GLU B 94 -52.09 -26.94 -7.53
N LEU B 95 -52.48 -25.79 -8.10
CA LEU B 95 -51.82 -25.31 -9.31
C LEU B 95 -50.38 -24.92 -9.04
N ILE B 96 -50.16 -24.04 -8.07
CA ILE B 96 -48.82 -23.52 -7.82
C ILE B 96 -47.90 -24.62 -7.30
N SER B 97 -48.38 -25.46 -6.38
CA SER B 97 -47.52 -26.50 -5.82
C SER B 97 -47.13 -27.53 -6.86
N THR B 98 -48.06 -27.90 -7.75
CA THR B 98 -47.71 -28.87 -8.79
C THR B 98 -46.86 -28.25 -9.88
N LEU B 99 -47.05 -26.97 -10.16
CA LEU B 99 -46.19 -26.29 -11.13
C LEU B 99 -44.78 -26.09 -10.57
N SER B 100 -44.65 -25.86 -9.26
CA SER B 100 -43.35 -25.67 -8.65
C SER B 100 -42.52 -26.95 -8.60
N ARG B 101 -43.15 -28.11 -8.74
CA ARG B 101 -42.43 -29.38 -8.81
C ARG B 101 -42.51 -29.99 -10.21
N SER B 102 -42.90 -29.20 -11.21
CA SER B 102 -43.07 -29.72 -12.56
C SER B 102 -41.75 -30.20 -13.14
N GLU B 103 -41.75 -31.43 -13.66
CA GLU B 103 -40.56 -31.97 -14.30
C GLU B 103 -40.22 -31.25 -15.59
N VAL B 104 -41.19 -30.59 -16.22
CA VAL B 104 -40.92 -29.83 -17.43
C VAL B 104 -40.30 -28.48 -17.10
N LEU B 105 -40.90 -27.77 -16.14
CA LEU B 105 -40.38 -26.46 -15.78
C LEU B 105 -39.00 -26.56 -15.14
N LEU B 106 -38.85 -27.44 -14.14
CA LEU B 106 -37.56 -27.59 -13.47
C LEU B 106 -36.49 -28.10 -14.43
N GLY B 107 -36.85 -29.03 -15.31
CA GLY B 107 -35.90 -29.52 -16.28
C GLY B 107 -35.42 -28.43 -17.24
N PHE B 108 -36.33 -27.53 -17.63
CA PHE B 108 -35.95 -26.48 -18.56
C PHE B 108 -35.00 -25.48 -17.93
N LEU B 109 -35.33 -25.01 -16.73
CA LEU B 109 -34.46 -24.08 -16.03
C LEU B 109 -33.16 -24.72 -15.59
N ALA B 110 -33.10 -26.06 -15.55
CA ALA B 110 -31.85 -26.76 -15.25
C ALA B 110 -30.79 -26.54 -16.32
N GLY B 111 -31.19 -26.18 -17.54
CA GLY B 111 -30.22 -25.81 -18.56
C GLY B 111 -29.68 -24.42 -18.41
N ILE B 112 -30.38 -23.56 -17.67
CA ILE B 112 -29.87 -22.22 -17.37
C ILE B 112 -29.00 -22.24 -16.12
N THR B 113 -29.44 -22.94 -15.07
CA THR B 113 -28.63 -23.09 -13.87
C THR B 113 -27.43 -24.00 -14.11
N ARG B 114 -27.48 -24.83 -15.14
CA ARG B 114 -26.48 -25.83 -15.45
C ARG B 114 -26.26 -26.82 -14.31
N GLU B 115 -27.24 -26.94 -13.42
CA GLU B 115 -27.21 -27.94 -12.36
C GLU B 115 -28.64 -28.30 -11.97
N GLU B 116 -28.78 -29.46 -11.35
CA GLU B 116 -30.10 -29.96 -11.00
C GLU B 116 -30.80 -29.02 -10.04
N ILE B 117 -32.09 -28.81 -10.29
CA ILE B 117 -32.93 -27.98 -9.44
C ILE B 117 -33.76 -28.91 -8.56
N ILE B 118 -33.46 -28.93 -7.28
CA ILE B 118 -34.06 -29.90 -6.34
C ILE B 118 -35.16 -29.19 -5.58
N PRO B 119 -36.42 -29.66 -5.62
CA PRO B 119 -37.49 -29.08 -4.83
C PRO B 119 -37.57 -29.61 -3.40
N GLU B 120 -36.42 -29.73 -2.74
CA GLU B 120 -36.33 -30.21 -1.38
C GLU B 120 -35.87 -29.05 -0.51
N VAL B 121 -36.80 -28.15 -0.19
CA VAL B 121 -36.51 -27.00 0.66
C VAL B 121 -37.43 -27.04 1.86
N SER B 122 -37.13 -26.17 2.83
CA SER B 122 -37.89 -26.11 4.07
C SER B 122 -39.36 -25.80 3.80
N SER B 123 -40.24 -26.46 4.55
CA SER B 123 -41.68 -26.36 4.32
C SER B 123 -42.22 -24.96 4.52
N ASP B 124 -41.49 -24.08 5.21
CA ASP B 124 -41.92 -22.71 5.41
C ASP B 124 -41.30 -21.73 4.41
N GLU B 125 -40.52 -22.24 3.45
CA GLU B 125 -39.85 -21.41 2.47
C GLU B 125 -40.04 -21.91 1.04
N ARG B 126 -40.91 -22.91 0.83
CA ARG B 126 -41.15 -23.41 -0.52
C ARG B 126 -41.75 -22.33 -1.41
N TYR B 127 -42.65 -21.53 -0.87
CA TYR B 127 -43.31 -20.47 -1.62
C TYR B 127 -43.44 -19.24 -0.74
N LEU B 128 -43.53 -18.09 -1.39
CA LEU B 128 -43.74 -16.83 -0.67
C LEU B 128 -44.35 -15.84 -1.63
N ILE B 129 -45.38 -15.14 -1.18
CA ILE B 129 -45.95 -14.01 -1.89
C ILE B 129 -45.64 -12.76 -1.09
N THR B 130 -45.13 -11.74 -1.76
CA THR B 130 -44.96 -10.43 -1.15
C THR B 130 -45.85 -9.44 -1.85
N HIS B 131 -46.42 -8.52 -1.07
CA HIS B 131 -47.44 -7.61 -1.56
C HIS B 131 -47.15 -6.23 -0.96
N GLN B 132 -46.40 -5.42 -1.71
CA GLN B 132 -46.06 -4.08 -1.28
C GLN B 132 -47.07 -3.10 -1.85
N GLU B 133 -47.48 -2.13 -1.04
CA GLU B 133 -48.57 -1.27 -1.47
C GLU B 133 -48.48 0.15 -0.94
N PHE B 134 -47.52 0.41 -0.06
CA PHE B 134 -47.38 1.73 0.54
C PHE B 134 -46.04 2.34 0.16
N LYS B 135 -46.00 3.67 0.22
CA LYS B 135 -44.73 4.36 0.06
C LYS B 135 -43.72 3.83 1.06
N SER B 136 -42.49 3.62 0.58
CA SER B 136 -41.35 3.15 1.34
C SER B 136 -41.40 1.65 1.63
N ASP B 137 -42.44 0.95 1.19
CA ASP B 137 -42.43 -0.51 1.26
C ASP B 137 -41.28 -1.05 0.42
N THR B 138 -40.60 -2.07 0.96
CA THR B 138 -39.39 -2.58 0.33
C THR B 138 -39.06 -3.95 0.90
N HIS B 139 -38.34 -4.72 0.10
CA HIS B 139 -37.73 -5.97 0.52
C HIS B 139 -36.24 -5.69 0.59
N GLY B 140 -35.75 -5.38 1.78
CA GLY B 140 -34.39 -4.87 1.94
C GLY B 140 -33.34 -5.83 1.44
N TRP B 141 -32.11 -5.30 1.36
CA TRP B 141 -30.98 -6.10 0.90
C TRP B 141 -30.89 -7.40 1.67
N HIS B 142 -30.65 -8.50 0.95
CA HIS B 142 -30.58 -9.80 1.60
C HIS B 142 -30.01 -10.83 0.63
N TRP B 143 -29.71 -12.00 1.18
CA TRP B 143 -29.46 -13.22 0.41
C TRP B 143 -30.51 -14.25 0.77
N GLY B 144 -30.51 -15.34 0.02
CA GLY B 144 -31.42 -16.45 0.26
C GLY B 144 -30.68 -17.62 0.89
N ASP B 145 -31.42 -18.39 1.68
CA ASP B 145 -30.83 -19.59 2.28
C ASP B 145 -30.62 -20.70 1.25
N TYR B 146 -31.41 -20.70 0.18
CA TYR B 146 -31.29 -21.69 -0.89
C TYR B 146 -30.79 -21.01 -2.17
N SER B 147 -30.42 -21.85 -3.15
CA SER B 147 -29.68 -21.34 -4.30
C SER B 147 -30.57 -20.70 -5.36
N PHE B 148 -31.82 -21.13 -5.49
CA PHE B 148 -32.62 -20.79 -6.65
C PHE B 148 -33.97 -20.23 -6.24
N ALA B 149 -34.43 -19.21 -6.96
CA ALA B 149 -35.78 -18.70 -6.78
C ALA B 149 -36.30 -18.24 -8.12
N LEU B 150 -37.49 -18.70 -8.49
CA LEU B 150 -38.20 -18.20 -9.65
C LEU B 150 -39.24 -17.21 -9.17
N ILE B 151 -39.07 -15.95 -9.51
CA ILE B 151 -39.94 -14.88 -9.04
C ILE B 151 -40.91 -14.52 -10.16
N TRP B 152 -42.19 -14.55 -9.86
CA TRP B 152 -43.24 -14.11 -10.78
C TRP B 152 -43.55 -12.65 -10.49
N ALA B 153 -43.17 -11.75 -11.40
CA ALA B 153 -43.50 -10.33 -11.24
C ALA B 153 -44.95 -10.14 -11.68
N LEU B 154 -45.86 -10.52 -10.77
CA LEU B 154 -47.29 -10.54 -11.10
C LEU B 154 -47.83 -9.15 -11.34
N ARG B 155 -47.45 -8.18 -10.50
CA ARG B 155 -47.86 -6.80 -10.68
C ARG B 155 -46.71 -5.89 -10.30
N MET B 156 -46.30 -5.02 -11.22
CA MET B 156 -45.19 -4.10 -11.01
C MET B 156 -45.66 -2.67 -11.24
N PRO B 157 -45.35 -1.75 -10.34
CA PRO B 157 -45.66 -0.33 -10.59
C PRO B 157 -44.78 0.21 -11.70
N PRO B 158 -45.06 1.41 -12.20
CA PRO B 158 -44.13 2.06 -13.13
C PRO B 158 -42.74 2.15 -12.51
N ILE B 159 -41.72 2.05 -13.38
CA ILE B 159 -40.35 2.13 -12.91
C ILE B 159 -40.10 3.43 -12.17
N GLU B 160 -40.77 4.51 -12.58
CA GLU B 160 -40.59 5.79 -11.91
C GLU B 160 -41.10 5.79 -10.48
N HIS B 161 -41.76 4.73 -10.03
CA HIS B 161 -42.28 4.62 -8.67
C HIS B 161 -41.48 3.65 -7.82
N GLY B 162 -40.35 3.16 -8.32
CA GLY B 162 -39.57 2.18 -7.58
C GLY B 162 -40.02 0.77 -7.85
N GLY B 163 -39.53 -0.14 -7.02
CA GLY B 163 -39.86 -1.54 -7.15
C GLY B 163 -38.93 -2.35 -8.02
N MET B 164 -37.87 -1.75 -8.56
CA MET B 164 -36.90 -2.52 -9.31
C MET B 164 -36.14 -3.47 -8.39
N LEU B 165 -35.59 -4.51 -8.98
CA LEU B 165 -34.71 -5.45 -8.28
C LEU B 165 -33.27 -5.02 -8.52
N GLN B 166 -32.58 -4.64 -7.45
CA GLN B 166 -31.16 -4.37 -7.51
C GLN B 166 -30.39 -5.60 -7.06
N ALA B 167 -29.27 -5.87 -7.72
CA ALA B 167 -28.57 -7.12 -7.47
C ALA B 167 -27.06 -6.91 -7.52
N VAL B 168 -26.36 -7.65 -6.67
CA VAL B 168 -24.90 -7.73 -6.70
C VAL B 168 -24.51 -9.19 -6.77
N PRO B 169 -24.19 -9.71 -7.96
CA PRO B 169 -23.87 -11.14 -8.08
C PRO B 169 -22.50 -11.47 -7.51
N HIS B 170 -22.29 -12.76 -7.26
CA HIS B 170 -20.99 -13.30 -6.85
C HIS B 170 -20.59 -12.76 -5.47
N THR B 171 -21.55 -12.80 -4.54
CA THR B 171 -21.33 -12.47 -3.14
C THR B 171 -21.68 -13.69 -2.30
N HIS B 172 -21.77 -13.51 -1.00
CA HIS B 172 -22.12 -14.60 -0.09
C HIS B 172 -22.68 -14.01 1.19
N TRP B 173 -23.45 -14.83 1.90
CA TRP B 173 -24.20 -14.42 3.08
C TRP B 173 -23.49 -14.94 4.33
N ASP B 174 -22.98 -14.04 5.15
CA ASP B 174 -22.47 -14.35 6.48
C ASP B 174 -23.43 -13.69 7.46
N LYS B 175 -24.29 -14.50 8.09
CA LYS B 175 -25.34 -13.95 8.94
C LYS B 175 -24.80 -13.25 10.18
N SER B 176 -23.57 -13.57 10.59
CA SER B 176 -22.94 -12.89 11.72
C SER B 176 -22.26 -11.59 11.33
N ASN B 177 -22.05 -11.38 10.04
CA ASN B 177 -21.37 -10.19 9.54
C ASN B 177 -21.76 -9.99 8.08
N PRO B 178 -22.98 -9.54 7.80
CA PRO B 178 -23.44 -9.48 6.40
C PRO B 178 -22.66 -8.52 5.53
N ARG B 179 -22.18 -7.40 6.08
CA ARG B 179 -21.35 -6.43 5.34
C ARG B 179 -22.07 -5.91 4.10
N ILE B 180 -23.33 -5.53 4.28
CA ILE B 180 -24.16 -5.15 3.14
C ILE B 180 -23.65 -3.85 2.52
N ASN B 181 -23.67 -2.76 3.29
CA ASN B 181 -23.21 -1.48 2.76
C ASN B 181 -21.75 -1.53 2.37
N GLN B 182 -20.95 -2.34 3.08
CA GLN B 182 -19.56 -2.50 2.70
C GLN B 182 -19.43 -3.17 1.33
N THR B 183 -20.28 -4.17 1.07
CA THR B 183 -20.27 -4.84 -0.22
C THR B 183 -20.67 -3.89 -1.34
N LEU B 184 -21.66 -3.04 -1.10
CA LEU B 184 -22.06 -2.06 -2.10
C LEU B 184 -20.91 -1.13 -2.46
N CYS B 185 -20.10 -0.76 -1.47
CA CYS B 185 -18.96 0.10 -1.72
C CYS B 185 -17.89 -0.57 -2.56
N GLU B 186 -17.83 -1.89 -2.55
CA GLU B 186 -16.83 -2.65 -3.30
C GLU B 186 -17.33 -3.17 -4.63
N ARG B 187 -18.64 -3.14 -4.86
CA ARG B 187 -19.24 -3.81 -6.01
C ARG B 187 -20.21 -2.88 -6.72
N GLU B 188 -20.34 -3.07 -8.02
CA GLU B 188 -21.31 -2.34 -8.80
C GLU B 188 -22.70 -2.96 -8.61
N ILE B 189 -23.70 -2.10 -8.47
CA ILE B 189 -25.08 -2.55 -8.32
C ILE B 189 -25.72 -2.61 -9.69
N ASN B 190 -26.36 -3.74 -9.99
CA ASN B 190 -27.12 -3.91 -11.22
C ASN B 190 -28.60 -3.77 -10.88
N THR B 191 -29.26 -2.80 -11.51
CA THR B 191 -30.67 -2.56 -11.29
C THR B 191 -31.47 -3.17 -12.44
N HIS B 192 -32.44 -4.01 -12.09
CA HIS B 192 -33.23 -4.74 -13.07
C HIS B 192 -34.68 -4.29 -12.97
N GLY B 193 -35.13 -3.53 -13.95
CA GLY B 193 -36.53 -3.14 -13.99
C GLY B 193 -37.42 -4.29 -14.40
N LEU B 194 -38.65 -4.28 -13.88
CA LEU B 194 -39.60 -5.35 -14.14
C LEU B 194 -40.94 -4.77 -14.52
N GLU B 195 -41.66 -5.49 -15.38
CA GLU B 195 -43.00 -5.14 -15.78
C GLU B 195 -43.96 -6.28 -15.44
N SER B 196 -45.22 -5.93 -15.21
CA SER B 196 -46.23 -6.93 -14.86
C SER B 196 -46.26 -8.03 -15.90
N GLY B 197 -46.23 -9.26 -15.44
CA GLY B 197 -46.16 -10.42 -16.31
C GLY B 197 -44.78 -10.99 -16.49
N ASP B 198 -43.74 -10.25 -16.11
CA ASP B 198 -42.38 -10.76 -16.22
C ASP B 198 -42.12 -11.84 -15.18
N LEU B 199 -41.19 -12.75 -15.51
CA LEU B 199 -40.67 -13.72 -14.56
C LEU B 199 -39.14 -13.66 -14.60
N TYR B 200 -38.49 -14.02 -13.50
CA TYR B 200 -37.05 -14.06 -13.51
C TYR B 200 -36.54 -15.13 -12.56
N LEU B 201 -35.38 -15.69 -12.93
CA LEU B 201 -34.68 -16.69 -12.14
C LEU B 201 -33.51 -16.01 -11.44
N LEU B 202 -33.37 -16.27 -10.14
CA LEU B 202 -32.39 -15.58 -9.31
C LEU B 202 -31.56 -16.59 -8.54
N ARG B 203 -30.23 -16.47 -8.66
CA ARG B 203 -29.30 -17.24 -7.84
C ARG B 203 -29.22 -16.56 -6.49
N THR B 204 -30.10 -16.98 -5.57
CA THR B 204 -30.41 -16.20 -4.38
C THR B 204 -29.38 -16.36 -3.27
N ASP B 205 -28.52 -17.37 -3.33
CA ASP B 205 -27.54 -17.54 -2.26
C ASP B 205 -26.28 -16.72 -2.51
N THR B 206 -25.90 -16.46 -3.76
CA THR B 206 -24.69 -15.70 -4.07
C THR B 206 -24.99 -14.36 -4.73
N THR B 207 -26.25 -13.94 -4.79
CA THR B 207 -26.62 -12.64 -5.33
C THR B 207 -27.25 -11.82 -4.21
N LEU B 208 -26.54 -10.79 -3.75
CA LEU B 208 -27.13 -9.82 -2.84
C LEU B 208 -28.17 -9.01 -3.60
N HIS B 209 -29.40 -8.96 -3.07
CA HIS B 209 -30.46 -8.30 -3.82
C HIS B 209 -31.47 -7.64 -2.89
N ARG B 210 -32.18 -6.66 -3.44
CA ARG B 210 -33.28 -6.00 -2.76
C ARG B 210 -34.30 -5.57 -3.79
N THR B 211 -35.40 -4.99 -3.34
CA THR B 211 -36.33 -4.29 -4.20
C THR B 211 -36.28 -2.81 -3.83
N VAL B 212 -36.21 -1.94 -4.84
CA VAL B 212 -36.09 -0.51 -4.58
C VAL B 212 -37.36 -0.02 -3.92
N PRO B 213 -37.28 0.78 -2.84
CA PRO B 213 -38.48 1.17 -2.11
C PRO B 213 -39.46 1.93 -2.98
N LEU B 214 -40.75 1.68 -2.75
CA LEU B 214 -41.79 2.38 -3.49
C LEU B 214 -41.76 3.86 -3.14
N SER B 215 -41.66 4.71 -4.16
CA SER B 215 -41.62 6.15 -3.91
C SER B 215 -42.99 6.72 -3.59
N GLU B 216 -44.05 5.92 -3.72
CA GLU B 216 -45.39 6.35 -3.36
C GLU B 216 -46.24 5.09 -3.19
N ASP B 217 -47.50 5.28 -2.83
CA ASP B 217 -48.43 4.18 -2.72
C ASP B 217 -48.70 3.60 -4.11
N SER B 218 -48.22 2.38 -4.35
CA SER B 218 -48.51 1.63 -5.56
C SER B 218 -48.92 0.21 -5.18
N THR B 219 -48.73 -0.74 -6.10
CA THR B 219 -48.91 -2.14 -5.75
C THR B 219 -47.86 -2.97 -6.48
N ARG B 220 -47.17 -3.82 -5.72
CA ARG B 220 -46.12 -4.67 -6.24
C ARG B 220 -46.32 -6.05 -5.64
N THR B 221 -46.59 -7.03 -6.50
CA THR B 221 -47.00 -8.36 -6.06
C THR B 221 -46.15 -9.40 -6.79
N ILE B 222 -45.47 -10.25 -6.02
CA ILE B 222 -44.65 -11.31 -6.60
C ILE B 222 -45.01 -12.64 -5.95
N LEU B 223 -44.70 -13.71 -6.66
CA LEU B 223 -44.71 -15.06 -6.13
C LEU B 223 -43.30 -15.62 -6.19
N ASN B 224 -42.85 -16.20 -5.09
CA ASN B 224 -41.51 -16.75 -4.98
C ASN B 224 -41.63 -18.27 -4.94
N MET B 225 -40.98 -18.93 -5.90
CA MET B 225 -40.79 -20.39 -5.90
C MET B 225 -39.32 -20.66 -5.61
N THR B 226 -39.03 -21.18 -4.43
CA THR B 226 -37.66 -21.43 -4.00
C THR B 226 -37.33 -22.91 -4.16
N TRP B 227 -36.19 -23.20 -4.78
CA TRP B 227 -35.67 -24.55 -4.88
C TRP B 227 -34.22 -24.57 -4.42
N ALA B 228 -33.72 -25.78 -4.21
CA ALA B 228 -32.37 -26.01 -3.74
C ALA B 228 -31.50 -26.59 -4.84
N ALA B 229 -30.20 -26.41 -4.69
CA ALA B 229 -29.20 -27.16 -5.44
C ALA B 229 -28.66 -28.27 -4.55
N LYS B 230 -27.75 -29.08 -5.10
CA LYS B 230 -27.16 -30.15 -4.31
C LYS B 230 -26.46 -29.63 -3.05
N ARG B 231 -26.05 -28.36 -3.07
CA ARG B 231 -25.31 -27.78 -1.93
C ARG B 231 -26.24 -27.40 -0.77
N ASP B 232 -27.54 -27.26 -1.02
CA ASP B 232 -28.49 -26.77 0.02
C ASP B 232 -29.16 -27.92 0.77
N LEU B 233 -28.80 -29.17 0.49
CA LEU B 233 -29.46 -30.35 1.08
C LEU B 233 -28.71 -30.82 2.35
N LYS B 235 -29.16 -29.10 3.81
CA LYS B 235 -28.31 -28.90 5.00
C LYS B 235 -29.16 -28.42 6.18
N ASP B 236 -28.65 -27.45 6.92
CA ASP B 236 -29.34 -27.03 8.17
C ASP B 236 -29.47 -25.51 8.18
N LEU B 237 -30.67 -25.05 8.48
CA LEU B 237 -30.94 -23.61 8.45
C LEU B 237 -30.41 -22.95 9.72
N VAL B 238 -30.04 -21.70 9.58
CA VAL B 238 -29.47 -20.97 10.70
C VAL B 238 -29.92 -19.51 10.65
N GLY B 239 -29.84 -18.86 11.81
CA GLY B 239 -29.98 -17.41 11.91
C GLY B 239 -31.12 -16.94 12.80
N ASN B 240 -32.16 -17.78 12.96
CA ASN B 240 -33.40 -17.38 13.62
C ASN B 240 -33.98 -16.11 13.00
N ASP B 241 -34.01 -16.10 11.66
CA ASP B 241 -34.39 -14.91 10.91
C ASP B 241 -35.53 -15.17 9.94
N ARG B 242 -36.22 -16.31 10.05
CA ARG B 242 -37.30 -16.66 9.13
C ARG B 242 -38.49 -15.74 9.36
N TRP B 243 -38.30 -14.46 9.05
CA TRP B 243 -39.23 -13.41 9.46
C TRP B 243 -40.57 -13.53 8.74
N TRP B 244 -40.57 -14.05 7.51
CA TRP B 244 -41.81 -14.16 6.76
C TRP B 244 -42.78 -15.14 7.42
N GLU B 245 -42.25 -16.24 7.96
CA GLU B 245 -43.09 -17.21 8.64
C GLU B 245 -43.41 -16.77 10.07
N ASN B 246 -42.44 -16.14 10.73
CA ASN B 246 -42.56 -15.77 12.13
C ASN B 246 -42.21 -14.29 12.26
N PRO B 247 -43.20 -13.42 12.42
CA PRO B 247 -42.89 -11.99 12.56
C PRO B 247 -42.12 -11.67 13.81
N GLU B 248 -42.17 -12.53 14.82
CA GLU B 248 -41.43 -12.35 16.06
C GLU B 248 -40.19 -13.23 16.12
N ALA B 249 -39.62 -13.58 14.96
CA ALA B 249 -38.35 -14.27 14.95
C ALA B 249 -37.31 -13.43 15.69
N GLU B 250 -36.30 -14.11 16.24
CA GLU B 250 -35.31 -13.42 17.08
C GLU B 250 -34.63 -12.29 16.31
N ALA B 251 -34.31 -12.51 15.04
CA ALA B 251 -33.58 -11.52 14.27
C ALA B 251 -34.43 -10.34 13.82
N ALA B 252 -35.72 -10.41 14.09
CA ALA B 252 -36.65 -9.34 13.62
C ALA B 252 -36.78 -8.23 14.64
N ARG B 253 -36.62 -6.98 14.21
CA ARG B 253 -36.68 -5.82 15.11
C ARG B 253 -37.76 -4.85 14.61
N ALA B 254 -38.23 -3.94 15.47
CA ALA B 254 -39.31 -3.00 15.10
C ALA B 254 -38.77 -1.89 14.20
N ASN C 2 -26.74 -5.71 20.20
CA ASN C 2 -26.02 -5.76 21.47
C ASN C 2 -25.90 -7.19 21.98
N VAL C 3 -25.63 -7.32 23.29
CA VAL C 3 -25.46 -8.62 23.95
C VAL C 3 -24.27 -9.36 23.34
N GLU C 4 -24.34 -10.69 23.31
CA GLU C 4 -23.27 -11.52 22.76
C GLU C 4 -23.17 -11.44 21.24
N GLN C 5 -24.07 -10.73 20.57
CA GLN C 5 -23.91 -10.48 19.15
C GLN C 5 -22.70 -9.59 18.87
N ILE C 6 -22.26 -8.81 19.87
CA ILE C 6 -21.05 -8.01 19.69
C ILE C 6 -19.83 -8.91 19.53
N ASP C 7 -19.75 -9.97 20.33
CA ASP C 7 -18.61 -10.88 20.24
C ASP C 7 -18.63 -11.65 18.93
N GLU C 8 -19.79 -12.17 18.53
CA GLU C 8 -19.88 -12.95 17.30
C GLU C 8 -19.51 -12.10 16.10
N ASN C 9 -19.93 -10.83 16.08
CA ASN C 9 -19.60 -9.94 14.97
C ASN C 9 -18.13 -9.56 14.99
N LEU C 10 -17.61 -9.21 16.17
CA LEU C 10 -16.21 -8.85 16.27
C LEU C 10 -15.29 -9.99 15.84
N ALA C 11 -15.69 -11.23 16.13
CA ALA C 11 -14.88 -12.37 15.70
C ALA C 11 -14.78 -12.43 14.17
N LYS C 12 -15.91 -12.23 13.48
CA LYS C 12 -15.88 -12.19 12.03
C LYS C 12 -15.11 -10.98 11.52
N PHE C 13 -15.32 -9.83 12.16
CA PHE C 13 -14.60 -8.61 11.77
C PHE C 13 -13.10 -8.82 11.79
N LEU C 14 -12.59 -9.50 12.82
CA LEU C 14 -11.16 -9.75 12.89
C LEU C 14 -10.72 -10.81 11.90
N ALA C 15 -11.56 -11.84 11.70
CA ALA C 15 -11.23 -12.90 10.75
C ALA C 15 -11.28 -12.43 9.31
N GLU C 16 -11.97 -11.32 9.03
CA GLU C 16 -11.92 -10.71 7.71
C GLU C 16 -10.58 -10.03 7.43
N ARG C 17 -9.84 -9.66 8.47
CA ARG C 17 -8.68 -8.79 8.29
C ARG C 17 -7.35 -9.39 8.72
N TYR C 18 -7.35 -10.34 9.66
CA TYR C 18 -6.11 -10.79 10.25
C TYR C 18 -5.94 -12.29 10.11
N THR C 19 -4.69 -12.72 10.06
CA THR C 19 -4.25 -14.11 10.03
C THR C 19 -3.21 -14.29 11.13
N PRO C 20 -2.97 -15.53 11.57
CA PRO C 20 -1.89 -15.76 12.52
C PRO C 20 -0.55 -15.18 12.06
N GLU C 21 -0.28 -15.21 10.76
CA GLU C 21 0.97 -14.68 10.24
C GLU C 21 1.06 -13.17 10.44
N SER C 22 -0.02 -12.45 10.11
CA SER C 22 0.03 -11.00 10.23
C SER C 22 -0.03 -10.54 11.68
N VAL C 23 -0.65 -11.33 12.56
CA VAL C 23 -0.65 -11.00 13.98
C VAL C 23 0.74 -11.23 14.57
N ALA C 24 1.45 -12.26 14.11
CA ALA C 24 2.81 -12.48 14.56
C ALA C 24 3.71 -11.30 14.20
N GLN C 25 3.47 -10.69 13.05
CA GLN C 25 4.21 -9.49 12.67
C GLN C 25 3.86 -8.33 13.58
N LEU C 26 2.58 -8.20 13.95
CA LEU C 26 2.20 -7.18 14.91
C LEU C 26 2.83 -7.45 16.27
N ALA C 27 3.01 -8.72 16.64
CA ALA C 27 3.63 -9.03 17.92
C ALA C 27 5.09 -8.59 17.94
N ASP C 28 5.80 -8.78 16.81
CA ASP C 28 7.18 -8.32 16.73
C ASP C 28 7.27 -6.81 16.92
N ARG C 29 6.39 -6.05 16.26
CA ARG C 29 6.40 -4.60 16.41
C ARG C 29 6.02 -4.18 17.82
N PHE C 30 5.09 -4.89 18.46
CA PHE C 30 4.69 -4.56 19.82
C PHE C 30 5.87 -4.75 20.77
N HIS C 31 6.63 -5.83 20.62
CA HIS C 31 7.78 -6.04 21.49
C HIS C 31 8.89 -5.05 21.18
N ARG C 32 9.01 -4.63 19.93
CA ARG C 32 10.09 -3.73 19.54
C ARG C 32 9.85 -2.31 20.02
N PHE C 33 8.62 -1.81 19.90
CA PHE C 33 8.32 -0.43 20.25
C PHE C 33 7.49 -0.29 21.51
N GLY C 34 7.04 -1.39 22.12
CA GLY C 34 6.08 -1.28 23.20
C GLY C 34 4.75 -0.72 22.78
N PHE C 35 4.48 -0.72 21.48
CA PHE C 35 3.39 0.08 20.92
C PHE C 35 2.99 -0.53 19.57
N VAL C 36 1.70 -0.73 19.38
CA VAL C 36 1.13 -1.15 18.11
C VAL C 36 -0.11 -0.31 17.87
N LYS C 37 -0.21 0.28 16.69
CA LYS C 37 -1.30 1.19 16.36
C LYS C 37 -2.27 0.53 15.39
N PHE C 38 -3.56 0.66 15.68
CA PHE C 38 -4.64 0.18 14.82
C PHE C 38 -5.31 1.40 14.19
N ASP C 39 -4.96 1.67 12.94
CA ASP C 39 -5.42 2.83 12.19
C ASP C 39 -6.24 2.34 10.99
N ALA C 40 -6.45 3.23 10.02
CA ALA C 40 -7.29 2.88 8.88
C ALA C 40 -6.73 1.70 8.10
N ALA C 41 -5.40 1.50 8.15
CA ALA C 41 -4.74 0.39 7.47
C ALA C 41 -4.84 -0.92 8.25
N ASN C 42 -5.42 -0.89 9.44
CA ASN C 42 -5.54 -2.10 10.26
C ASN C 42 -6.49 -1.84 11.42
N ARG C 43 -7.78 -1.89 11.16
CA ARG C 43 -8.79 -1.61 12.18
C ARG C 43 -8.85 -2.73 13.21
N LEU C 44 -9.29 -2.37 14.42
CA LEU C 44 -9.47 -3.34 15.50
C LEU C 44 -10.94 -3.60 15.81
N VAL C 45 -11.78 -2.58 15.76
CA VAL C 45 -13.21 -2.73 16.03
C VAL C 45 -14.00 -2.12 14.87
N PRO C 46 -15.23 -2.57 14.62
CA PRO C 46 -16.05 -1.95 13.58
C PRO C 46 -16.31 -0.48 13.90
N ASP C 47 -16.46 0.32 12.84
CA ASP C 47 -16.68 1.74 13.03
C ASP C 47 -17.96 2.03 13.79
N GLU C 48 -18.98 1.15 13.66
CA GLU C 48 -20.20 1.33 14.42
C GLU C 48 -19.98 1.01 15.89
N LEU C 49 -19.05 0.11 16.20
CA LEU C 49 -18.74 -0.20 17.59
C LEU C 49 -17.99 0.96 18.24
N GLN C 50 -16.95 1.47 17.59
CA GLN C 50 -16.23 2.61 18.14
C GLN C 50 -17.14 3.82 18.28
N THR C 51 -18.03 4.03 17.32
CA THR C 51 -19.01 5.11 17.42
C THR C 51 -19.79 5.02 18.71
N ALA C 52 -20.28 3.83 19.04
CA ALA C 52 -21.01 3.64 20.30
C ALA C 52 -20.13 3.89 21.50
N VAL C 53 -18.85 3.48 21.44
CA VAL C 53 -17.95 3.71 22.56
C VAL C 53 -17.67 5.20 22.72
N ARG C 54 -17.47 5.91 21.62
CA ARG C 54 -17.21 7.34 21.71
C ARG C 54 -18.41 8.09 22.30
N GLU C 55 -19.63 7.63 21.99
CA GLU C 55 -20.82 8.30 22.48
C GLU C 55 -21.01 8.10 23.97
N GLU C 56 -20.56 6.96 24.51
CA GLU C 56 -20.58 6.76 25.96
C GLU C 56 -19.54 7.64 26.65
N CYS C 57 -18.37 7.80 26.05
CA CYS C 57 -17.33 8.60 26.69
C CYS C 57 -17.69 10.07 26.72
N ASP C 58 -18.23 10.60 25.62
CA ASP C 58 -18.66 11.98 25.60
C ASP C 58 -19.69 12.26 26.70
N LEU C 59 -20.62 11.32 26.90
CA LEU C 59 -21.62 11.48 27.95
C LEU C 59 -20.95 11.48 29.32
N LEU C 60 -20.03 10.54 29.55
CA LEU C 60 -19.34 10.47 30.83
C LEU C 60 -18.49 11.72 31.09
N ILE C 61 -17.97 12.33 30.04
CA ILE C 61 -17.19 13.55 30.20
C ILE C 61 -18.08 14.70 30.64
N GLU C 62 -19.22 14.86 29.97
CA GLU C 62 -20.11 15.99 30.26
C GLU C 62 -20.62 15.94 31.70
N GLN C 63 -20.71 14.75 32.28
CA GLN C 63 -21.27 14.57 33.62
C GLN C 63 -20.22 14.51 34.73
N HIS C 64 -19.05 13.90 34.46
CA HIS C 64 -18.14 13.53 35.53
C HIS C 64 -16.72 14.04 35.31
N LYS C 65 -16.52 14.99 34.40
CA LYS C 65 -15.19 15.52 34.16
C LYS C 65 -14.63 16.17 35.42
N GLU C 66 -13.38 15.81 35.74
CA GLU C 66 -12.66 16.38 36.86
C GLU C 66 -11.35 16.92 36.33
N ARG C 67 -11.14 18.23 36.46
CA ARG C 67 -9.92 18.84 35.97
C ARG C 67 -8.77 18.53 36.92
N ARG C 68 -7.64 18.13 36.37
CA ARG C 68 -6.43 17.86 37.12
C ARG C 68 -5.33 18.79 36.65
N ASN C 69 -4.59 19.35 37.60
CA ASN C 69 -3.45 20.20 37.27
C ASN C 69 -2.45 20.02 38.40
N LEU C 70 -1.48 19.13 38.21
CA LEU C 70 -0.59 18.74 39.29
C LEU C 70 0.70 18.19 38.68
N LEU C 71 1.64 17.89 39.58
CA LEU C 71 2.90 17.23 39.23
C LEU C 71 3.03 15.95 40.05
N LEU C 72 3.43 14.87 39.40
CA LEU C 72 3.50 13.56 40.04
C LEU C 72 4.93 13.28 40.48
N SER C 73 5.13 13.19 41.80
CA SER C 73 6.47 13.02 42.33
C SER C 73 7.08 11.67 41.92
N THR C 74 6.25 10.63 41.78
CA THR C 74 6.79 9.32 41.42
C THR C 74 7.23 9.24 39.97
N THR C 75 6.99 10.27 39.17
CA THR C 75 7.43 10.31 37.78
C THR C 75 8.18 11.62 37.52
N GLY C 76 9.20 11.88 38.34
CA GLY C 76 10.06 13.03 38.11
C GLY C 76 9.35 14.36 38.15
N ASN C 77 8.23 14.44 38.86
CA ASN C 77 7.42 15.67 38.96
C ASN C 77 6.89 16.11 37.60
N THR C 78 6.60 15.14 36.74
CA THR C 78 6.03 15.47 35.44
C THR C 78 4.56 15.86 35.59
N PRO C 79 4.07 16.75 34.74
CA PRO C 79 2.74 17.32 34.95
C PRO C 79 1.62 16.38 34.53
N ARG C 80 0.45 16.60 35.15
CA ARG C 80 -0.82 15.99 34.75
C ARG C 80 -1.81 17.14 34.66
N ARG C 81 -1.89 17.75 33.48
CA ARG C 81 -2.79 18.87 33.23
C ARG C 81 -3.81 18.40 32.20
N MET C 82 -5.02 18.12 32.69
CA MET C 82 -6.08 17.51 31.90
C MET C 82 -7.33 17.45 32.76
N SER C 83 -8.41 16.98 32.15
CA SER C 83 -9.60 16.55 32.86
C SER C 83 -9.67 15.03 32.81
N VAL C 84 -10.26 14.43 33.85
CA VAL C 84 -10.36 12.98 33.91
C VAL C 84 -11.78 12.58 34.27
N VAL C 85 -12.08 11.31 34.02
CA VAL C 85 -13.30 10.66 34.49
C VAL C 85 -12.88 9.39 35.22
N LYS C 86 -13.25 9.28 36.50
CA LYS C 86 -12.75 8.21 37.35
C LYS C 86 -13.20 6.84 36.83
N SER C 87 -12.46 5.81 37.26
CA SER C 87 -12.75 4.45 36.80
C SER C 87 -14.11 3.97 37.27
N GLU C 88 -14.49 4.30 38.51
CA GLU C 88 -15.78 3.87 39.04
C GLU C 88 -16.94 4.42 38.23
N GLU C 89 -16.78 5.61 37.66
CA GLU C 89 -17.83 6.17 36.83
C GLU C 89 -17.89 5.50 35.46
N ILE C 90 -16.73 5.24 34.86
CA ILE C 90 -16.70 4.57 33.57
C ILE C 90 -17.19 3.13 33.69
N GLU C 91 -17.02 2.51 34.86
CA GLU C 91 -17.45 1.13 35.05
C GLU C 91 -18.96 0.99 34.93
N LYS C 92 -19.71 2.08 35.09
CA LYS C 92 -21.16 2.06 35.00
C LYS C 92 -21.68 1.94 33.57
N SER C 93 -20.80 1.93 32.57
CA SER C 93 -21.19 1.72 31.19
C SER C 93 -21.09 0.23 30.87
N GLU C 94 -22.24 -0.40 30.64
CA GLU C 94 -22.23 -1.82 30.31
C GLU C 94 -21.46 -2.10 29.03
N LEU C 95 -21.47 -1.16 28.09
CA LEU C 95 -20.74 -1.34 26.84
C LEU C 95 -19.24 -1.39 27.10
N ILE C 96 -18.71 -0.36 27.76
CA ILE C 96 -17.26 -0.27 27.96
C ILE C 96 -16.77 -1.39 28.88
N SER C 97 -17.52 -1.68 29.94
CA SER C 97 -17.09 -2.70 30.90
C SER C 97 -17.11 -4.09 30.29
N THR C 98 -18.16 -4.42 29.54
CA THR C 98 -18.23 -5.75 28.93
C THR C 98 -17.22 -5.89 27.79
N LEU C 99 -17.03 -4.83 27.02
CA LEU C 99 -16.08 -4.89 25.93
C LEU C 99 -14.65 -5.06 26.44
N SER C 100 -14.34 -4.41 27.58
CA SER C 100 -12.99 -4.53 28.15
C SER C 100 -12.70 -5.94 28.63
N ARG C 101 -13.73 -6.75 28.89
CA ARG C 101 -13.58 -8.13 29.32
C ARG C 101 -13.96 -9.11 28.21
N SER C 102 -14.12 -8.63 26.99
CA SER C 102 -14.52 -9.51 25.88
C SER C 102 -13.49 -10.59 25.65
N GLU C 103 -13.95 -11.84 25.65
CA GLU C 103 -13.06 -12.96 25.36
C GLU C 103 -12.46 -12.86 23.96
N VAL C 104 -13.22 -12.28 23.01
CA VAL C 104 -12.73 -12.16 21.64
C VAL C 104 -11.65 -11.09 21.56
N LEU C 105 -11.90 -9.93 22.15
CA LEU C 105 -10.94 -8.84 22.06
C LEU C 105 -9.65 -9.18 22.78
N LEU C 106 -9.75 -9.64 24.03
CA LEU C 106 -8.55 -10.02 24.78
C LEU C 106 -7.82 -11.17 24.11
N GLY C 107 -8.57 -12.14 23.57
CA GLY C 107 -7.94 -13.27 22.93
C GLY C 107 -7.19 -12.90 21.67
N PHE C 108 -7.74 -11.96 20.89
CA PHE C 108 -7.03 -11.48 19.71
C PHE C 108 -5.77 -10.70 20.11
N LEU C 109 -5.90 -9.79 21.07
CA LEU C 109 -4.73 -9.01 21.49
C LEU C 109 -3.68 -9.87 22.16
N ALA C 110 -4.08 -11.02 22.75
CA ALA C 110 -3.11 -11.91 23.36
C ALA C 110 -2.13 -12.46 22.34
N GLY C 111 -2.53 -12.51 21.07
CA GLY C 111 -1.62 -12.88 20.00
C GLY C 111 -0.62 -11.80 19.63
N ILE C 112 -0.85 -10.57 20.07
CA ILE C 112 0.12 -9.49 19.90
C ILE C 112 1.06 -9.40 21.09
N THR C 113 0.49 -9.47 22.31
CA THR C 113 1.30 -9.48 23.52
C THR C 113 2.04 -10.79 23.72
N ARG C 114 1.59 -11.87 23.05
CA ARG C 114 2.15 -13.21 23.19
C ARG C 114 2.06 -13.73 24.62
N GLU C 115 1.17 -13.16 25.44
CA GLU C 115 0.94 -13.66 26.78
C GLU C 115 -0.49 -13.31 27.18
N GLU C 116 -0.97 -13.99 28.22
CA GLU C 116 -2.36 -13.83 28.63
C GLU C 116 -2.63 -12.42 29.12
N ILE C 117 -3.77 -11.87 28.71
CA ILE C 117 -4.23 -10.56 29.13
C ILE C 117 -5.32 -10.77 30.16
N ILE C 118 -5.04 -10.38 31.40
CA ILE C 118 -5.91 -10.65 32.54
C ILE C 118 -6.63 -9.36 32.92
N PRO C 119 -7.96 -9.35 32.94
CA PRO C 119 -8.71 -8.15 33.36
C PRO C 119 -8.94 -8.07 34.87
N GLU C 120 -7.87 -8.22 35.63
CA GLU C 120 -7.92 -8.14 37.09
C GLU C 120 -6.94 -7.07 37.53
N VAL C 121 -7.39 -5.82 37.49
CA VAL C 121 -6.59 -4.70 37.95
C VAL C 121 -7.37 -3.96 39.03
N SER C 122 -6.68 -3.04 39.71
CA SER C 122 -7.30 -2.27 40.77
C SER C 122 -8.53 -1.54 40.25
N SER C 123 -9.59 -1.53 41.07
CA SER C 123 -10.88 -1.00 40.63
C SER C 123 -10.77 0.46 40.22
N ASP C 124 -9.88 1.23 40.84
CA ASP C 124 -9.71 2.62 40.49
C ASP C 124 -8.89 2.83 39.22
N GLU C 125 -8.39 1.74 38.62
CA GLU C 125 -7.56 1.84 37.42
C GLU C 125 -8.02 0.90 36.30
N ARG C 126 -9.26 0.41 36.37
CA ARG C 126 -9.76 -0.42 35.28
C ARG C 126 -9.98 0.40 34.02
N TYR C 127 -10.48 1.62 34.16
CA TYR C 127 -10.73 2.50 33.02
C TYR C 127 -10.36 3.92 33.38
N LEU C 128 -9.92 4.68 32.38
CA LEU C 128 -9.62 6.09 32.54
C LEU C 128 -9.97 6.83 31.27
N ILE C 129 -10.60 7.98 31.41
CA ILE C 129 -10.83 8.92 30.32
C ILE C 129 -10.05 10.18 30.63
N THR C 130 -9.16 10.57 29.72
CA THR C 130 -8.48 11.86 29.83
C THR C 130 -9.01 12.78 28.74
N HIS C 131 -9.09 14.07 29.08
CA HIS C 131 -9.75 15.04 28.22
C HIS C 131 -8.97 16.35 28.35
N GLN C 132 -8.08 16.60 27.39
CA GLN C 132 -7.24 17.79 27.39
C GLN C 132 -7.87 18.82 26.46
N GLU C 133 -7.92 20.08 26.90
CA GLU C 133 -8.65 21.10 26.17
C GLU C 133 -7.82 22.36 25.94
N PHE C 134 -6.92 22.67 26.86
CA PHE C 134 -6.25 23.97 26.84
C PHE C 134 -4.79 23.82 26.45
N LYS C 135 -4.19 24.95 26.07
CA LYS C 135 -2.76 24.98 25.80
C LYS C 135 -1.98 24.49 27.01
N SER C 136 -0.89 23.79 26.75
CA SER C 136 0.02 23.21 27.73
C SER C 136 -0.56 22.03 28.47
N ASP C 137 -1.79 21.61 28.16
CA ASP C 137 -2.32 20.37 28.72
C ASP C 137 -1.49 19.19 28.27
N THR C 138 -1.28 18.23 29.17
CA THR C 138 -0.29 17.18 28.95
C THR C 138 -0.55 16.03 29.91
N HIS C 139 -0.27 14.83 29.44
CA HIS C 139 -0.12 13.66 30.31
C HIS C 139 1.38 13.39 30.37
N GLY C 140 2.02 13.94 31.39
CA GLY C 140 3.48 13.96 31.46
C GLY C 140 4.07 12.57 31.48
N TRP C 141 5.40 12.54 31.28
CA TRP C 141 6.15 11.29 31.17
C TRP C 141 5.83 10.37 32.34
N HIS C 142 5.52 9.11 32.03
CA HIS C 142 5.15 8.17 33.08
C HIS C 142 5.25 6.75 32.55
N TRP C 143 5.14 5.81 33.47
CA TRP C 143 4.90 4.41 33.19
C TRP C 143 3.54 4.04 33.76
N GLY C 144 3.20 2.77 33.59
CA GLY C 144 1.97 2.22 34.15
C GLY C 144 2.29 1.18 35.20
N ASP C 145 1.38 1.04 36.17
CA ASP C 145 1.54 0.01 37.19
C ASP C 145 1.27 -1.39 36.64
N TYR C 146 0.48 -1.49 35.59
CA TYR C 146 0.16 -2.77 34.97
C TYR C 146 0.78 -2.85 33.58
N SER C 147 0.69 -4.03 32.97
CA SER C 147 1.47 -4.31 31.78
C SER C 147 0.85 -3.71 30.52
N PHE C 148 -0.46 -3.81 30.36
CA PHE C 148 -1.11 -3.52 29.10
C PHE C 148 -2.11 -2.39 29.24
N ALA C 149 -2.29 -1.66 28.15
CA ALA C 149 -3.34 -0.64 28.08
C ALA C 149 -3.76 -0.50 26.63
N LEU C 150 -5.06 -0.56 26.39
CA LEU C 150 -5.65 -0.29 25.08
C LEU C 150 -6.21 1.12 25.11
N ILE C 151 -5.61 2.00 24.33
CA ILE C 151 -5.97 3.40 24.30
C ILE C 151 -6.83 3.65 23.07
N TRP C 152 -7.96 4.31 23.28
CA TRP C 152 -8.88 4.68 22.20
C TRP C 152 -8.62 6.14 21.87
N ALA C 153 -7.93 6.39 20.76
CA ALA C 153 -7.71 7.77 20.33
C ALA C 153 -9.01 8.34 19.79
N LEU C 154 -9.96 8.65 20.67
CA LEU C 154 -11.31 9.02 20.23
C LEU C 154 -11.32 10.34 19.49
N ARG C 155 -10.61 11.33 20.01
CA ARG C 155 -10.52 12.66 19.38
C ARG C 155 -9.10 13.16 19.51
N MET C 156 -8.48 13.48 18.38
CA MET C 156 -7.11 13.94 18.32
C MET C 156 -7.05 15.29 17.61
N PRO C 157 -6.34 16.27 18.16
CA PRO C 157 -6.10 17.50 17.42
C PRO C 157 -5.13 17.26 16.28
N PRO C 158 -4.98 18.21 15.36
CA PRO C 158 -3.95 18.07 14.34
C PRO C 158 -2.58 17.93 14.98
N ILE C 159 -1.70 17.17 14.30
CA ILE C 159 -0.36 16.94 14.81
C ILE C 159 0.35 18.27 15.06
N GLU C 160 0.08 19.28 14.25
CA GLU C 160 0.67 20.60 14.46
C GLU C 160 0.27 21.22 15.80
N HIS C 161 -0.78 20.70 16.45
CA HIS C 161 -1.20 21.20 17.76
C HIS C 161 -0.67 20.37 18.90
N GLY C 162 0.19 19.39 18.64
CA GLY C 162 0.67 18.52 19.70
C GLY C 162 -0.28 17.36 19.93
N GLY C 163 -0.11 16.75 21.11
CA GLY C 163 -0.94 15.63 21.49
C GLY C 163 -0.47 14.27 21.02
N MET C 164 0.66 14.20 20.32
CA MET C 164 1.23 12.92 19.95
C MET C 164 1.65 12.15 21.20
N LEU C 165 1.83 10.84 21.03
CA LEU C 165 2.40 10.01 22.08
C LEU C 165 3.89 9.87 21.84
N GLN C 166 4.69 10.25 22.82
CA GLN C 166 6.12 9.98 22.80
C GLN C 166 6.40 8.78 23.70
N ALA C 167 7.24 7.86 23.21
CA ALA C 167 7.44 6.60 23.91
C ALA C 167 8.89 6.17 23.83
N VAL C 168 9.37 5.57 24.91
CA VAL C 168 10.70 4.98 24.97
C VAL C 168 10.56 3.54 25.47
N PRO C 169 10.60 2.56 24.59
CA PRO C 169 10.38 1.17 25.02
C PRO C 169 11.59 0.63 25.76
N HIS C 170 11.39 -0.52 26.40
CA HIS C 170 12.45 -1.26 27.07
C HIS C 170 13.06 -0.44 28.21
N THR C 171 12.18 0.06 29.07
CA THR C 171 12.58 0.77 30.28
C THR C 171 11.84 0.14 31.46
N HIS C 172 11.88 0.77 32.62
CA HIS C 172 11.07 0.30 33.74
C HIS C 172 10.91 1.44 34.74
N TRP C 173 9.92 1.29 35.61
CA TRP C 173 9.49 2.37 36.50
C TRP C 173 10.09 2.14 37.88
N ASP C 174 11.04 2.99 38.25
CA ASP C 174 11.58 3.02 39.60
C ASP C 174 10.95 4.22 40.29
N LYS C 175 9.95 3.98 41.12
CA LYS C 175 9.23 5.07 41.75
C LYS C 175 10.11 5.85 42.71
N SER C 176 11.16 5.24 43.25
CA SER C 176 12.11 5.94 44.11
C SER C 176 13.14 6.73 43.33
N ASN C 177 13.29 6.45 42.03
CA ASN C 177 14.28 7.11 41.20
C ASN C 177 13.86 6.96 39.73
N PRO C 178 12.86 7.72 39.28
CA PRO C 178 12.34 7.51 37.91
C PRO C 178 13.38 7.71 36.83
N ARG C 179 14.26 8.72 36.97
CA ARG C 179 15.32 8.98 36.00
C ARG C 179 14.73 9.23 34.62
N ILE C 180 13.70 10.07 34.56
CA ILE C 180 13.03 10.32 33.29
C ILE C 180 13.94 11.08 32.34
N ASN C 181 14.36 12.29 32.73
CA ASN C 181 15.20 13.11 31.86
C ASN C 181 16.53 12.45 31.57
N GLN C 182 17.01 11.59 32.48
CA GLN C 182 18.24 10.86 32.22
C GLN C 182 18.02 9.75 31.22
N THR C 183 16.87 9.07 31.28
CA THR C 183 16.57 8.04 30.30
C THR C 183 16.47 8.63 28.90
N LEU C 184 15.92 9.84 28.78
CA LEU C 184 15.81 10.47 27.47
C LEU C 184 17.20 10.79 26.90
N CYS C 185 18.12 11.21 27.75
CA CYS C 185 19.49 11.48 27.32
C CYS C 185 20.20 10.21 26.83
N GLU C 186 19.75 9.04 27.26
CA GLU C 186 20.39 7.77 26.91
C GLU C 186 19.65 7.01 25.82
N ARG C 187 18.44 7.43 25.44
CA ARG C 187 17.58 6.66 24.56
C ARG C 187 16.96 7.53 23.49
N GLU C 188 16.62 6.91 22.36
CA GLU C 188 15.86 7.58 21.31
C GLU C 188 14.40 7.70 21.69
N ILE C 189 13.82 8.85 21.44
CA ILE C 189 12.39 9.08 21.68
C ILE C 189 11.62 8.76 20.41
N ASN C 190 10.69 7.81 20.50
CA ASN C 190 9.75 7.54 19.42
C ASN C 190 8.52 8.41 19.61
N THR C 191 8.12 9.11 18.56
CA THR C 191 6.93 9.93 18.58
C THR C 191 5.88 9.30 17.67
N HIS C 192 4.72 9.01 18.23
CA HIS C 192 3.64 8.33 17.52
C HIS C 192 2.48 9.30 17.40
N GLY C 193 2.29 9.85 16.20
CA GLY C 193 1.15 10.69 15.95
C GLY C 193 -0.12 9.89 15.81
N LEU C 194 -1.23 10.46 16.27
CA LEU C 194 -2.51 9.77 16.31
C LEU C 194 -3.57 10.60 15.62
N GLU C 195 -4.49 9.91 14.94
CA GLU C 195 -5.65 10.52 14.32
C GLU C 195 -6.90 10.00 14.99
N SER C 196 -7.91 10.86 15.10
CA SER C 196 -9.17 10.47 15.72
C SER C 196 -9.71 9.19 15.09
N GLY C 197 -10.09 8.25 15.93
CA GLY C 197 -10.51 6.94 15.48
C GLY C 197 -9.45 5.87 15.57
N ASP C 198 -8.20 6.23 15.80
CA ASP C 198 -7.15 5.23 15.97
C ASP C 198 -7.29 4.57 17.34
N LEU C 199 -6.76 3.36 17.44
CA LEU C 199 -6.56 2.69 18.72
C LEU C 199 -5.12 2.19 18.78
N TYR C 200 -4.60 2.02 19.98
CA TYR C 200 -3.25 1.48 20.09
C TYR C 200 -3.08 0.71 21.39
N LEU C 201 -2.25 -0.33 21.32
CA LEU C 201 -1.92 -1.17 22.45
C LEU C 201 -0.55 -0.76 22.97
N LEU C 202 -0.47 -0.47 24.26
CA LEU C 202 0.74 0.05 24.90
C LEU C 202 1.16 -0.90 26.02
N ARG C 203 2.43 -1.33 25.98
CA ARG C 203 3.06 -2.06 27.07
C ARG C 203 3.48 -1.01 28.10
N THR C 204 2.57 -0.70 29.01
CA THR C 204 2.72 0.47 29.87
C THR C 204 3.78 0.31 30.94
N ASP C 205 4.10 -0.92 31.35
CA ASP C 205 5.03 -1.08 32.46
C ASP C 205 6.48 -0.89 32.04
N THR C 206 6.83 -1.23 30.79
CA THR C 206 8.21 -1.10 30.33
C THR C 206 8.38 -0.01 29.26
N THR C 207 7.38 0.83 29.05
CA THR C 207 7.46 1.89 28.06
C THR C 207 7.23 3.22 28.75
N LEU C 208 8.25 4.06 28.77
CA LEU C 208 8.13 5.42 29.26
C LEU C 208 7.41 6.26 28.21
N HIS C 209 6.28 6.85 28.59
CA HIS C 209 5.46 7.53 27.59
C HIS C 209 4.85 8.80 28.17
N ARG C 210 4.52 9.71 27.26
CA ARG C 210 3.78 10.92 27.58
C ARG C 210 2.99 11.35 26.36
N THR C 211 2.19 12.39 26.52
CA THR C 211 1.57 13.07 25.40
C THR C 211 2.20 14.44 25.25
N VAL C 212 2.51 14.82 24.01
CA VAL C 212 3.17 16.11 23.77
C VAL C 212 2.22 17.24 24.17
N PRO C 213 2.70 18.26 24.88
CA PRO C 213 1.80 19.35 25.30
C PRO C 213 1.05 19.96 24.14
N LEU C 214 -0.25 20.18 24.33
CA LEU C 214 -1.03 20.90 23.34
C LEU C 214 -0.47 22.31 23.20
N SER C 215 -0.10 22.67 21.97
CA SER C 215 0.46 23.99 21.72
C SER C 215 -0.61 25.07 21.71
N GLU C 216 -1.88 24.69 21.62
CA GLU C 216 -2.96 25.66 21.70
C GLU C 216 -4.23 24.92 22.08
N ASP C 217 -5.24 25.69 22.48
CA ASP C 217 -6.50 25.11 22.91
C ASP C 217 -7.05 24.19 21.84
N SER C 218 -7.13 22.90 22.14
CA SER C 218 -7.64 21.93 21.21
C SER C 218 -8.57 21.00 21.98
N THR C 219 -8.80 19.81 21.46
CA THR C 219 -9.52 18.78 22.19
C THR C 219 -8.82 17.45 21.93
N ARG C 220 -8.27 16.85 22.99
CA ARG C 220 -7.65 15.53 22.92
C ARG C 220 -8.34 14.65 23.95
N THR C 221 -9.02 13.61 23.49
CA THR C 221 -9.80 12.73 24.34
C THR C 221 -9.47 11.28 24.04
N ILE C 222 -9.11 10.52 25.08
CA ILE C 222 -8.81 9.10 24.93
C ILE C 222 -9.59 8.31 25.98
N LEU C 223 -9.73 7.02 25.71
CA LEU C 223 -10.20 6.05 26.68
C LEU C 223 -9.08 5.05 26.94
N ASN C 224 -8.79 4.81 28.23
CA ASN C 224 -7.77 3.87 28.65
C ASN C 224 -8.46 2.64 29.22
N MET C 225 -8.20 1.49 28.62
CA MET C 225 -8.56 0.18 29.19
C MET C 225 -7.27 -0.46 29.67
N THR C 226 -7.13 -0.62 30.98
CA THR C 226 -5.92 -1.18 31.56
C THR C 226 -6.14 -2.64 31.93
N TRP C 227 -5.21 -3.50 31.53
CA TRP C 227 -5.24 -4.92 31.88
C TRP C 227 -3.90 -5.33 32.44
N ALA C 228 -3.92 -6.40 33.22
CA ALA C 228 -2.73 -6.96 33.85
C ALA C 228 -2.20 -8.12 33.04
N ALA C 229 -0.92 -8.40 33.21
CA ALA C 229 -0.33 -9.67 32.80
C ALA C 229 -0.15 -10.53 34.04
N LYS C 230 0.28 -11.78 33.82
CA LYS C 230 0.45 -12.69 34.94
C LYS C 230 1.42 -12.12 35.98
N ARG C 231 2.34 -11.25 35.54
CA ARG C 231 3.35 -10.67 36.42
C ARG C 231 2.80 -9.57 37.32
N ASP C 232 1.60 -9.08 37.07
CA ASP C 232 1.03 -7.93 37.82
C ASP C 232 0.04 -8.36 38.89
N LEU C 233 -0.04 -9.66 39.12
CA LEU C 233 -1.07 -10.17 40.05
C LEU C 233 -0.44 -10.36 41.41
N GLU C 234 0.72 -11.03 41.42
CA GLU C 234 1.41 -11.34 42.69
C GLU C 234 2.01 -10.02 43.19
N LYS C 235 1.92 -9.03 42.32
CA LYS C 235 2.44 -7.69 42.58
C LYS C 235 1.45 -6.90 43.46
N ASP C 236 1.99 -6.04 44.31
CA ASP C 236 1.17 -5.14 45.14
C ASP C 236 1.33 -3.74 44.57
N LEU C 237 0.50 -2.82 45.02
CA LEU C 237 0.48 -1.46 44.50
C LEU C 237 1.18 -0.52 45.46
N VAL C 238 2.07 0.34 44.93
CA VAL C 238 2.86 1.25 45.73
C VAL C 238 2.89 2.61 45.07
N GLY C 239 3.27 3.62 45.87
CA GLY C 239 3.61 4.95 45.36
C GLY C 239 2.73 6.06 45.88
N ASN C 240 1.49 5.74 46.27
CA ASN C 240 0.48 6.76 46.62
C ASN C 240 0.41 7.84 45.56
N ASP C 241 0.45 7.41 44.30
CA ASP C 241 0.51 8.31 43.15
C ASP C 241 -0.71 8.17 42.26
N ARG C 242 -1.83 7.72 42.82
CA ARG C 242 -3.06 7.50 42.05
C ARG C 242 -3.81 8.83 41.94
N TRP C 243 -3.17 9.76 41.22
CA TRP C 243 -3.67 11.13 41.09
C TRP C 243 -5.02 11.18 40.38
N TRP C 244 -5.26 10.26 39.44
CA TRP C 244 -6.53 10.27 38.72
C TRP C 244 -7.70 9.97 39.64
N GLU C 245 -7.58 8.91 40.44
CA GLU C 245 -8.62 8.58 41.41
C GLU C 245 -8.69 9.64 42.50
N ASN C 246 -7.53 10.09 42.97
CA ASN C 246 -7.44 11.00 44.11
C ASN C 246 -6.47 12.14 43.77
N PRO C 247 -6.99 13.32 43.42
CA PRO C 247 -6.08 14.44 43.12
C PRO C 247 -5.29 14.91 44.34
N GLU C 248 -5.71 14.54 45.54
CA GLU C 248 -5.02 14.89 46.77
C GLU C 248 -4.08 13.79 47.23
N ALA C 249 -3.66 12.91 46.32
CA ALA C 249 -2.73 11.84 46.66
C ALA C 249 -1.42 12.42 47.16
N GLU C 250 -0.64 11.57 47.85
CA GLU C 250 0.61 12.04 48.44
C GLU C 250 1.61 12.46 47.37
N ALA C 251 1.73 11.67 46.30
CA ALA C 251 2.72 11.97 45.27
C ALA C 251 2.33 13.14 44.37
N ALA C 252 1.12 13.69 44.53
CA ALA C 252 0.62 14.77 43.70
C ALA C 252 0.88 16.11 44.36
N ARG C 253 1.42 17.06 43.60
CA ARG C 253 1.70 18.40 44.11
C ARG C 253 1.14 19.42 43.14
N ALA C 254 0.32 20.35 43.64
CA ALA C 254 -0.24 21.37 42.78
C ALA C 254 0.71 22.55 42.68
N ASN D 2 34.23 -28.16 45.68
CA ASN D 2 33.02 -28.45 44.92
C ASN D 2 31.80 -28.54 45.84
N VAL D 3 30.90 -29.48 45.51
CA VAL D 3 29.67 -29.70 46.25
C VAL D 3 28.79 -28.46 46.19
N GLU D 4 28.04 -28.19 47.26
CA GLU D 4 27.14 -27.04 47.34
C GLU D 4 27.86 -25.74 47.70
N GLN D 5 29.19 -25.77 47.80
CA GLN D 5 29.95 -24.54 48.01
C GLN D 5 30.01 -23.71 46.74
N ILE D 6 29.80 -24.31 45.57
CA ILE D 6 29.80 -23.55 44.33
C ILE D 6 28.62 -22.60 44.29
N ASP D 7 27.42 -23.07 44.66
CA ASP D 7 26.29 -22.17 44.75
C ASP D 7 26.50 -21.15 45.87
N GLU D 8 27.12 -21.56 46.99
CA GLU D 8 27.37 -20.62 48.07
C GLU D 8 28.36 -19.55 47.64
N ASN D 9 29.39 -19.93 46.88
CA ASN D 9 30.38 -18.95 46.44
C ASN D 9 29.84 -18.06 45.34
N LEU D 10 29.08 -18.64 44.40
CA LEU D 10 28.53 -17.84 43.31
C LEU D 10 27.56 -16.78 43.81
N ALA D 11 26.72 -17.15 44.79
CA ALA D 11 25.80 -16.17 45.37
C ALA D 11 26.57 -15.01 45.98
N LYS D 12 27.67 -15.30 46.68
CA LYS D 12 28.53 -14.24 47.18
C LYS D 12 29.19 -13.48 46.02
N PHE D 13 29.64 -14.22 45.00
CA PHE D 13 30.29 -13.58 43.86
C PHE D 13 29.36 -12.58 43.18
N LEU D 14 28.08 -12.95 43.03
CA LEU D 14 27.12 -12.04 42.42
C LEU D 14 26.71 -10.91 43.37
N ALA D 15 26.66 -11.18 44.68
CA ALA D 15 26.27 -10.15 45.63
C ALA D 15 27.34 -9.07 45.79
N GLU D 16 28.60 -9.39 45.49
CA GLU D 16 29.67 -8.40 45.49
C GLU D 16 29.61 -7.46 44.30
N ARG D 17 28.84 -7.79 43.26
CA ARG D 17 28.88 -7.02 42.02
C ARG D 17 27.53 -6.48 41.56
N TYR D 18 26.41 -7.04 42.00
CA TYR D 18 25.11 -6.65 41.44
C TYR D 18 24.15 -6.27 42.55
N THR D 19 23.20 -5.40 42.19
CA THR D 19 22.09 -4.96 43.01
C THR D 19 20.81 -5.12 42.20
N PRO D 20 19.66 -5.19 42.86
CA PRO D 20 18.39 -5.24 42.11
C PRO D 20 18.23 -4.10 41.11
N GLU D 21 18.71 -2.90 41.45
CA GLU D 21 18.64 -1.80 40.50
C GLU D 21 19.55 -2.04 39.30
N SER D 22 20.75 -2.56 39.53
CA SER D 22 21.69 -2.77 38.42
C SER D 22 21.25 -3.94 37.54
N VAL D 23 20.58 -4.93 38.12
CA VAL D 23 20.02 -6.01 37.31
C VAL D 23 18.84 -5.50 36.49
N ALA D 24 18.06 -4.57 37.03
CA ALA D 24 16.90 -4.04 36.30
C ALA D 24 17.35 -3.30 35.05
N GLN D 25 18.51 -2.64 35.10
CA GLN D 25 19.04 -2.01 33.90
C GLN D 25 19.55 -3.05 32.92
N LEU D 26 20.04 -4.19 33.42
CA LEU D 26 20.40 -5.29 32.53
C LEU D 26 19.16 -5.91 31.90
N ALA D 27 18.05 -5.96 32.65
CA ALA D 27 16.81 -6.48 32.08
C ALA D 27 16.29 -5.57 30.98
N ASP D 28 16.47 -4.25 31.13
CA ASP D 28 16.12 -3.32 30.07
C ASP D 28 16.90 -3.62 28.79
N ARG D 29 18.22 -3.81 28.91
CA ARG D 29 19.04 -4.08 27.73
C ARG D 29 18.68 -5.42 27.11
N PHE D 30 18.42 -6.43 27.94
CA PHE D 30 18.04 -7.73 27.39
C PHE D 30 16.75 -7.65 26.59
N HIS D 31 15.77 -6.88 27.07
CA HIS D 31 14.53 -6.73 26.33
C HIS D 31 14.75 -5.96 25.03
N ARG D 32 15.60 -4.94 25.06
CA ARG D 32 15.79 -4.09 23.90
C ARG D 32 16.63 -4.77 22.81
N PHE D 33 17.63 -5.55 23.19
CA PHE D 33 18.52 -6.16 22.22
C PHE D 33 18.40 -7.67 22.12
N GLY D 34 17.61 -8.31 22.99
CA GLY D 34 17.60 -9.76 23.01
C GLY D 34 18.89 -10.38 23.48
N PHE D 35 19.76 -9.57 24.07
CA PHE D 35 21.16 -9.94 24.27
C PHE D 35 21.74 -9.05 25.35
N VAL D 36 22.37 -9.66 26.35
CA VAL D 36 23.17 -8.94 27.33
C VAL D 36 24.49 -9.68 27.48
N LYS D 37 25.59 -8.93 27.50
CA LYS D 37 26.93 -9.50 27.51
C LYS D 37 27.56 -9.36 28.88
N PHE D 38 28.15 -10.44 29.36
CA PHE D 38 28.88 -10.48 30.63
C PHE D 38 30.38 -10.51 30.31
N ASP D 39 30.99 -9.33 30.29
CA ASP D 39 32.39 -9.16 29.93
C ASP D 39 33.22 -8.81 31.17
N ALA D 40 34.37 -8.18 30.95
CA ALA D 40 35.27 -7.85 32.06
C ALA D 40 34.60 -6.94 33.07
N ALA D 41 33.63 -6.13 32.63
CA ALA D 41 32.89 -5.28 33.54
C ALA D 41 31.83 -6.06 34.31
N ASN D 42 30.84 -6.60 33.60
CA ASN D 42 29.75 -7.36 34.23
C ASN D 42 30.10 -8.84 34.22
N ARG D 43 30.99 -9.24 35.14
CA ARG D 43 31.34 -10.65 35.27
C ARG D 43 30.15 -11.45 35.80
N LEU D 44 30.02 -12.69 35.32
CA LEU D 44 28.92 -13.56 35.74
C LEU D 44 29.35 -14.69 36.66
N VAL D 45 30.50 -15.30 36.41
CA VAL D 45 30.97 -16.40 37.25
C VAL D 45 32.42 -16.13 37.65
N PRO D 46 32.89 -16.77 38.73
CA PRO D 46 34.30 -16.64 39.10
C PRO D 46 35.21 -17.18 38.01
N ASP D 47 36.36 -16.52 37.85
CA ASP D 47 37.30 -16.92 36.80
C ASP D 47 37.79 -18.35 37.00
N GLU D 48 37.93 -18.80 38.24
CA GLU D 48 38.32 -20.18 38.49
C GLU D 48 37.20 -21.15 38.14
N LEU D 49 35.95 -20.69 38.11
CA LEU D 49 34.83 -21.53 37.71
C LEU D 49 34.72 -21.64 36.19
N GLN D 50 34.95 -20.55 35.47
CA GLN D 50 34.93 -20.62 34.01
C GLN D 50 36.11 -21.44 33.50
N THR D 51 37.27 -21.30 34.14
CA THR D 51 38.42 -22.13 33.79
C THR D 51 38.06 -23.61 33.86
N ALA D 52 37.37 -24.02 34.93
CA ALA D 52 36.95 -25.41 35.07
C ALA D 52 35.95 -25.79 33.99
N VAL D 53 35.02 -24.88 33.67
CA VAL D 53 34.05 -25.15 32.61
C VAL D 53 34.75 -25.26 31.26
N ARG D 54 35.69 -24.35 30.98
CA ARG D 54 36.43 -24.42 29.72
C ARG D 54 37.28 -25.68 29.64
N GLU D 55 37.76 -26.17 30.78
CA GLU D 55 38.57 -27.39 30.79
C GLU D 55 37.72 -28.62 30.46
N GLU D 56 36.52 -28.69 31.03
CA GLU D 56 35.61 -29.80 30.70
C GLU D 56 35.27 -29.81 29.22
N CYS D 57 34.99 -28.63 28.65
CA CYS D 57 34.61 -28.55 27.24
C CYS D 57 35.78 -28.96 26.33
N ASP D 58 37.01 -28.61 26.71
CA ASP D 58 38.17 -29.00 25.92
C ASP D 58 38.32 -30.52 25.89
N LEU D 59 37.92 -31.21 26.95
CA LEU D 59 37.96 -32.67 26.95
C LEU D 59 36.83 -33.25 26.13
N LEU D 60 35.61 -32.73 26.27
CA LEU D 60 34.49 -33.21 25.48
C LEU D 60 34.72 -33.01 23.99
N ILE D 61 35.38 -31.90 23.62
CA ILE D 61 35.64 -31.63 22.21
C ILE D 61 36.54 -32.71 21.62
N GLU D 62 37.76 -32.83 22.13
CA GLU D 62 38.70 -33.80 21.59
C GLU D 62 38.15 -35.22 21.60
N GLN D 63 37.18 -35.51 22.47
CA GLN D 63 36.63 -36.85 22.58
C GLN D 63 35.43 -37.10 21.68
N HIS D 64 34.50 -36.15 21.58
CA HIS D 64 33.22 -36.41 20.93
C HIS D 64 32.87 -35.37 19.86
N LYS D 65 33.85 -34.63 19.36
CA LYS D 65 33.57 -33.67 18.31
C LYS D 65 33.10 -34.39 17.04
N GLU D 66 32.12 -33.79 16.38
CA GLU D 66 31.56 -34.28 15.14
C GLU D 66 31.48 -33.13 14.16
N ARG D 67 32.07 -33.29 12.98
CA ARG D 67 32.04 -32.23 11.97
C ARG D 67 30.65 -32.13 11.36
N ARG D 68 30.13 -30.91 11.26
CA ARG D 68 28.84 -30.62 10.63
C ARG D 68 29.06 -29.66 9.49
N ASN D 69 28.61 -30.04 8.30
CA ASN D 69 28.70 -29.18 7.12
C ASN D 69 27.40 -29.37 6.35
N LEU D 70 26.43 -28.49 6.58
CA LEU D 70 25.10 -28.67 6.05
C LEU D 70 24.42 -27.32 5.93
N LEU D 71 23.21 -27.33 5.39
CA LEU D 71 22.32 -26.17 5.34
C LEU D 71 21.00 -26.56 5.98
N LEU D 72 20.45 -25.67 6.80
CA LEU D 72 19.21 -25.94 7.53
C LEU D 72 18.05 -25.28 6.79
N SER D 73 17.17 -26.12 6.22
CA SER D 73 16.10 -25.60 5.38
C SER D 73 15.13 -24.74 6.18
N THR D 74 14.86 -25.10 7.44
CA THR D 74 13.94 -24.32 8.25
C THR D 74 14.45 -22.93 8.57
N THR D 75 15.69 -22.60 8.19
CA THR D 75 16.25 -21.26 8.36
C THR D 75 16.88 -20.81 7.04
N GLY D 76 16.05 -20.80 5.99
CA GLY D 76 16.49 -20.32 4.69
C GLY D 76 17.68 -21.03 4.10
N ASN D 77 17.94 -22.27 4.53
CA ASN D 77 19.13 -23.02 4.15
C ASN D 77 20.41 -22.25 4.46
N THR D 78 20.41 -21.56 5.60
CA THR D 78 21.64 -21.00 6.10
C THR D 78 22.58 -22.12 6.55
N PRO D 79 23.88 -21.92 6.42
CA PRO D 79 24.82 -23.01 6.69
C PRO D 79 25.02 -23.26 8.17
N ARG D 80 25.50 -24.47 8.46
CA ARG D 80 26.03 -24.88 9.76
C ARG D 80 27.34 -25.58 9.44
N ARG D 81 28.44 -24.83 9.46
CA ARG D 81 29.77 -25.36 9.17
C ARG D 81 30.58 -25.26 10.46
N MET D 82 30.70 -26.38 11.17
CA MET D 82 31.32 -26.40 12.49
C MET D 82 31.51 -27.85 12.91
N SER D 83 32.18 -28.02 14.04
CA SER D 83 32.13 -29.25 14.82
C SER D 83 31.21 -29.04 16.01
N VAL D 84 30.58 -30.12 16.47
CA VAL D 84 29.66 -30.03 17.60
C VAL D 84 29.97 -31.15 18.58
N VAL D 85 29.40 -31.03 19.79
CA VAL D 85 29.37 -32.10 20.77
C VAL D 85 27.94 -32.20 21.28
N LYS D 86 27.35 -33.38 21.16
CA LYS D 86 25.93 -33.56 21.41
C LYS D 86 25.61 -33.33 22.88
N SER D 87 24.33 -33.01 23.13
CA SER D 87 23.88 -32.72 24.49
C SER D 87 24.05 -33.92 25.41
N GLU D 88 23.70 -35.12 24.94
CA GLU D 88 23.81 -36.30 25.78
C GLU D 88 25.24 -36.57 26.20
N GLU D 89 26.22 -36.10 25.40
CA GLU D 89 27.62 -36.23 25.79
C GLU D 89 28.01 -35.18 26.81
N ILE D 90 27.51 -33.95 26.65
CA ILE D 90 27.84 -32.88 27.58
C ILE D 90 27.21 -33.13 28.94
N GLU D 91 26.02 -33.74 28.99
CA GLU D 91 25.31 -33.90 30.25
C GLU D 91 26.05 -34.83 31.21
N LYS D 92 26.94 -35.67 30.70
CA LYS D 92 27.72 -36.54 31.57
C LYS D 92 28.68 -35.75 32.45
N SER D 93 29.09 -34.55 32.03
CA SER D 93 29.91 -33.68 32.88
C SER D 93 29.07 -33.18 34.04
N GLU D 94 29.41 -33.63 35.25
CA GLU D 94 28.65 -33.21 36.43
C GLU D 94 28.74 -31.70 36.66
N LEU D 95 29.88 -31.11 36.32
CA LEU D 95 30.04 -29.66 36.49
C LEU D 95 29.05 -28.89 35.63
N ILE D 96 29.06 -29.15 34.32
CA ILE D 96 28.21 -28.41 33.40
C ILE D 96 26.74 -28.70 33.69
N SER D 97 26.41 -29.97 33.97
CA SER D 97 25.02 -30.34 34.18
C SER D 97 24.47 -29.73 35.47
N THR D 98 25.23 -29.82 36.56
CA THR D 98 24.76 -29.24 37.81
C THR D 98 24.68 -27.72 37.72
N LEU D 99 25.59 -27.10 36.98
CA LEU D 99 25.63 -25.65 36.91
C LEU D 99 24.48 -25.10 36.07
N SER D 100 24.05 -25.83 35.03
CA SER D 100 22.96 -25.37 34.20
C SER D 100 21.61 -25.43 34.92
N ARG D 101 21.54 -26.18 36.01
CA ARG D 101 20.33 -26.23 36.83
C ARG D 101 20.49 -25.47 38.15
N SER D 102 21.54 -24.66 38.27
CA SER D 102 21.83 -23.97 39.52
C SER D 102 20.70 -23.01 39.87
N GLU D 103 20.21 -23.10 41.11
CA GLU D 103 19.18 -22.18 41.58
C GLU D 103 19.73 -20.77 41.78
N VAL D 104 21.02 -20.63 42.00
CA VAL D 104 21.62 -19.30 42.13
C VAL D 104 21.80 -18.66 40.76
N LEU D 105 22.37 -19.40 39.82
CA LEU D 105 22.58 -18.85 38.47
C LEU D 105 21.25 -18.55 37.80
N LEU D 106 20.35 -19.54 37.74
CA LEU D 106 19.06 -19.31 37.13
C LEU D 106 18.26 -18.26 37.88
N GLY D 107 18.37 -18.25 39.21
CA GLY D 107 17.70 -17.22 39.99
C GLY D 107 18.22 -15.83 39.68
N PHE D 108 19.52 -15.70 39.44
CA PHE D 108 20.10 -14.40 39.10
C PHE D 108 19.64 -13.94 37.72
N LEU D 109 19.77 -14.80 36.72
CA LEU D 109 19.40 -14.42 35.35
C LEU D 109 17.90 -14.14 35.23
N ALA D 110 17.09 -14.66 36.15
CA ALA D 110 15.65 -14.37 36.15
C ALA D 110 15.37 -12.89 36.38
N GLY D 111 16.26 -12.19 37.09
CA GLY D 111 16.13 -10.75 37.18
C GLY D 111 16.39 -10.03 35.88
N ILE D 112 17.03 -10.69 34.92
CA ILE D 112 17.28 -10.12 33.61
C ILE D 112 16.17 -10.49 32.63
N THR D 113 15.78 -11.77 32.62
CA THR D 113 14.69 -12.22 31.78
C THR D 113 13.34 -11.73 32.27
N ARG D 114 13.24 -11.38 33.56
CA ARG D 114 12.00 -10.97 34.22
C ARG D 114 10.94 -12.08 34.19
N GLU D 115 11.37 -13.32 34.02
CA GLU D 115 10.46 -14.45 34.09
C GLU D 115 11.25 -15.69 34.45
N GLU D 116 10.55 -16.71 34.94
CA GLU D 116 11.22 -17.90 35.44
C GLU D 116 11.95 -18.62 34.32
N ILE D 117 13.19 -19.03 34.61
CA ILE D 117 14.01 -19.81 33.71
C ILE D 117 13.88 -21.27 34.10
N ILE D 118 13.32 -22.08 33.22
CA ILE D 118 13.00 -23.48 33.51
C ILE D 118 14.02 -24.36 32.77
N PRO D 119 14.70 -25.26 33.46
CA PRO D 119 15.65 -26.14 32.76
C PRO D 119 15.02 -27.43 32.26
N GLU D 120 13.79 -27.35 31.77
CA GLU D 120 13.07 -28.52 31.24
C GLU D 120 12.95 -28.36 29.74
N VAL D 121 14.01 -28.74 29.02
CA VAL D 121 14.03 -28.72 27.57
C VAL D 121 14.38 -30.11 27.08
N SER D 122 14.19 -30.30 25.77
CA SER D 122 14.49 -31.59 25.14
C SER D 122 15.90 -32.04 25.49
N SER D 123 16.03 -33.34 25.76
CA SER D 123 17.31 -33.88 26.23
C SER D 123 18.41 -33.77 25.18
N ASP D 124 18.07 -33.56 23.91
CA ASP D 124 19.06 -33.40 22.87
C ASP D 124 19.43 -31.94 22.64
N GLU D 125 18.90 -31.02 23.46
CA GLU D 125 19.17 -29.60 23.29
C GLU D 125 19.52 -28.90 24.59
N ARG D 126 19.64 -29.65 25.70
CA ARG D 126 20.03 -29.03 26.97
C ARG D 126 21.37 -28.33 26.85
N TYR D 127 22.33 -28.95 26.15
CA TYR D 127 23.66 -28.36 26.00
C TYR D 127 24.15 -28.56 24.58
N LEU D 128 24.96 -27.61 24.12
CA LEU D 128 25.56 -27.71 22.80
C LEU D 128 26.92 -27.03 22.85
N ILE D 129 27.93 -27.71 22.32
CA ILE D 129 29.27 -27.16 22.15
C ILE D 129 29.53 -27.06 20.65
N THR D 130 29.77 -25.85 20.17
CA THR D 130 30.17 -25.66 18.78
C THR D 130 31.62 -25.24 18.74
N HIS D 131 32.35 -25.72 17.75
CA HIS D 131 33.79 -25.52 17.67
C HIS D 131 34.15 -25.28 16.20
N GLN D 132 34.38 -24.04 15.84
CA GLN D 132 34.69 -23.67 14.48
C GLN D 132 36.21 -23.54 14.32
N GLU D 133 36.72 -24.02 13.21
CA GLU D 133 38.17 -24.10 13.03
C GLU D 133 38.67 -23.51 11.71
N PHE D 134 37.93 -23.68 10.63
CA PHE D 134 38.43 -23.35 9.31
C PHE D 134 37.73 -22.11 8.76
N LYS D 135 38.30 -21.56 7.70
CA LYS D 135 37.67 -20.44 7.02
C LYS D 135 36.25 -20.82 6.60
N SER D 136 35.38 -19.81 6.58
CA SER D 136 33.98 -19.92 6.16
C SER D 136 33.13 -20.68 7.18
N ASP D 137 33.74 -21.19 8.25
CA ASP D 137 32.97 -21.81 9.32
C ASP D 137 32.03 -20.79 9.94
N THR D 138 30.80 -21.20 10.19
CA THR D 138 29.78 -20.26 10.65
C THR D 138 28.61 -21.04 11.25
N HIS D 139 27.87 -20.34 12.09
CA HIS D 139 26.59 -20.81 12.61
C HIS D 139 25.56 -19.87 11.98
N GLY D 140 24.99 -20.30 10.85
CA GLY D 140 24.20 -19.41 10.03
C GLY D 140 22.98 -18.88 10.76
N TRP D 141 22.32 -17.93 10.08
CA TRP D 141 21.15 -17.26 10.64
C TRP D 141 20.13 -18.27 11.11
N HIS D 142 19.63 -18.08 12.34
CA HIS D 142 18.67 -19.01 12.89
C HIS D 142 17.98 -18.38 14.09
N TRP D 143 16.92 -19.02 14.54
CA TRP D 143 16.32 -18.82 15.85
C TRP D 143 16.51 -20.09 16.66
N GLY D 144 16.01 -20.05 17.90
CA GLY D 144 15.99 -21.21 18.77
C GLY D 144 14.56 -21.66 19.00
N ASP D 145 14.42 -22.96 19.29
CA ASP D 145 13.10 -23.49 19.67
C ASP D 145 12.70 -23.04 21.07
N TYR D 146 13.68 -22.78 21.94
CA TYR D 146 13.41 -22.36 23.31
C TYR D 146 13.80 -20.90 23.49
N SER D 147 13.34 -20.33 24.60
CA SER D 147 13.43 -18.89 24.77
C SER D 147 14.84 -18.43 25.08
N PHE D 148 15.56 -19.18 25.95
CA PHE D 148 16.79 -18.71 26.55
C PHE D 148 17.97 -19.60 26.17
N ALA D 149 19.15 -18.97 26.07
CA ALA D 149 20.41 -19.68 25.94
C ALA D 149 21.51 -18.80 26.53
N LEU D 150 22.31 -19.38 27.41
CA LEU D 150 23.48 -18.72 27.97
C LEU D 150 24.71 -19.26 27.25
N ILE D 151 25.37 -18.39 26.50
CA ILE D 151 26.49 -18.78 25.65
C ILE D 151 27.79 -18.43 26.35
N TRP D 152 28.68 -19.40 26.44
CA TRP D 152 30.01 -19.23 27.02
C TRP D 152 30.99 -19.01 25.87
N ALA D 153 31.41 -17.76 25.69
CA ALA D 153 32.42 -17.44 24.67
C ALA D 153 33.79 -17.89 25.20
N LEU D 154 34.04 -19.19 25.09
CA LEU D 154 35.24 -19.77 25.70
C LEU D 154 36.50 -19.32 24.96
N ARG D 155 36.57 -19.56 23.65
CA ARG D 155 37.69 -19.11 22.84
C ARG D 155 37.13 -18.30 21.67
N MET D 156 37.57 -17.06 21.54
CA MET D 156 37.15 -16.19 20.47
C MET D 156 38.36 -15.75 19.66
N PRO D 157 38.32 -15.87 18.34
CA PRO D 157 39.41 -15.33 17.51
C PRO D 157 39.38 -13.81 17.52
N PRO D 158 40.42 -13.15 17.04
CA PRO D 158 40.36 -11.69 16.92
C PRO D 158 39.18 -11.29 16.04
N ILE D 159 38.60 -10.13 16.37
CA ILE D 159 37.44 -9.63 15.64
C ILE D 159 37.71 -9.56 14.14
N GLU D 160 38.95 -9.27 13.76
CA GLU D 160 39.30 -9.16 12.34
C GLU D 160 39.27 -10.49 11.60
N HIS D 161 38.88 -11.59 12.26
CA HIS D 161 38.76 -12.90 11.61
C HIS D 161 37.32 -13.39 11.55
N GLY D 162 36.37 -12.57 11.94
CA GLY D 162 35.00 -13.02 12.04
C GLY D 162 34.71 -13.64 13.38
N GLY D 163 33.54 -14.28 13.46
CA GLY D 163 33.12 -14.92 14.69
C GLY D 163 32.27 -14.07 15.60
N MET D 164 32.02 -12.82 15.22
CA MET D 164 31.08 -11.99 15.96
C MET D 164 29.68 -12.56 15.87
N LEU D 165 28.88 -12.30 16.90
CA LEU D 165 27.47 -12.64 16.88
C LEU D 165 26.70 -11.48 16.28
N GLN D 166 25.98 -11.73 15.19
CA GLN D 166 25.05 -10.76 14.64
C GLN D 166 23.64 -11.13 15.06
N ALA D 167 22.84 -10.12 15.38
CA ALA D 167 21.54 -10.36 15.99
C ALA D 167 20.53 -9.35 15.50
N VAL D 168 19.30 -9.81 15.31
CA VAL D 168 18.16 -8.93 15.03
C VAL D 168 17.06 -9.26 16.03
N PRO D 169 16.86 -8.45 17.05
CA PRO D 169 15.86 -8.76 18.08
C PRO D 169 14.44 -8.51 17.57
N HIS D 170 13.49 -8.94 18.38
CA HIS D 170 12.07 -8.68 18.14
C HIS D 170 11.63 -9.25 16.80
N THR D 171 11.99 -10.51 16.57
CA THR D 171 11.56 -11.27 15.41
C THR D 171 10.91 -12.56 15.89
N HIS D 172 10.59 -13.47 14.98
CA HIS D 172 10.06 -14.77 15.36
C HIS D 172 10.35 -15.76 14.25
N TRP D 173 10.37 -17.04 14.62
CA TRP D 173 10.78 -18.13 13.73
C TRP D 173 9.55 -18.72 13.07
N ASP D 174 9.42 -18.51 11.77
CA ASP D 174 8.37 -19.12 10.97
C ASP D 174 9.02 -20.22 10.14
N LYS D 175 8.94 -21.46 10.62
CA LYS D 175 9.70 -22.54 9.99
C LYS D 175 9.22 -22.84 8.58
N SER D 176 7.97 -22.49 8.25
CA SER D 176 7.46 -22.68 6.90
C SER D 176 7.90 -21.58 5.95
N ASN D 177 8.27 -20.41 6.49
CA ASN D 177 8.67 -19.26 5.68
C ASN D 177 9.56 -18.39 6.54
N PRO D 178 10.84 -18.75 6.66
CA PRO D 178 11.73 -18.04 7.59
C PRO D 178 11.91 -16.57 7.26
N ARG D 179 12.00 -16.24 5.97
CA ARG D 179 12.13 -14.87 5.50
C ARG D 179 13.35 -14.19 6.14
N ILE D 180 14.49 -14.89 6.10
CA ILE D 180 15.68 -14.41 6.79
C ILE D 180 16.24 -13.18 6.10
N ASN D 181 16.55 -13.29 4.80
CA ASN D 181 17.11 -12.16 4.08
C ASN D 181 16.12 -11.01 3.95
N GLN D 182 14.82 -11.31 3.88
CA GLN D 182 13.81 -10.25 3.87
C GLN D 182 13.81 -9.49 5.19
N THR D 183 13.92 -10.20 6.31
CA THR D 183 13.95 -9.54 7.60
C THR D 183 15.16 -8.62 7.71
N LEU D 184 16.33 -9.07 7.26
CA LEU D 184 17.51 -8.22 7.29
C LEU D 184 17.29 -6.94 6.49
N CYS D 185 16.56 -7.02 5.38
CA CYS D 185 16.27 -5.83 4.59
C CYS D 185 15.38 -4.85 5.34
N GLU D 186 14.57 -5.33 6.28
CA GLU D 186 13.63 -4.48 6.99
C GLU D 186 14.12 -4.05 8.37
N ARG D 187 15.24 -4.60 8.84
CA ARG D 187 15.69 -4.39 10.20
C ARG D 187 17.20 -4.13 10.24
N GLU D 188 17.64 -3.40 11.24
CA GLU D 188 19.06 -3.15 11.46
C GLU D 188 19.70 -4.32 12.19
N ILE D 189 20.86 -4.73 11.71
CA ILE D 189 21.62 -5.81 12.34
C ILE D 189 22.51 -5.20 13.40
N ASN D 190 22.42 -5.75 14.62
CA ASN D 190 23.38 -5.43 15.67
C ASN D 190 24.45 -6.50 15.69
N THR D 191 25.71 -6.08 15.62
CA THR D 191 26.83 -7.00 15.65
C THR D 191 27.52 -6.90 17.00
N HIS D 192 27.68 -8.05 17.66
CA HIS D 192 28.20 -8.10 19.03
C HIS D 192 29.53 -8.84 18.99
N GLY D 193 30.61 -8.07 19.00
CA GLY D 193 31.94 -8.67 19.08
C GLY D 193 32.15 -9.31 20.44
N LEU D 194 32.81 -10.46 20.42
CA LEU D 194 33.00 -11.27 21.62
C LEU D 194 34.48 -11.54 21.81
N GLU D 195 34.86 -11.75 23.07
CA GLU D 195 36.24 -12.06 23.43
C GLU D 195 36.25 -13.29 24.32
N SER D 196 37.34 -14.05 24.24
CA SER D 196 37.50 -15.23 25.09
C SER D 196 37.28 -14.87 26.54
N GLY D 197 36.41 -15.61 27.21
CA GLY D 197 36.05 -15.34 28.58
C GLY D 197 34.71 -14.67 28.76
N ASP D 198 34.14 -14.11 27.68
CA ASP D 198 32.82 -13.50 27.75
C ASP D 198 31.74 -14.55 27.93
N LEU D 199 30.60 -14.10 28.44
CA LEU D 199 29.36 -14.87 28.41
C LEU D 199 28.24 -13.93 28.01
N TYR D 200 27.19 -14.48 27.43
CA TYR D 200 26.07 -13.62 27.06
C TYR D 200 24.78 -14.40 27.10
N LEU D 201 23.73 -13.74 27.57
CA LEU D 201 22.39 -14.30 27.58
C LEU D 201 21.68 -13.89 26.30
N LEU D 202 20.98 -14.84 25.68
CA LEU D 202 20.35 -14.64 24.39
C LEU D 202 18.89 -15.09 24.45
N ARG D 203 18.00 -14.21 24.00
CA ARG D 203 16.58 -14.54 23.83
C ARG D 203 16.46 -15.18 22.45
N THR D 204 16.61 -16.50 22.41
CA THR D 204 16.85 -17.19 21.15
C THR D 204 15.60 -17.34 20.29
N ASP D 205 14.42 -17.25 20.87
CA ASP D 205 13.20 -17.44 20.10
C ASP D 205 12.74 -16.17 19.39
N THR D 206 13.10 -15.00 19.91
CA THR D 206 12.71 -13.75 19.28
C THR D 206 13.89 -12.94 18.75
N THR D 207 15.07 -13.55 18.65
CA THR D 207 16.25 -12.86 18.15
C THR D 207 16.84 -13.70 17.02
N LEU D 208 16.78 -13.17 15.81
CA LEU D 208 17.43 -13.79 14.66
C LEU D 208 18.92 -13.54 14.76
N HIS D 209 19.72 -14.60 14.77
CA HIS D 209 21.14 -14.42 15.04
C HIS D 209 21.96 -15.43 14.26
N ARG D 210 23.25 -15.11 14.13
CA ARG D 210 24.22 -15.99 13.49
C ARG D 210 25.60 -15.60 14.01
N THR D 211 26.61 -16.38 13.63
CA THR D 211 28.00 -16.02 13.85
C THR D 211 28.62 -15.66 12.51
N VAL D 212 29.32 -14.55 12.47
CA VAL D 212 29.97 -14.10 11.22
C VAL D 212 31.01 -15.14 10.82
N PRO D 213 31.01 -15.61 9.57
CA PRO D 213 31.94 -16.66 9.17
C PRO D 213 33.39 -16.27 9.45
N LEU D 214 34.18 -17.28 9.79
CA LEU D 214 35.61 -17.06 9.96
C LEU D 214 36.24 -16.77 8.61
N SER D 215 36.97 -15.66 8.52
CA SER D 215 37.64 -15.31 7.28
C SER D 215 38.94 -16.09 7.08
N GLU D 216 39.49 -16.65 8.16
CA GLU D 216 40.70 -17.45 8.09
C GLU D 216 40.60 -18.57 9.10
N ASP D 217 41.41 -19.61 8.88
CA ASP D 217 41.45 -20.75 9.79
C ASP D 217 41.80 -20.32 11.20
N SER D 218 40.79 -20.16 12.05
CA SER D 218 41.01 -19.77 13.44
C SER D 218 40.41 -20.80 14.40
N THR D 219 40.02 -20.36 15.59
CA THR D 219 39.36 -21.24 16.55
C THR D 219 38.31 -20.44 17.30
N ARG D 220 37.06 -20.88 17.21
CA ARG D 220 35.94 -20.22 17.88
C ARG D 220 35.11 -21.30 18.56
N THR D 221 35.05 -21.25 19.89
CA THR D 221 34.42 -22.30 20.69
C THR D 221 33.43 -21.67 21.66
N ILE D 222 32.22 -22.23 21.73
CA ILE D 222 31.21 -21.79 22.69
C ILE D 222 30.55 -23.01 23.32
N LEU D 223 30.05 -22.82 24.53
CA LEU D 223 29.13 -23.75 25.17
C LEU D 223 27.76 -23.10 25.27
N ASN D 224 26.73 -23.85 24.87
CA ASN D 224 25.35 -23.38 24.86
C ASN D 224 24.58 -24.10 25.95
N MET D 225 24.04 -23.33 26.90
CA MET D 225 23.10 -23.83 27.90
C MET D 225 21.72 -23.30 27.54
N THR D 226 20.88 -24.17 26.98
CA THR D 226 19.54 -23.77 26.57
C THR D 226 18.54 -24.06 27.69
N TRP D 227 17.72 -23.07 28.01
CA TRP D 227 16.64 -23.21 28.98
C TRP D 227 15.32 -22.80 28.35
N ALA D 228 14.24 -23.17 29.01
CA ALA D 228 12.90 -22.86 28.57
C ALA D 228 12.29 -21.77 29.45
N ALA D 229 11.32 -21.06 28.89
CA ALA D 229 10.42 -20.22 29.65
C ALA D 229 9.08 -20.93 29.76
N LYS D 230 8.16 -20.34 30.53
CA LYS D 230 6.84 -20.94 30.71
C LYS D 230 6.13 -21.11 29.38
N ARG D 231 6.43 -20.26 28.40
CA ARG D 231 5.82 -20.35 27.07
C ARG D 231 6.29 -21.59 26.32
N ASP D 232 7.46 -22.14 26.65
CA ASP D 232 7.98 -23.31 25.95
C ASP D 232 7.53 -24.62 26.58
N LEU D 233 6.99 -24.59 27.79
CA LEU D 233 6.62 -25.82 28.47
C LEU D 233 5.48 -26.49 27.73
N GLU D 234 5.61 -27.80 27.52
CA GLU D 234 4.60 -28.62 26.85
C GLU D 234 4.36 -28.19 25.41
N LYS D 235 5.30 -27.48 24.81
CA LYS D 235 5.22 -27.14 23.39
C LYS D 235 5.91 -28.21 22.56
N ASP D 236 5.32 -28.53 21.41
CA ASP D 236 5.77 -29.65 20.60
C ASP D 236 6.87 -29.20 19.64
N LEU D 237 8.05 -29.80 19.78
CA LEU D 237 9.17 -29.48 18.91
C LEU D 237 8.87 -29.93 17.49
N VAL D 238 9.03 -29.02 16.52
CA VAL D 238 8.71 -29.28 15.13
C VAL D 238 9.89 -28.91 14.24
N GLY D 239 9.73 -29.16 12.94
CA GLY D 239 10.72 -28.82 11.94
C GLY D 239 11.58 -29.98 11.47
N ASN D 240 11.81 -30.96 12.35
CA ASN D 240 12.72 -32.07 12.06
C ASN D 240 14.10 -31.55 11.63
N ASP D 241 14.54 -30.49 12.28
CA ASP D 241 15.74 -29.78 11.89
C ASP D 241 16.85 -29.88 12.94
N ARG D 242 16.81 -30.91 13.78
CA ARG D 242 17.76 -31.02 14.89
C ARG D 242 19.08 -31.58 14.35
N TRP D 243 19.73 -30.73 13.54
CA TRP D 243 20.96 -31.09 12.85
C TRP D 243 22.11 -31.37 13.79
N TRP D 244 22.13 -30.73 14.96
CA TRP D 244 23.23 -30.95 15.90
C TRP D 244 23.18 -32.35 16.48
N GLU D 245 21.99 -32.79 16.89
CA GLU D 245 21.82 -34.16 17.38
C GLU D 245 21.80 -35.17 16.24
N ASN D 246 21.33 -34.76 15.06
CA ASN D 246 21.13 -35.67 13.93
C ASN D 246 21.65 -35.01 12.66
N PRO D 247 22.88 -35.32 12.24
CA PRO D 247 23.44 -34.66 11.04
C PRO D 247 22.63 -34.92 9.79
N GLU D 248 21.84 -35.99 9.76
CA GLU D 248 20.98 -36.30 8.62
C GLU D 248 19.51 -36.14 8.99
N ALA D 249 19.20 -35.10 9.76
CA ALA D 249 17.81 -34.73 9.98
C ALA D 249 17.16 -34.38 8.64
N GLU D 250 15.83 -34.39 8.64
CA GLU D 250 15.10 -34.17 7.40
C GLU D 250 15.39 -32.79 6.83
N ALA D 251 15.50 -31.76 7.67
CA ALA D 251 15.71 -30.37 7.18
C ALA D 251 17.17 -30.14 6.83
N ALA D 252 18.01 -31.11 7.15
CA ALA D 252 19.46 -30.95 6.91
C ALA D 252 19.83 -31.28 5.48
N ARG D 253 20.36 -30.29 4.77
CA ARG D 253 20.87 -30.51 3.40
C ARG D 253 22.42 -30.59 3.45
N ASN E 2 18.43 8.92 -29.27
CA ASN E 2 19.79 9.35 -29.56
C ASN E 2 19.88 10.87 -29.64
N VAL E 3 21.08 11.35 -29.98
CA VAL E 3 21.38 12.79 -30.06
C VAL E 3 21.10 13.45 -28.72
N GLU E 4 20.84 14.76 -28.75
CA GLU E 4 20.51 15.49 -27.54
C GLU E 4 19.05 15.35 -27.14
N GLN E 5 18.28 14.53 -27.85
CA GLN E 5 16.89 14.31 -27.48
C GLN E 5 16.76 13.62 -26.13
N ILE E 6 17.82 13.00 -25.64
CA ILE E 6 17.76 12.29 -24.37
C ILE E 6 17.60 13.27 -23.21
N ASP E 7 18.49 14.26 -23.12
CA ASP E 7 18.40 15.25 -22.05
C ASP E 7 17.05 15.95 -22.04
N GLU E 8 16.50 16.24 -23.22
CA GLU E 8 15.17 16.83 -23.28
C GLU E 8 14.13 15.84 -22.76
N ASN E 9 14.18 14.60 -23.26
CA ASN E 9 13.24 13.58 -22.80
C ASN E 9 13.43 13.28 -21.32
N LEU E 10 14.66 13.38 -20.81
CA LEU E 10 14.91 13.07 -19.40
C LEU E 10 14.49 14.23 -18.49
N ALA E 11 14.73 15.47 -18.92
CA ALA E 11 14.28 16.61 -18.12
C ALA E 11 12.76 16.61 -17.98
N LYS E 12 12.05 16.23 -19.04
CA LYS E 12 10.60 16.11 -18.94
C LYS E 12 10.20 14.93 -18.06
N PHE E 13 10.95 13.83 -18.16
CA PHE E 13 10.65 12.64 -17.36
C PHE E 13 10.73 12.93 -15.87
N LEU E 14 11.76 13.69 -15.45
CA LEU E 14 11.90 14.05 -14.04
C LEU E 14 10.97 15.20 -13.66
N ALA E 15 10.62 16.06 -14.62
CA ALA E 15 9.73 17.18 -14.33
C ALA E 15 8.34 16.71 -13.93
N GLU E 16 7.89 15.58 -14.46
CA GLU E 16 6.56 15.08 -14.15
C GLU E 16 6.52 14.20 -12.92
N ARG E 17 7.66 13.86 -12.33
CA ARG E 17 7.70 12.91 -11.22
C ARG E 17 8.35 13.43 -9.94
N TYR E 18 8.95 14.62 -9.95
CA TYR E 18 9.62 15.15 -8.76
C TYR E 18 9.35 16.64 -8.61
N THR E 19 9.21 17.08 -7.37
CA THR E 19 9.14 18.48 -7.03
C THR E 19 10.35 18.87 -6.19
N PRO E 20 10.67 20.17 -6.11
CA PRO E 20 11.74 20.58 -5.18
C PRO E 20 11.54 20.09 -3.76
N GLU E 21 10.28 20.00 -3.31
CA GLU E 21 10.00 19.59 -1.95
C GLU E 21 10.26 18.11 -1.73
N SER E 22 9.96 17.28 -2.74
CA SER E 22 10.13 15.84 -2.55
C SER E 22 11.59 15.42 -2.73
N VAL E 23 12.33 16.15 -3.56
CA VAL E 23 13.77 15.89 -3.68
C VAL E 23 14.47 16.19 -2.37
N ALA E 24 14.07 17.27 -1.69
CA ALA E 24 14.62 17.58 -0.37
C ALA E 24 14.41 16.43 0.60
N GLN E 25 13.28 15.74 0.50
CA GLN E 25 13.09 14.56 1.35
C GLN E 25 14.02 13.42 0.95
N LEU E 26 14.33 13.30 -0.34
CA LEU E 26 15.33 12.32 -0.75
C LEU E 26 16.72 12.70 -0.29
N ALA E 27 17.01 14.00 -0.22
CA ALA E 27 18.29 14.45 0.30
C ALA E 27 18.42 14.14 1.78
N ASP E 28 17.33 14.28 2.55
CA ASP E 28 17.31 13.82 3.93
C ASP E 28 17.72 12.37 4.04
N ARG E 29 17.10 11.50 3.23
CA ARG E 29 17.41 10.07 3.29
C ARG E 29 18.83 9.80 2.83
N PHE E 30 19.32 10.53 1.83
CA PHE E 30 20.67 10.30 1.36
C PHE E 30 21.71 10.66 2.41
N HIS E 31 21.47 11.75 3.14
CA HIS E 31 22.40 12.14 4.20
C HIS E 31 22.31 11.19 5.39
N ARG E 32 21.11 10.71 5.71
CA ARG E 32 20.95 9.85 6.87
C ARG E 32 21.47 8.44 6.59
N PHE E 33 21.34 7.96 5.37
CA PHE E 33 21.70 6.58 5.06
C PHE E 33 22.86 6.44 4.11
N GLY E 34 23.34 7.53 3.50
CA GLY E 34 24.33 7.41 2.46
C GLY E 34 23.82 6.70 1.22
N PHE E 35 22.51 6.61 1.05
CA PHE E 35 21.91 5.70 0.10
C PHE E 35 20.47 6.12 -0.17
N VAL E 36 20.13 6.26 -1.44
CA VAL E 36 18.76 6.55 -1.85
C VAL E 36 18.46 5.71 -3.08
N LYS E 37 17.41 4.90 -3.02
CA LYS E 37 17.07 3.97 -4.09
C LYS E 37 16.01 4.56 -5.01
N PHE E 38 16.19 4.36 -6.31
CA PHE E 38 15.21 4.76 -7.31
C PHE E 38 14.55 3.49 -7.85
N ASP E 39 13.33 3.24 -7.38
CA ASP E 39 12.63 2.02 -7.77
C ASP E 39 11.33 2.36 -8.48
N ALA E 40 10.37 1.44 -8.47
CA ALA E 40 9.11 1.68 -9.19
C ALA E 40 8.38 2.88 -8.62
N ALA E 41 8.56 3.17 -7.33
CA ALA E 41 7.89 4.33 -6.74
C ALA E 41 8.58 5.64 -7.12
N ASN E 42 9.89 5.62 -7.31
CA ASN E 42 10.70 6.81 -7.61
C ASN E 42 11.61 6.47 -8.78
N ARG E 43 11.06 6.48 -9.99
CA ARG E 43 11.86 6.18 -11.17
C ARG E 43 12.85 7.29 -11.45
N LEU E 44 13.99 6.93 -12.06
CA LEU E 44 15.03 7.89 -12.40
C LEU E 44 15.21 8.07 -13.90
N VAL E 45 15.05 7.00 -14.69
CA VAL E 45 15.19 7.07 -16.14
C VAL E 45 14.01 6.35 -16.79
N PRO E 46 13.62 6.73 -18.01
CA PRO E 46 12.57 5.99 -18.72
C PRO E 46 12.97 4.54 -18.96
N ASP E 47 11.96 3.67 -19.04
CA ASP E 47 12.23 2.25 -19.23
C ASP E 47 13.02 2.00 -20.51
N GLU E 48 12.68 2.73 -21.58
CA GLU E 48 13.39 2.54 -22.84
C GLU E 48 14.87 2.87 -22.70
N LEU E 49 15.19 3.94 -21.97
CA LEU E 49 16.58 4.32 -21.80
C LEU E 49 17.32 3.32 -20.92
N GLN E 50 16.66 2.80 -19.88
CA GLN E 50 17.27 1.76 -19.06
C GLN E 50 17.53 0.50 -19.86
N THR E 51 16.57 0.11 -20.70
CA THR E 51 16.76 -1.08 -21.53
C THR E 51 17.91 -0.88 -22.51
N ALA E 52 18.07 0.35 -23.02
CA ALA E 52 19.19 0.65 -23.90
C ALA E 52 20.53 0.52 -23.17
N VAL E 53 20.59 1.00 -21.92
CA VAL E 53 21.81 0.85 -21.13
C VAL E 53 22.05 -0.62 -20.79
N ARG E 54 20.99 -1.32 -20.37
CA ARG E 54 21.14 -2.73 -20.02
C ARG E 54 21.61 -3.56 -21.21
N GLU E 55 21.10 -3.26 -22.42
CA GLU E 55 21.55 -3.99 -23.59
C GLU E 55 23.01 -3.69 -23.91
N GLU E 56 23.48 -2.48 -23.59
CA GLU E 56 24.89 -2.14 -23.79
C GLU E 56 25.78 -2.91 -22.84
N CYS E 57 25.43 -2.93 -21.55
CA CYS E 57 26.26 -3.62 -20.55
C CYS E 57 26.36 -5.11 -20.84
N ASP E 58 25.23 -5.75 -21.17
CA ASP E 58 25.27 -7.17 -21.48
C ASP E 58 26.14 -7.44 -22.70
N LEU E 59 26.23 -6.46 -23.61
CA LEU E 59 27.18 -6.57 -24.72
C LEU E 59 28.61 -6.49 -24.22
N LEU E 60 28.90 -5.50 -23.36
CA LEU E 60 30.23 -5.37 -22.79
C LEU E 60 30.60 -6.60 -21.96
N ILE E 61 29.63 -7.16 -21.25
CA ILE E 61 29.92 -8.33 -20.41
C ILE E 61 30.32 -9.52 -21.28
N GLU E 62 29.51 -9.82 -22.29
CA GLU E 62 29.81 -10.95 -23.16
C GLU E 62 31.14 -10.79 -23.89
N GLN E 63 31.62 -9.55 -24.03
CA GLN E 63 32.83 -9.28 -24.80
C GLN E 63 34.07 -9.06 -23.96
N HIS E 64 33.93 -8.59 -22.71
CA HIS E 64 35.09 -8.11 -21.97
C HIS E 64 35.01 -8.39 -20.48
N LYS E 65 34.29 -9.44 -20.07
CA LYS E 65 34.24 -9.81 -18.66
C LYS E 65 35.56 -10.43 -18.24
N GLU E 66 36.02 -10.06 -17.04
CA GLU E 66 37.23 -10.60 -16.44
C GLU E 66 36.90 -11.10 -15.04
N ARG E 67 37.29 -12.34 -14.75
CA ARG E 67 37.07 -12.89 -13.42
C ARG E 67 38.02 -12.25 -12.42
N ARG E 68 37.51 -12.01 -11.22
CA ARG E 68 38.30 -11.51 -10.10
C ARG E 68 38.03 -12.41 -8.90
N ASN E 69 39.10 -12.90 -8.29
CA ASN E 69 38.99 -13.72 -7.08
C ASN E 69 40.18 -13.34 -6.20
N LEU E 70 39.99 -12.31 -5.38
CA LEU E 70 41.08 -11.74 -4.62
C LEU E 70 40.55 -11.21 -3.30
N LEU E 71 41.48 -10.91 -2.40
CA LEU E 71 41.21 -10.23 -1.14
C LEU E 71 41.95 -8.91 -1.17
N LEU E 72 41.29 -7.83 -0.80
CA LEU E 72 41.87 -6.50 -0.86
C LEU E 72 42.41 -6.11 0.51
N SER E 73 43.73 -5.92 0.61
CA SER E 73 44.34 -5.68 1.91
C SER E 73 43.96 -4.30 2.46
N THR E 74 43.71 -3.31 1.60
CA THR E 74 43.31 -2.00 2.09
C THR E 74 41.91 -1.99 2.69
N THR E 75 41.15 -3.07 2.55
CA THR E 75 39.83 -3.22 3.16
C THR E 75 39.80 -4.46 4.04
N GLY E 76 40.86 -4.67 4.82
CA GLY E 76 40.90 -5.81 5.74
C GLY E 76 40.80 -7.16 5.08
N ASN E 77 41.31 -7.31 3.85
CA ASN E 77 41.28 -8.58 3.12
C ASN E 77 39.84 -9.07 2.91
N THR E 78 38.92 -8.14 2.63
CA THR E 78 37.59 -8.53 2.20
C THR E 78 37.65 -9.05 0.77
N PRO E 79 36.85 -10.05 0.43
CA PRO E 79 36.96 -10.66 -0.90
C PRO E 79 36.36 -9.80 -2.00
N ARG E 80 36.92 -9.96 -3.19
CA ARG E 80 36.31 -9.48 -4.43
C ARG E 80 36.21 -10.70 -5.32
N ARG E 81 35.07 -11.37 -5.27
CA ARG E 81 34.82 -12.59 -6.05
C ARG E 81 33.67 -12.28 -6.99
N MET E 82 34.01 -11.99 -8.25
CA MET E 82 33.04 -11.56 -9.24
C MET E 82 33.72 -11.60 -10.60
N SER E 83 33.00 -11.13 -11.61
CA SER E 83 33.57 -10.70 -12.87
C SER E 83 33.46 -9.19 -12.96
N VAL E 84 34.33 -8.57 -13.76
CA VAL E 84 34.32 -7.13 -13.94
C VAL E 84 34.48 -6.78 -15.42
N VAL E 85 34.04 -5.57 -15.77
CA VAL E 85 34.32 -4.95 -17.06
C VAL E 85 34.94 -3.60 -16.79
N LYS E 86 36.17 -3.40 -17.29
CA LYS E 86 36.96 -2.24 -16.93
C LYS E 86 36.35 -0.94 -17.46
N SER E 87 36.74 0.17 -16.84
CA SER E 87 36.20 1.47 -17.21
C SER E 87 36.60 1.86 -18.63
N GLU E 88 37.82 1.51 -19.05
CA GLU E 88 38.25 1.85 -20.40
C GLU E 88 37.39 1.17 -21.45
N GLU E 89 36.92 -0.05 -21.17
CA GLU E 89 36.03 -0.73 -22.11
C GLU E 89 34.64 -0.10 -22.11
N ILE E 90 34.11 0.21 -20.93
CA ILE E 90 32.81 0.86 -20.84
C ILE E 90 32.84 2.25 -21.45
N GLU E 91 34.00 2.92 -21.39
CA GLU E 91 34.12 4.28 -21.91
C GLU E 91 33.77 4.35 -23.39
N LYS E 92 33.92 3.24 -24.12
CA LYS E 92 33.67 3.25 -25.55
C LYS E 92 32.19 3.36 -25.90
N SER E 93 31.30 3.11 -24.93
CA SER E 93 29.87 3.20 -25.16
C SER E 93 29.44 4.66 -25.16
N GLU E 94 28.95 5.13 -26.31
CA GLU E 94 28.58 6.54 -26.41
C GLU E 94 27.39 6.88 -25.52
N LEU E 95 26.45 5.94 -25.34
CA LEU E 95 25.27 6.22 -24.54
C LEU E 95 25.61 6.30 -23.06
N ILE E 96 26.39 5.34 -22.57
CA ILE E 96 26.77 5.34 -21.16
C ILE E 96 27.66 6.53 -20.83
N SER E 97 28.60 6.85 -21.71
CA SER E 97 29.56 7.91 -21.43
C SER E 97 28.90 9.28 -21.38
N THR E 98 28.01 9.57 -22.34
CA THR E 98 27.37 10.88 -22.36
C THR E 98 26.30 11.01 -21.29
N LEU E 99 25.68 9.89 -20.90
CA LEU E 99 24.70 9.91 -19.82
C LEU E 99 25.36 10.23 -18.48
N SER E 100 26.50 9.61 -18.21
CA SER E 100 27.25 9.89 -16.99
C SER E 100 27.65 11.35 -16.89
N ARG E 101 27.77 12.05 -18.02
CA ARG E 101 28.11 13.46 -18.04
C ARG E 101 26.91 14.35 -18.35
N SER E 102 25.70 13.80 -18.30
CA SER E 102 24.51 14.59 -18.60
C SER E 102 24.29 15.66 -17.54
N GLU E 103 24.18 16.91 -17.98
CA GLU E 103 23.92 18.00 -17.05
C GLU E 103 22.54 17.91 -16.43
N VAL E 104 21.60 17.22 -17.08
CA VAL E 104 20.26 17.05 -16.50
C VAL E 104 20.29 16.02 -15.38
N LEU E 105 20.96 14.89 -15.62
CA LEU E 105 21.07 13.86 -14.60
C LEU E 105 21.88 14.36 -13.41
N LEU E 106 23.06 14.93 -13.68
CA LEU E 106 23.92 15.41 -12.61
C LEU E 106 23.30 16.59 -11.88
N GLY E 107 22.61 17.48 -12.61
CA GLY E 107 21.95 18.59 -11.97
C GLY E 107 20.79 18.17 -11.10
N PHE E 108 20.16 17.04 -11.43
CA PHE E 108 19.05 16.56 -10.64
C PHE E 108 19.54 15.89 -9.35
N LEU E 109 20.49 14.97 -9.47
CA LEU E 109 21.03 14.30 -8.30
C LEU E 109 21.77 15.25 -7.36
N ALA E 110 22.18 16.43 -7.84
CA ALA E 110 22.80 17.40 -6.95
C ALA E 110 21.80 17.98 -5.95
N GLY E 111 20.51 17.84 -6.21
CA GLY E 111 19.51 18.21 -5.20
C GLY E 111 19.36 17.20 -4.09
N ILE E 112 19.85 15.98 -4.32
CA ILE E 112 19.85 14.93 -3.31
C ILE E 112 21.17 14.93 -2.53
N THR E 113 22.29 15.13 -3.22
CA THR E 113 23.57 15.28 -2.55
C THR E 113 23.74 16.65 -1.90
N ARG E 114 23.01 17.65 -2.39
CA ARG E 114 23.11 19.04 -1.94
C ARG E 114 24.52 19.61 -2.17
N GLU E 115 25.18 19.16 -3.22
CA GLU E 115 26.47 19.71 -3.63
C GLU E 115 26.74 19.29 -5.06
N GLU E 116 27.60 20.06 -5.73
CA GLU E 116 27.92 19.81 -7.12
C GLU E 116 28.53 18.42 -7.29
N ILE E 117 28.01 17.68 -8.27
CA ILE E 117 28.52 16.37 -8.63
C ILE E 117 29.44 16.57 -9.83
N ILE E 118 30.72 16.31 -9.63
CA ILE E 118 31.75 16.65 -10.61
C ILE E 118 32.19 15.38 -11.32
N PRO E 119 32.08 15.32 -12.65
CA PRO E 119 32.51 14.13 -13.40
C PRO E 119 33.99 14.16 -13.76
N GLU E 120 34.83 14.41 -12.77
CA GLU E 120 36.29 14.46 -12.94
C GLU E 120 36.89 13.41 -12.02
N VAL E 121 36.93 12.17 -12.48
CA VAL E 121 37.49 11.06 -11.72
C VAL E 121 38.53 10.35 -12.58
N SER E 122 39.32 9.49 -11.92
CA SER E 122 40.36 8.74 -12.59
C SER E 122 39.78 7.97 -13.77
N SER E 123 40.54 7.90 -14.86
CA SER E 123 40.06 7.26 -16.07
C SER E 123 39.79 5.77 -15.88
N ASP E 124 40.35 5.15 -14.85
CA ASP E 124 40.13 3.73 -14.60
C ASP E 124 39.02 3.48 -13.58
N GLU E 125 38.29 4.52 -13.18
CA GLU E 125 37.20 4.38 -12.23
C GLU E 125 35.96 5.18 -12.64
N ARG E 126 35.93 5.73 -13.86
CA ARG E 126 34.74 6.42 -14.34
C ARG E 126 33.55 5.49 -14.38
N TYR E 127 33.75 4.24 -14.81
CA TYR E 127 32.68 3.26 -14.87
C TYR E 127 33.19 1.93 -14.37
N LEU E 128 32.25 1.05 -14.04
CA LEU E 128 32.59 -0.31 -13.65
C LEU E 128 31.33 -1.16 -13.74
N ILE E 129 31.48 -2.36 -14.29
CA ILE E 129 30.44 -3.38 -14.27
C ILE E 129 30.96 -4.54 -13.44
N THR E 130 30.18 -4.98 -12.46
CA THR E 130 30.46 -6.19 -11.74
C THR E 130 29.42 -7.23 -12.12
N HIS E 131 29.85 -8.47 -12.30
CA HIS E 131 29.00 -9.54 -12.79
C HIS E 131 29.28 -10.77 -11.91
N GLN E 132 28.48 -10.95 -10.88
CA GLN E 132 28.62 -12.09 -9.99
C GLN E 132 27.69 -13.20 -10.45
N GLU E 133 28.21 -14.43 -10.46
CA GLU E 133 27.45 -15.55 -11.02
C GLU E 133 27.41 -16.76 -10.11
N PHE E 134 28.49 -16.99 -9.36
CA PHE E 134 28.66 -18.23 -8.62
C PHE E 134 28.33 -18.04 -7.15
N LYS E 135 28.09 -19.16 -6.47
CA LYS E 135 27.92 -19.15 -5.03
C LYS E 135 29.17 -18.58 -4.37
N SER E 136 28.96 -17.74 -3.37
CA SER E 136 29.99 -17.05 -2.57
C SER E 136 30.55 -15.85 -3.31
N ASP E 137 30.09 -15.54 -4.52
CA ASP E 137 30.51 -14.32 -5.18
C ASP E 137 30.05 -13.12 -4.37
N THR E 138 30.93 -12.15 -4.19
CA THR E 138 30.61 -11.03 -3.32
C THR E 138 31.54 -9.86 -3.60
N HIS E 139 31.01 -8.66 -3.42
CA HIS E 139 31.79 -7.44 -3.37
C HIS E 139 31.95 -7.11 -1.89
N GLY E 140 33.09 -7.49 -1.32
CA GLY E 140 33.29 -7.42 0.11
C GLY E 140 33.31 -5.99 0.62
N TRP E 141 33.21 -5.87 1.94
CA TRP E 141 33.16 -4.57 2.61
C TRP E 141 34.27 -3.65 2.10
N HIS E 142 33.89 -2.43 1.76
CA HIS E 142 34.83 -1.47 1.20
C HIS E 142 34.24 -0.07 1.31
N TRP E 143 35.06 0.91 1.00
CA TRP E 143 34.64 2.28 0.74
C TRP E 143 34.98 2.63 -0.69
N GLY E 144 34.60 3.84 -1.09
CA GLY E 144 34.98 4.40 -2.38
C GLY E 144 36.06 5.45 -2.19
N ASP E 145 36.92 5.58 -3.19
CA ASP E 145 37.87 6.69 -3.19
C ASP E 145 37.17 8.01 -3.51
N TYR E 146 36.04 7.97 -4.21
CA TYR E 146 35.26 9.15 -4.55
C TYR E 146 33.97 9.18 -3.75
N SER E 147 33.33 10.35 -3.77
CA SER E 147 32.16 10.57 -2.91
C SER E 147 30.92 9.88 -3.44
N PHE E 148 30.70 9.90 -4.75
CA PHE E 148 29.41 9.56 -5.32
C PHE E 148 29.53 8.36 -6.26
N ALA E 149 28.45 7.59 -6.32
CA ALA E 149 28.35 6.50 -7.27
C ALA E 149 26.88 6.23 -7.53
N LEU E 150 26.51 6.15 -8.80
CA LEU E 150 25.17 5.76 -9.20
C LEU E 150 25.22 4.31 -9.69
N ILE E 151 24.54 3.43 -8.98
CA ILE E 151 24.57 2.01 -9.28
C ILE E 151 23.29 1.63 -10.01
N TRP E 152 23.43 0.87 -11.09
CA TRP E 152 22.30 0.40 -11.87
C TRP E 152 22.09 -1.08 -11.55
N ALA E 153 21.10 -1.36 -10.70
CA ALA E 153 20.77 -2.74 -10.38
C ALA E 153 20.21 -3.43 -11.62
N LEU E 154 21.07 -3.71 -12.60
CA LEU E 154 20.61 -4.18 -13.90
C LEU E 154 19.87 -5.52 -13.77
N ARG E 155 20.46 -6.45 -13.03
CA ARG E 155 19.85 -7.77 -12.85
C ARG E 155 20.14 -8.23 -11.43
N MET E 156 19.09 -8.40 -10.63
CA MET E 156 19.24 -8.84 -9.26
C MET E 156 18.62 -10.20 -9.07
N PRO E 157 19.29 -11.14 -8.41
CA PRO E 157 18.66 -12.40 -8.07
C PRO E 157 17.59 -12.19 -7.01
N PRO E 158 16.82 -13.21 -6.66
CA PRO E 158 15.91 -13.09 -5.53
C PRO E 158 16.67 -12.83 -4.23
N ILE E 159 16.01 -12.13 -3.30
CA ILE E 159 16.63 -11.76 -2.04
C ILE E 159 17.08 -13.00 -1.28
N GLU E 160 16.38 -14.12 -1.45
CA GLU E 160 16.74 -15.35 -0.76
C GLU E 160 18.11 -15.88 -1.17
N HIS E 161 18.65 -15.44 -2.32
CA HIS E 161 19.96 -15.87 -2.77
C HIS E 161 21.08 -14.95 -2.34
N GLY E 162 20.78 -13.88 -1.60
CA GLY E 162 21.79 -12.88 -1.28
C GLY E 162 21.82 -11.78 -2.33
N GLY E 163 22.93 -11.06 -2.34
CA GLY E 163 23.12 -9.99 -3.29
C GLY E 163 22.61 -8.63 -2.85
N MET E 164 22.05 -8.53 -1.64
CA MET E 164 21.62 -7.25 -1.14
C MET E 164 22.82 -6.37 -0.81
N LEU E 165 22.61 -5.06 -0.85
CA LEU E 165 23.63 -4.10 -0.45
C LEU E 165 23.47 -3.81 1.03
N GLN E 166 24.51 -4.12 1.81
CA GLN E 166 24.56 -3.75 3.21
C GLN E 166 25.40 -2.49 3.36
N ALA E 167 24.96 -1.57 4.21
CA ALA E 167 25.60 -0.27 4.30
C ALA E 167 25.68 0.20 5.75
N VAL E 168 26.76 0.89 6.07
CA VAL E 168 26.91 1.59 7.34
C VAL E 168 27.32 3.02 7.03
N PRO E 169 26.41 4.00 7.13
CA PRO E 169 26.77 5.38 6.79
C PRO E 169 27.60 6.01 7.89
N HIS E 170 28.10 7.22 7.58
CA HIS E 170 28.83 8.05 8.54
C HIS E 170 30.07 7.33 9.06
N THR E 171 30.86 6.80 8.12
CA THR E 171 32.15 6.19 8.45
C THR E 171 33.24 6.81 7.58
N HIS E 172 34.41 6.19 7.55
CA HIS E 172 35.49 6.69 6.71
C HIS E 172 36.51 5.57 6.51
N TRP E 173 37.33 5.74 5.49
CA TRP E 173 38.25 4.69 5.01
C TRP E 173 39.67 5.07 5.37
N ASP E 174 40.27 4.31 6.29
CA ASP E 174 41.70 4.37 6.55
C ASP E 174 42.31 3.13 5.91
N LYS E 175 43.06 3.32 4.83
CA LYS E 175 43.57 2.16 4.09
C LYS E 175 44.62 1.41 4.89
N SER E 176 45.30 2.08 5.81
CA SER E 176 46.26 1.43 6.69
C SER E 176 45.59 0.72 7.86
N ASN E 177 44.38 1.14 8.22
CA ASN E 177 43.67 0.62 9.39
C ASN E 177 42.17 0.67 9.13
N PRO E 178 41.67 -0.23 8.27
CA PRO E 178 40.25 -0.13 7.85
C PRO E 178 39.26 -0.29 8.98
N ARG E 179 39.54 -1.17 9.94
CA ARG E 179 38.68 -1.36 11.11
C ARG E 179 37.26 -1.75 10.70
N ILE E 180 37.14 -2.65 9.73
CA ILE E 180 35.83 -3.00 9.21
C ILE E 180 35.02 -3.77 10.26
N ASN E 181 35.54 -4.91 10.71
CA ASN E 181 34.79 -5.72 11.66
C ASN E 181 34.57 -4.99 12.98
N GLN E 182 35.51 -4.12 13.37
CA GLN E 182 35.30 -3.29 14.55
C GLN E 182 34.21 -2.26 14.33
N THR E 183 34.13 -1.69 13.11
CA THR E 183 33.07 -0.75 12.80
C THR E 183 31.70 -1.42 12.89
N LEU E 184 31.60 -2.66 12.39
CA LEU E 184 30.33 -3.37 12.42
C LEU E 184 29.89 -3.67 13.85
N CYS E 185 30.85 -3.90 14.76
CA CYS E 185 30.50 -4.11 16.16
C CYS E 185 29.96 -2.86 16.83
N GLU E 186 30.33 -1.68 16.33
CA GLU E 186 29.91 -0.43 16.94
C GLU E 186 28.68 0.18 16.29
N ARG E 187 28.30 -0.29 15.11
CA ARG E 187 27.31 0.38 14.28
C ARG E 187 26.31 -0.62 13.74
N GLU E 188 25.08 -0.16 13.52
CA GLU E 188 24.05 -1.01 12.93
C GLU E 188 24.19 -1.05 11.41
N ILE E 189 24.03 -2.25 10.86
CA ILE E 189 24.14 -2.47 9.43
C ILE E 189 22.77 -2.29 8.81
N ASN E 190 22.69 -1.45 7.79
CA ASN E 190 21.49 -1.29 6.97
C ASN E 190 21.59 -2.22 5.78
N THR E 191 20.63 -3.13 5.64
CA THR E 191 20.56 -4.03 4.50
C THR E 191 19.54 -3.50 3.50
N HIS E 192 19.98 -3.29 2.26
CA HIS E 192 19.15 -2.69 1.21
C HIS E 192 18.91 -3.72 0.12
N GLY E 193 17.72 -4.32 0.12
CA GLY E 193 17.37 -5.26 -0.94
C GLY E 193 17.09 -4.54 -2.24
N LEU E 194 17.53 -5.14 -3.34
CA LEU E 194 17.43 -4.53 -4.66
C LEU E 194 16.71 -5.46 -5.63
N GLU E 195 16.04 -4.86 -6.61
CA GLU E 195 15.35 -5.60 -7.66
C GLU E 195 15.83 -5.11 -9.02
N SER E 196 15.79 -6.02 -10.00
CA SER E 196 16.14 -5.67 -11.37
C SER E 196 15.37 -4.43 -11.81
N GLY E 197 16.09 -3.46 -12.35
CA GLY E 197 15.51 -2.20 -12.77
C GLY E 197 15.67 -1.07 -11.79
N ASP E 198 16.03 -1.36 -10.54
CA ASP E 198 16.31 -0.31 -9.57
C ASP E 198 17.62 0.38 -9.90
N LEU E 199 17.71 1.64 -9.47
CA LEU E 199 18.98 2.36 -9.36
C LEU E 199 19.11 2.86 -7.93
N TYR E 200 20.31 3.26 -7.55
CA TYR E 200 20.49 3.91 -6.26
C TYR E 200 21.74 4.78 -6.27
N LEU E 201 21.65 5.87 -5.52
CA LEU E 201 22.78 6.78 -5.31
C LEU E 201 23.44 6.42 -3.99
N LEU E 202 24.77 6.30 -4.00
CA LEU E 202 25.53 5.89 -2.84
C LEU E 202 26.63 6.89 -2.55
N ARG E 203 26.73 7.30 -1.29
CA ARG E 203 27.84 8.15 -0.83
C ARG E 203 28.97 7.21 -0.46
N THR E 204 29.84 6.93 -1.43
CA THR E 204 30.77 5.81 -1.33
C THR E 204 31.94 6.05 -0.38
N ASP E 205 32.30 7.30 -0.07
CA ASP E 205 33.48 7.56 0.73
C ASP E 205 33.22 7.56 2.23
N THR E 206 31.98 7.80 2.66
CA THR E 206 31.62 7.77 4.07
C THR E 206 30.62 6.67 4.40
N THR E 207 30.31 5.79 3.46
CA THR E 207 29.39 4.68 3.70
C THR E 207 30.15 3.38 3.46
N LEU E 208 30.39 2.63 4.53
CA LEU E 208 30.94 1.30 4.40
C LEU E 208 29.88 0.37 3.84
N HIS E 209 30.21 -0.34 2.77
CA HIS E 209 29.19 -1.12 2.08
C HIS E 209 29.80 -2.38 1.48
N ARG E 210 28.91 -3.36 1.26
CA ARG E 210 29.27 -4.61 0.59
C ARG E 210 28.00 -5.16 -0.06
N THR E 211 28.18 -6.18 -0.89
CA THR E 211 27.07 -6.97 -1.37
C THR E 211 27.08 -8.32 -0.64
N VAL E 212 25.91 -8.76 -0.20
CA VAL E 212 25.85 -10.02 0.54
C VAL E 212 26.23 -11.16 -0.39
N PRO E 213 27.11 -12.08 0.01
CA PRO E 213 27.53 -13.16 -0.90
C PRO E 213 26.34 -13.96 -1.40
N LEU E 214 26.43 -14.39 -2.65
CA LEU E 214 25.38 -15.22 -3.23
C LEU E 214 25.40 -16.60 -2.57
N SER E 215 24.30 -16.96 -1.90
CA SER E 215 24.21 -18.25 -1.24
C SER E 215 24.08 -19.41 -2.22
N GLU E 216 23.82 -19.11 -3.49
CA GLU E 216 23.81 -20.14 -4.52
C GLU E 216 24.13 -19.46 -5.84
N ASP E 217 24.45 -20.29 -6.83
CA ASP E 217 24.76 -19.78 -8.16
C ASP E 217 23.56 -19.02 -8.71
N SER E 218 23.70 -17.70 -8.87
CA SER E 218 22.66 -16.88 -9.48
C SER E 218 23.29 -15.93 -10.49
N THR E 219 22.71 -14.75 -10.66
CA THR E 219 23.33 -13.74 -11.53
C THR E 219 22.98 -12.35 -10.99
N ARG E 220 24.03 -11.61 -10.64
CA ARG E 220 23.91 -10.25 -10.13
C ARG E 220 24.77 -9.35 -11.01
N THR E 221 24.19 -8.27 -11.52
CA THR E 221 24.84 -7.42 -12.51
C THR E 221 24.54 -5.96 -12.20
N ILE E 222 25.58 -5.15 -12.06
CA ILE E 222 25.40 -3.72 -11.84
C ILE E 222 26.32 -2.93 -12.75
N LEU E 223 25.93 -1.68 -12.99
CA LEU E 223 26.79 -0.68 -13.61
C LEU E 223 27.02 0.42 -12.59
N ASN E 224 28.29 0.77 -12.37
CA ASN E 224 28.67 1.82 -11.45
C ASN E 224 29.11 3.04 -12.25
N MET E 225 28.43 4.16 -12.04
CA MET E 225 28.89 5.46 -12.51
C MET E 225 29.42 6.21 -11.29
N THR E 226 30.74 6.34 -11.21
CA THR E 226 31.37 7.03 -10.11
C THR E 226 31.63 8.48 -10.49
N TRP E 227 31.37 9.37 -9.54
CA TRP E 227 31.64 10.80 -9.69
C TRP E 227 32.34 11.32 -8.45
N ALA E 228 32.89 12.53 -8.59
CA ALA E 228 33.59 13.20 -7.50
C ALA E 228 32.74 14.33 -6.95
N ALA E 229 32.96 14.63 -5.68
CA ALA E 229 32.56 15.89 -5.08
C ALA E 229 33.76 16.83 -5.05
N LYS E 230 33.54 18.07 -4.63
CA LYS E 230 34.64 19.02 -4.60
C LYS E 230 35.77 18.54 -3.70
N ARG E 231 35.44 17.80 -2.65
CA ARG E 231 36.44 17.34 -1.69
C ARG E 231 37.40 16.31 -2.30
N ASP E 232 37.04 15.68 -3.42
CA ASP E 232 37.89 14.67 -4.01
C ASP E 232 38.87 15.22 -5.06
N LEU E 233 38.70 16.48 -5.46
CA LEU E 233 39.51 17.04 -6.55
C LEU E 233 40.98 17.20 -6.19
N ASP E 236 45.12 12.70 -3.26
CA ASP E 236 45.41 11.84 -4.41
C ASP E 236 44.89 10.43 -4.19
N LEU E 237 44.96 9.60 -5.23
CA LEU E 237 44.57 8.20 -5.14
C LEU E 237 45.77 7.39 -4.64
N VAL E 238 45.58 6.68 -3.54
CA VAL E 238 46.64 5.90 -2.92
C VAL E 238 46.09 4.55 -2.50
N GLY E 239 47.00 3.65 -2.14
CA GLY E 239 46.65 2.31 -1.67
C GLY E 239 47.14 1.19 -2.56
N ASN E 240 47.42 1.47 -3.83
CA ASN E 240 47.79 0.44 -4.81
C ASN E 240 46.78 -0.70 -4.81
N ASP E 241 45.49 -0.34 -4.77
CA ASP E 241 44.41 -1.30 -4.58
C ASP E 241 43.35 -1.19 -5.67
N ARG E 242 43.75 -0.78 -6.87
CA ARG E 242 42.81 -0.64 -7.99
C ARG E 242 42.64 -1.98 -8.70
N TRP E 243 42.08 -2.92 -7.93
CA TRP E 243 42.03 -4.32 -8.31
C TRP E 243 41.17 -4.57 -9.54
N TRP E 244 40.13 -3.75 -9.73
CA TRP E 244 39.28 -3.90 -10.92
C TRP E 244 40.05 -3.57 -12.19
N GLU E 245 40.99 -2.62 -12.11
CA GLU E 245 41.82 -2.23 -13.24
C GLU E 245 43.05 -3.11 -13.39
N ASN E 246 43.65 -3.52 -12.29
CA ASN E 246 44.81 -4.40 -12.32
C ASN E 246 44.64 -5.51 -11.29
N PRO E 247 44.44 -6.77 -11.71
CA PRO E 247 44.28 -7.85 -10.74
C PRO E 247 45.54 -8.17 -9.97
N GLU E 248 46.72 -7.83 -10.51
CA GLU E 248 47.98 -8.03 -9.83
C GLU E 248 48.40 -6.81 -9.01
N ALA E 249 47.46 -5.96 -8.63
CA ALA E 249 47.77 -4.80 -7.79
C ALA E 249 48.38 -5.27 -6.48
N GLU E 250 49.12 -4.36 -5.84
CA GLU E 250 49.83 -4.74 -4.62
C GLU E 250 48.86 -5.23 -3.55
N ALA E 251 47.77 -4.49 -3.32
CA ALA E 251 46.85 -4.81 -2.24
C ALA E 251 45.96 -5.99 -2.55
N ALA E 252 46.08 -6.53 -3.74
CA ALA E 252 45.20 -7.64 -4.18
C ALA E 252 45.84 -8.98 -3.84
N ARG E 253 45.25 -9.69 -2.90
CA ARG E 253 45.75 -11.02 -2.51
C ARG E 253 44.93 -12.10 -3.22
N VAL F 3 48.21 38.03 23.58
CA VAL F 3 47.45 38.34 22.38
C VAL F 3 47.51 37.16 21.40
N GLU F 4 48.56 37.14 20.57
CA GLU F 4 48.75 36.07 19.60
C GLU F 4 49.12 34.74 20.24
N GLN F 5 49.51 34.74 21.51
CA GLN F 5 49.79 33.48 22.21
C GLN F 5 48.53 32.64 22.41
N ILE F 6 47.34 33.20 22.16
CA ILE F 6 46.12 32.43 22.33
C ILE F 6 46.01 31.34 21.28
N ASP F 7 46.59 31.54 20.10
CA ASP F 7 46.66 30.49 19.08
C ASP F 7 47.84 29.56 19.31
N GLU F 8 48.95 30.06 19.85
CA GLU F 8 50.06 29.18 20.18
C GLU F 8 49.70 28.28 21.36
N ASN F 9 49.02 28.82 22.36
CA ASN F 9 48.64 28.01 23.52
C ASN F 9 47.53 27.04 23.16
N LEU F 10 46.61 27.45 22.28
CA LEU F 10 45.52 26.57 21.89
C LEU F 10 46.00 25.44 20.98
N ALA F 11 46.94 25.75 20.08
CA ALA F 11 47.47 24.72 19.19
C ALA F 11 48.17 23.61 19.97
N LYS F 12 49.01 23.98 20.92
CA LYS F 12 49.66 22.97 21.75
C LYS F 12 48.65 22.24 22.63
N PHE F 13 47.59 22.93 23.05
CA PHE F 13 46.56 22.30 23.87
C PHE F 13 45.85 21.19 23.11
N LEU F 14 45.46 21.47 21.86
CA LEU F 14 44.76 20.50 21.04
C LEU F 14 45.68 19.39 20.53
N ALA F 15 46.95 19.72 20.27
CA ALA F 15 47.87 18.70 19.74
C ALA F 15 48.16 17.61 20.76
N GLU F 16 48.10 17.93 22.05
CA GLU F 16 48.35 16.96 23.10
C GLU F 16 47.11 16.14 23.45
N ARG F 17 45.96 16.47 22.87
CA ARG F 17 44.70 15.82 23.22
C ARG F 17 43.93 15.24 22.04
N TYR F 18 44.43 15.37 20.80
CA TYR F 18 43.75 14.85 19.62
C TYR F 18 44.76 14.40 18.58
N THR F 19 44.42 13.34 17.85
CA THR F 19 45.17 12.85 16.70
C THR F 19 44.28 12.92 15.46
N PRO F 20 44.87 12.91 14.26
CA PRO F 20 44.03 12.87 13.05
C PRO F 20 43.11 11.67 13.01
N GLU F 21 43.50 10.56 13.64
CA GLU F 21 42.64 9.39 13.68
C GLU F 21 41.47 9.59 14.62
N SER F 22 41.71 10.21 15.78
CA SER F 22 40.64 10.41 16.75
C SER F 22 39.70 11.53 16.33
N VAL F 23 40.20 12.50 15.56
CA VAL F 23 39.32 13.52 14.99
C VAL F 23 38.43 12.91 13.90
N ALA F 24 38.98 11.95 13.14
CA ALA F 24 38.17 11.25 12.14
C ALA F 24 36.98 10.54 12.77
N GLN F 25 37.16 10.03 14.00
CA GLN F 25 36.03 9.42 14.69
C GLN F 25 34.99 10.46 15.09
N LEU F 26 35.45 11.64 15.51
CA LEU F 26 34.51 12.72 15.81
C LEU F 26 33.81 13.23 14.56
N ALA F 27 34.47 13.15 13.41
CA ALA F 27 33.80 13.50 12.16
C ALA F 27 32.68 12.52 11.85
N ASP F 28 32.90 11.23 12.12
CA ASP F 28 31.82 10.26 11.94
C ASP F 28 30.64 10.58 12.84
N ARG F 29 30.90 10.92 14.11
CA ARG F 29 29.81 11.25 15.01
C ARG F 29 29.13 12.56 14.64
N PHE F 30 29.88 13.50 14.08
CA PHE F 30 29.28 14.75 13.64
C PHE F 30 28.35 14.53 12.45
N HIS F 31 28.78 13.73 11.48
CA HIS F 31 27.93 13.43 10.34
C HIS F 31 26.71 12.60 10.74
N ARG F 32 26.86 11.73 11.73
CA ARG F 32 25.75 10.86 12.11
C ARG F 32 24.71 11.58 12.93
N PHE F 33 25.14 12.39 13.91
CA PHE F 33 24.20 13.03 14.82
C PHE F 33 24.04 14.51 14.59
N GLY F 34 24.80 15.10 13.67
CA GLY F 34 24.83 16.54 13.55
C GLY F 34 25.37 17.22 14.79
N PHE F 35 25.95 16.46 15.69
CA PHE F 35 26.24 16.93 17.04
C PHE F 35 27.50 16.24 17.55
N VAL F 36 28.44 17.02 18.06
CA VAL F 36 29.63 16.49 18.71
C VAL F 36 29.87 17.31 19.97
N LYS F 37 29.99 16.63 21.11
CA LYS F 37 30.11 17.29 22.40
C LYS F 37 31.55 17.23 22.89
N PHE F 38 32.02 18.34 23.43
CA PHE F 38 33.37 18.47 23.97
C PHE F 38 33.25 18.57 25.49
N ASP F 39 33.29 17.43 26.15
CA ASP F 39 33.12 17.36 27.59
C ASP F 39 34.48 17.17 28.26
N ALA F 40 34.48 16.60 29.47
CA ALA F 40 35.74 16.41 30.19
C ALA F 40 36.66 15.43 29.45
N ALA F 41 36.09 14.41 28.80
CA ALA F 41 36.91 13.44 28.10
C ALA F 41 37.50 14.00 26.82
N ASN F 42 36.95 15.09 26.29
CA ASN F 42 37.44 15.69 25.05
C ASN F 42 37.28 17.21 25.17
N ARG F 43 38.26 17.85 25.80
CA ARG F 43 38.21 19.29 25.95
C ARG F 43 38.57 19.98 24.64
N LEU F 44 38.07 21.21 24.48
CA LEU F 44 38.36 22.04 23.31
C LEU F 44 39.20 23.26 23.64
N VAL F 45 38.97 23.90 24.78
CA VAL F 45 39.76 25.06 25.21
C VAL F 45 40.29 24.83 26.62
N PRO F 46 41.40 25.47 27.01
CA PRO F 46 41.86 25.37 28.40
C PRO F 46 40.85 25.99 29.36
N ASP F 47 40.92 25.55 30.62
CA ASP F 47 39.98 26.03 31.63
C ASP F 47 40.11 27.53 31.84
N GLU F 48 41.34 28.05 31.79
CA GLU F 48 41.51 29.49 31.95
C GLU F 48 40.88 30.26 30.80
N LEU F 49 40.85 29.68 29.60
CA LEU F 49 40.25 30.36 28.46
C LEU F 49 38.73 30.36 28.54
N GLN F 50 38.14 29.25 28.97
CA GLN F 50 36.68 29.22 29.13
C GLN F 50 36.23 30.09 30.28
N THR F 51 37.03 30.14 31.36
CA THR F 51 36.70 31.04 32.46
C THR F 51 36.70 32.49 32.00
N ALA F 52 37.57 32.85 31.06
CA ALA F 52 37.59 34.20 30.53
C ALA F 52 36.42 34.46 29.60
N VAL F 53 36.05 33.47 28.79
CA VAL F 53 34.87 33.61 27.92
C VAL F 53 33.61 33.67 28.76
N ARG F 54 33.50 32.80 29.77
CA ARG F 54 32.35 32.85 30.66
C ARG F 54 32.26 34.18 31.40
N GLU F 55 33.41 34.71 31.85
CA GLU F 55 33.40 35.97 32.57
C GLU F 55 32.99 37.13 31.66
N GLU F 56 33.34 37.06 30.38
CA GLU F 56 32.90 38.08 29.43
C GLU F 56 31.40 38.02 29.21
N CYS F 57 30.83 36.83 29.06
CA CYS F 57 29.41 36.71 28.76
C CYS F 57 28.56 37.16 29.94
N ASP F 58 28.92 36.73 31.15
CA ASP F 58 28.15 37.15 32.32
C ASP F 58 28.10 38.66 32.43
N LEU F 59 29.14 39.35 31.98
CA LEU F 59 29.13 40.81 31.98
C LEU F 59 28.19 41.35 30.91
N LEU F 60 28.26 40.78 29.70
CA LEU F 60 27.34 41.18 28.64
C LEU F 60 25.89 40.91 29.03
N ILE F 61 25.64 39.84 29.79
CA ILE F 61 24.29 39.54 30.23
C ILE F 61 23.82 40.56 31.25
N GLU F 62 24.73 41.01 32.12
CA GLU F 62 24.35 42.01 33.11
C GLU F 62 24.02 43.35 32.48
N GLN F 63 24.53 43.64 31.28
CA GLN F 63 24.36 44.93 30.65
C GLN F 63 23.36 44.96 29.51
N HIS F 64 23.21 43.88 28.74
CA HIS F 64 22.50 43.94 27.47
C HIS F 64 21.50 42.81 27.29
N LYS F 65 20.95 42.30 28.39
CA LYS F 65 19.94 41.25 28.29
C LYS F 65 18.63 41.81 27.74
N GLU F 66 17.94 40.99 26.95
CA GLU F 66 16.65 41.38 26.38
C GLU F 66 15.72 40.19 26.42
N ARG F 67 14.65 40.30 27.20
CA ARG F 67 13.69 39.21 27.32
C ARG F 67 12.95 39.01 26.01
N ARG F 68 12.81 37.74 25.62
CA ARG F 68 12.04 37.35 24.45
C ARG F 68 10.97 36.36 24.89
N ASN F 69 9.71 36.66 24.55
CA ASN F 69 8.60 35.75 24.81
C ASN F 69 7.73 35.75 23.56
N LEU F 70 8.09 34.92 22.58
CA LEU F 70 7.49 34.98 21.25
C LEU F 70 7.36 33.58 20.69
N LEU F 71 6.62 33.50 19.57
CA LEU F 71 6.47 32.28 18.80
C LEU F 71 6.88 32.58 17.36
N LEU F 72 7.79 31.78 16.81
CA LEU F 72 8.33 32.04 15.49
C LEU F 72 7.52 31.28 14.44
N SER F 73 6.89 32.01 13.52
CA SER F 73 6.02 31.37 12.55
C SER F 73 6.81 30.54 11.54
N THR F 74 8.04 30.94 11.22
CA THR F 74 8.83 30.15 10.29
C THR F 74 9.25 28.80 10.86
N THR F 75 9.01 28.56 12.14
CA THR F 75 9.29 27.27 12.77
C THR F 75 8.06 26.76 13.48
N GLY F 76 6.91 26.83 12.82
CA GLY F 76 5.68 26.28 13.37
C GLY F 76 5.23 26.88 14.68
N ASN F 77 5.53 28.16 14.92
CA ASN F 77 5.10 28.87 16.12
C ASN F 77 5.71 28.29 17.39
N THR F 78 6.89 27.68 17.27
CA THR F 78 7.60 27.21 18.44
C THR F 78 8.04 28.40 19.30
N PRO F 79 8.09 28.23 20.62
CA PRO F 79 8.42 29.35 21.49
C PRO F 79 9.90 29.70 21.49
N ARG F 80 10.16 30.98 21.78
CA ARG F 80 11.49 31.49 22.10
C ARG F 80 11.28 32.25 23.40
N ARG F 81 11.50 31.58 24.53
CA ARG F 81 11.29 32.17 25.85
C ARG F 81 12.64 32.19 26.57
N MET F 82 13.28 33.36 26.56
CA MET F 82 14.64 33.49 27.07
C MET F 82 15.02 34.96 27.09
N SER F 83 16.18 35.25 27.65
CA SER F 83 16.86 36.52 27.44
C SER F 83 17.97 36.33 26.42
N VAL F 84 18.27 37.41 25.68
CA VAL F 84 19.26 37.34 24.62
C VAL F 84 20.22 38.53 24.74
N VAL F 85 21.40 38.35 24.14
CA VAL F 85 22.38 39.41 23.97
C VAL F 85 22.73 39.46 22.48
N LYS F 86 22.46 40.60 21.84
CA LYS F 86 22.57 40.71 20.39
C LYS F 86 24.02 40.56 19.92
N SER F 87 24.17 40.15 18.66
CA SER F 87 25.49 39.88 18.11
C SER F 87 26.36 41.11 18.07
N GLU F 88 25.77 42.30 17.90
CA GLU F 88 26.57 43.52 17.84
C GLU F 88 27.21 43.84 19.18
N GLU F 89 26.54 43.49 20.28
CA GLU F 89 27.11 43.71 21.60
C GLU F 89 28.21 42.70 21.91
N ILE F 90 28.03 41.44 21.48
CA ILE F 90 29.07 40.44 21.66
C ILE F 90 30.24 40.70 20.74
N GLU F 91 30.03 41.42 19.64
CA GLU F 91 31.11 41.74 18.72
C GLU F 91 32.18 42.59 19.40
N LYS F 92 31.77 43.49 20.30
CA LYS F 92 32.69 44.44 20.92
C LYS F 92 33.70 43.80 21.87
N SER F 93 33.61 42.49 22.11
CA SER F 93 34.58 41.79 22.93
C SER F 93 35.70 41.25 22.04
N GLU F 94 36.93 41.71 22.27
CA GLU F 94 38.05 41.26 21.46
C GLU F 94 38.36 39.79 21.71
N LEU F 95 38.06 39.29 22.91
CA LEU F 95 38.31 37.89 23.22
C LEU F 95 37.36 36.99 22.42
N ILE F 96 36.06 37.27 22.48
CA ILE F 96 35.09 36.43 21.78
C ILE F 96 35.22 36.60 20.27
N SER F 97 35.39 37.85 19.80
CA SER F 97 35.43 38.08 18.36
C SER F 97 36.64 37.42 17.72
N THR F 98 37.83 37.67 18.28
CA THR F 98 39.04 37.13 17.66
C THR F 98 39.08 35.62 17.77
N LEU F 99 38.68 35.07 18.91
CA LEU F 99 38.66 33.61 19.06
C LEU F 99 37.71 32.95 18.08
N SER F 100 36.56 33.59 17.83
CA SER F 100 35.63 33.08 16.83
C SER F 100 36.26 33.02 15.44
N ARG F 101 37.29 33.82 15.20
CA ARG F 101 37.97 33.85 13.92
C ARG F 101 39.35 33.21 13.98
N SER F 102 39.64 32.48 15.05
CA SER F 102 40.93 31.81 15.20
C SER F 102 41.11 30.76 14.12
N GLU F 103 42.15 30.92 13.29
CA GLU F 103 42.44 29.92 12.28
C GLU F 103 42.80 28.58 12.90
N VAL F 104 43.31 28.60 14.13
CA VAL F 104 43.63 27.36 14.83
C VAL F 104 42.34 26.63 15.23
N LEU F 105 41.41 27.35 15.85
CA LEU F 105 40.14 26.76 16.24
C LEU F 105 39.36 26.28 15.02
N LEU F 106 39.22 27.15 14.01
CA LEU F 106 38.44 26.79 12.84
C LEU F 106 39.11 25.65 12.06
N GLY F 107 40.44 25.67 11.98
CA GLY F 107 41.13 24.60 11.29
C GLY F 107 41.01 23.26 11.99
N PHE F 108 40.82 23.27 13.31
CA PHE F 108 40.66 22.02 14.04
C PHE F 108 39.25 21.46 13.89
N LEU F 109 38.23 22.33 14.02
CA LEU F 109 36.86 21.91 13.83
C LEU F 109 36.55 21.54 12.38
N ALA F 110 37.34 22.04 11.43
CA ALA F 110 37.16 21.63 10.04
C ALA F 110 37.51 20.17 9.82
N GLY F 111 38.29 19.56 10.72
CA GLY F 111 38.51 18.13 10.67
C GLY F 111 37.33 17.32 11.13
N ILE F 112 36.41 17.94 11.86
CA ILE F 112 35.16 17.29 12.28
C ILE F 112 34.07 17.51 11.25
N THR F 113 33.94 18.76 10.75
CA THR F 113 32.98 19.06 9.70
C THR F 113 33.40 18.49 8.34
N ARG F 114 34.69 18.22 8.16
CA ARG F 114 35.26 17.75 6.89
C ARG F 114 35.04 18.75 5.75
N GLU F 115 34.87 20.02 6.08
CA GLU F 115 34.77 21.07 5.07
C GLU F 115 35.15 22.39 5.73
N GLU F 116 35.42 23.39 4.88
CA GLU F 116 35.87 24.67 5.36
C GLU F 116 34.80 25.37 6.20
N ILE F 117 35.22 25.93 7.32
CA ILE F 117 34.36 26.73 8.18
C ILE F 117 34.68 28.19 7.89
N ILE F 118 33.68 28.94 7.44
CA ILE F 118 33.87 30.29 6.93
C ILE F 118 33.25 31.28 7.91
N PRO F 119 34.03 32.19 8.48
CA PRO F 119 33.47 33.13 9.46
C PRO F 119 32.89 34.37 8.81
N GLU F 120 32.19 34.19 7.70
CA GLU F 120 31.50 35.29 7.02
C GLU F 120 30.01 34.98 7.10
N VAL F 121 29.37 35.47 8.16
CA VAL F 121 27.93 35.33 8.35
C VAL F 121 27.35 36.70 8.63
N SER F 122 26.01 36.76 8.62
CA SER F 122 25.31 38.01 8.85
C SER F 122 25.75 38.65 10.16
N SER F 123 25.93 39.98 10.14
CA SER F 123 26.45 40.67 11.32
C SER F 123 25.52 40.54 12.51
N ASP F 124 24.23 40.28 12.29
CA ASP F 124 23.29 40.10 13.38
C ASP F 124 23.20 38.65 13.85
N GLU F 125 24.09 37.78 13.34
CA GLU F 125 24.04 36.36 13.72
C GLU F 125 25.43 35.79 13.99
N ARG F 126 26.48 36.61 14.02
CA ARG F 126 27.82 36.09 14.30
C ARG F 126 27.87 35.44 15.68
N TYR F 127 27.28 36.09 16.68
CA TYR F 127 27.29 35.57 18.04
C TYR F 127 25.91 35.77 18.67
N LEU F 128 25.59 34.90 19.62
CA LEU F 128 24.34 35.05 20.35
C LEU F 128 24.51 34.45 21.73
N ILE F 129 24.00 35.15 22.74
CA ILE F 129 23.91 34.64 24.10
C ILE F 129 22.45 34.47 24.44
N THR F 130 22.07 33.27 24.84
CA THR F 130 20.74 33.01 25.36
C THR F 130 20.84 32.70 26.84
N HIS F 131 19.88 33.20 27.61
CA HIS F 131 19.94 33.12 29.07
C HIS F 131 18.53 32.86 29.59
N GLN F 132 18.18 31.60 29.75
CA GLN F 132 16.87 31.21 30.24
C GLN F 132 16.89 31.18 31.77
N GLU F 133 15.87 31.75 32.39
CA GLU F 133 15.85 31.90 33.83
C GLU F 133 14.63 31.30 34.49
N PHE F 134 13.50 31.23 33.78
CA PHE F 134 12.22 30.89 34.39
C PHE F 134 11.73 29.54 33.90
N LYS F 135 10.80 28.99 34.67
CA LYS F 135 10.09 27.79 34.24
C LYS F 135 9.43 28.06 32.89
N SER F 136 9.40 27.03 32.05
CA SER F 136 8.86 27.06 30.69
C SER F 136 9.75 27.81 29.71
N ASP F 137 10.85 28.41 30.18
CA ASP F 137 11.80 29.00 29.23
C ASP F 137 12.38 27.91 28.35
N THR F 138 12.55 28.23 27.07
CA THR F 138 12.99 27.25 26.10
C THR F 138 13.40 27.97 24.83
N HIS F 139 14.26 27.30 24.07
CA HIS F 139 14.56 27.65 22.68
C HIS F 139 13.87 26.58 21.84
N GLY F 140 12.69 26.89 21.33
CA GLY F 140 11.85 25.89 20.70
C GLY F 140 12.47 25.31 19.43
N TRP F 141 11.79 24.28 18.91
CA TRP F 141 12.28 23.56 17.75
C TRP F 141 12.59 24.52 16.60
N HIS F 142 13.75 24.35 15.99
CA HIS F 142 14.18 25.26 14.93
C HIS F 142 15.36 24.64 14.20
N TRP F 143 15.75 25.30 13.12
CA TRP F 143 16.98 25.07 12.38
C TRP F 143 17.78 26.36 12.37
N GLY F 144 18.97 26.29 11.77
CA GLY F 144 19.76 27.49 11.58
C GLY F 144 19.74 27.97 10.14
N ASP F 145 20.03 29.26 9.94
CA ASP F 145 20.25 29.77 8.60
C ASP F 145 21.60 29.33 8.05
N TYR F 146 22.58 29.11 8.92
CA TYR F 146 23.94 28.74 8.54
C TYR F 146 24.24 27.32 8.96
N SER F 147 25.33 26.79 8.42
CA SER F 147 25.63 25.37 8.57
C SER F 147 26.19 25.01 9.93
N PHE F 148 26.89 25.92 10.59
CA PHE F 148 27.69 25.59 11.76
C PHE F 148 27.39 26.52 12.92
N ALA F 149 27.51 25.99 14.13
CA ALA F 149 27.44 26.82 15.34
C ALA F 149 28.10 26.07 16.48
N LEU F 150 29.11 26.69 17.08
CA LEU F 150 29.72 26.17 18.29
C LEU F 150 29.03 26.79 19.49
N ILE F 151 28.42 25.94 20.33
CA ILE F 151 27.64 26.38 21.47
C ILE F 151 28.47 26.17 22.73
N TRP F 152 28.48 27.18 23.59
CA TRP F 152 29.22 27.14 24.85
C TRP F 152 28.21 26.94 25.98
N ALA F 153 28.12 25.71 26.47
CA ALA F 153 27.27 25.42 27.63
C ALA F 153 27.93 26.03 28.87
N LEU F 154 27.79 27.36 28.99
CA LEU F 154 28.47 28.08 30.06
C LEU F 154 27.92 27.71 31.42
N ARG F 155 26.60 27.65 31.55
CA ARG F 155 25.96 27.27 32.81
C ARG F 155 24.73 26.44 32.49
N MET F 156 24.69 25.22 33.01
CA MET F 156 23.61 24.30 32.76
C MET F 156 22.94 23.88 34.06
N PRO F 157 21.61 23.82 34.09
CA PRO F 157 20.92 23.32 35.27
C PRO F 157 21.04 21.81 35.35
N PRO F 158 20.61 21.21 36.46
CA PRO F 158 20.53 19.75 36.51
C PRO F 158 19.57 19.22 35.46
N ILE F 159 19.83 18.00 35.00
CA ILE F 159 19.06 17.38 33.93
C ILE F 159 17.61 17.19 34.36
N GLU F 160 17.36 16.99 35.65
CA GLU F 160 15.99 16.90 36.16
C GLU F 160 15.21 18.20 36.00
N HIS F 161 15.88 19.32 35.74
CA HIS F 161 15.21 20.59 35.53
C HIS F 161 14.98 20.91 34.06
N GLY F 162 15.46 20.07 33.15
CA GLY F 162 15.34 20.32 31.72
C GLY F 162 16.60 20.93 31.14
N GLY F 163 16.45 21.54 29.97
CA GLY F 163 17.52 22.25 29.33
C GLY F 163 18.39 21.43 28.40
N MET F 164 18.06 20.16 28.19
CA MET F 164 18.83 19.34 27.27
C MET F 164 18.58 19.76 25.83
N LEU F 165 19.56 19.52 24.98
CA LEU F 165 19.44 19.78 23.56
C LEU F 165 18.88 18.53 22.90
N GLN F 166 17.64 18.60 22.44
CA GLN F 166 17.09 17.54 21.61
C GLN F 166 17.39 17.87 20.16
N ALA F 167 17.67 16.84 19.36
CA ALA F 167 18.10 17.07 17.99
C ALA F 167 17.60 15.94 17.10
N VAL F 168 17.27 16.30 15.87
CA VAL F 168 16.94 15.34 14.82
C VAL F 168 17.80 15.66 13.59
N PRO F 169 18.89 14.93 13.37
CA PRO F 169 19.78 15.25 12.26
C PRO F 169 19.20 14.78 10.92
N HIS F 170 19.87 15.20 9.85
CA HIS F 170 19.48 14.87 8.48
C HIS F 170 18.06 15.34 8.20
N THR F 171 17.82 16.62 8.45
CA THR F 171 16.56 17.27 8.13
C THR F 171 16.86 18.53 7.33
N HIS F 172 15.82 19.29 7.02
CA HIS F 172 16.01 20.57 6.35
C HIS F 172 14.92 21.52 6.80
N TRP F 173 15.17 22.81 6.61
CA TRP F 173 14.29 23.87 7.09
C TRP F 173 13.54 24.47 5.90
N ASP F 174 12.24 24.20 5.83
CA ASP F 174 11.35 24.87 4.90
C ASP F 174 10.55 25.89 5.69
N LYS F 175 10.86 27.17 5.51
CA LYS F 175 10.25 28.20 6.34
C LYS F 175 8.77 28.37 6.04
N SER F 176 8.35 28.02 4.82
CA SER F 176 6.94 28.04 4.45
C SER F 176 6.19 26.82 4.95
N ASN F 177 6.90 25.74 5.28
CA ASN F 177 6.28 24.49 5.69
C ASN F 177 7.25 23.75 6.60
N PRO F 178 7.41 24.22 7.85
CA PRO F 178 8.45 23.65 8.73
C PRO F 178 8.28 22.16 8.99
N ARG F 179 7.05 21.70 9.19
CA ARG F 179 6.76 20.28 9.38
C ARG F 179 7.51 19.71 10.59
N ILE F 180 7.47 20.45 11.69
CA ILE F 180 8.26 20.05 12.86
C ILE F 180 7.63 18.83 13.54
N ASN F 181 6.39 18.96 14.00
CA ASN F 181 5.73 17.85 14.68
C ASN F 181 5.60 16.63 13.78
N GLN F 182 5.41 16.85 12.47
CA GLN F 182 5.37 15.73 11.54
C GLN F 182 6.73 15.07 11.41
N THR F 183 7.80 15.87 11.39
CA THR F 183 9.14 15.31 11.36
C THR F 183 9.40 14.45 12.59
N LEU F 184 8.91 14.89 13.75
CA LEU F 184 9.10 14.12 14.97
C LEU F 184 8.40 12.77 14.91
N CYS F 185 7.25 12.69 14.24
CA CYS F 185 6.55 11.43 14.13
C CYS F 185 7.30 10.44 13.25
N GLU F 186 8.06 10.93 12.29
CA GLU F 186 8.78 10.06 11.36
C GLU F 186 10.24 9.86 11.74
N ARG F 187 10.73 10.54 12.78
CA ARG F 187 12.14 10.48 13.15
C ARG F 187 12.29 10.34 14.65
N GLU F 188 13.38 9.67 15.06
CA GLU F 188 13.67 9.52 16.48
C GLU F 188 14.40 10.76 17.00
N ILE F 189 14.02 11.17 18.19
CA ILE F 189 14.62 12.33 18.84
C ILE F 189 15.81 11.86 19.67
N ASN F 190 16.95 12.52 19.47
CA ASN F 190 18.14 12.27 20.26
C ASN F 190 18.29 13.39 21.27
N THR F 191 18.29 13.04 22.54
CA THR F 191 18.38 14.01 23.62
C THR F 191 19.80 14.03 24.18
N HIS F 192 20.41 15.21 24.19
CA HIS F 192 21.81 15.40 24.56
C HIS F 192 21.87 16.19 25.85
N GLY F 193 22.17 15.50 26.95
CA GLY F 193 22.37 16.18 28.22
C GLY F 193 23.63 17.01 28.20
N LEU F 194 23.59 18.14 28.91
CA LEU F 194 24.67 19.12 28.91
C LEU F 194 25.00 19.54 30.33
N GLU F 195 26.29 19.65 30.62
CA GLU F 195 26.75 20.16 31.91
C GLU F 195 27.51 21.45 31.70
N SER F 196 27.67 22.21 32.79
CA SER F 196 28.44 23.45 32.71
C SER F 196 29.86 23.14 32.31
N GLY F 197 30.41 23.96 31.41
CA GLY F 197 31.74 23.74 30.90
C GLY F 197 31.81 22.95 29.62
N ASP F 198 30.74 22.27 29.23
CA ASP F 198 30.69 21.59 27.95
C ASP F 198 30.60 22.59 26.81
N LEU F 199 31.14 22.19 25.67
CA LEU F 199 30.91 22.86 24.39
C LEU F 199 30.43 21.80 23.41
N TYR F 200 29.72 22.23 22.36
CA TYR F 200 29.36 21.26 21.34
C TYR F 200 29.28 21.94 19.98
N LEU F 201 29.61 21.17 18.95
CA LEU F 201 29.50 21.62 17.57
C LEU F 201 28.20 21.07 16.99
N LEU F 202 27.49 21.93 16.25
CA LEU F 202 26.17 21.60 15.74
C LEU F 202 26.11 21.94 14.26
N ARG F 203 25.60 21.00 13.46
CA ARG F 203 25.25 21.27 12.06
C ARG F 203 23.84 21.84 12.09
N THR F 204 23.74 23.16 12.17
CA THR F 204 22.48 23.81 12.48
C THR F 204 21.50 23.86 11.31
N ASP F 205 21.97 23.71 10.08
CA ASP F 205 21.06 23.83 8.95
C ASP F 205 20.36 22.51 8.62
N THR F 206 20.98 21.37 8.91
CA THR F 206 20.37 20.07 8.62
C THR F 206 19.97 19.31 9.88
N THR F 207 20.07 19.92 11.05
CA THR F 207 19.67 19.26 12.30
C THR F 207 18.59 20.10 12.97
N LEU F 208 17.40 19.52 13.10
CA LEU F 208 16.32 20.14 13.85
C LEU F 208 16.60 20.00 15.34
N HIS F 209 16.52 21.10 16.07
CA HIS F 209 16.93 21.05 17.47
C HIS F 209 16.13 22.03 18.31
N ARG F 210 16.13 21.76 19.61
CA ARG F 210 15.52 22.63 20.60
C ARG F 210 16.18 22.37 21.94
N THR F 211 15.89 23.25 22.91
CA THR F 211 16.27 23.03 24.30
C THR F 211 15.02 22.70 25.10
N VAL F 212 15.07 21.64 25.88
CA VAL F 212 13.90 21.19 26.63
C VAL F 212 13.48 22.26 27.61
N PRO F 213 12.19 22.59 27.74
CA PRO F 213 11.79 23.67 28.65
C PRO F 213 12.22 23.39 30.09
N LEU F 214 12.53 24.45 30.81
CA LEU F 214 12.88 24.32 32.22
C LEU F 214 11.64 23.97 33.03
N SER F 215 11.69 22.84 33.73
CA SER F 215 10.55 22.43 34.55
C SER F 215 10.45 23.23 35.84
N GLU F 216 11.48 24.00 36.18
CA GLU F 216 11.47 24.89 37.32
C GLU F 216 12.44 26.03 37.05
N ASP F 217 12.29 27.10 37.82
CA ASP F 217 13.18 28.25 37.68
C ASP F 217 14.64 27.82 37.89
N SER F 218 15.44 27.92 36.84
CA SER F 218 16.85 27.56 36.90
C SER F 218 17.59 28.49 35.96
N THR F 219 18.91 28.32 35.89
CA THR F 219 19.75 29.17 35.07
C THR F 219 20.40 28.33 33.98
N ARG F 220 20.19 28.74 32.72
CA ARG F 220 20.77 28.07 31.56
C ARG F 220 21.34 29.15 30.64
N THR F 221 22.64 29.12 30.42
CA THR F 221 23.34 30.17 29.67
C THR F 221 24.22 29.55 28.61
N ILE F 222 24.07 29.98 27.36
CA ILE F 222 24.92 29.52 26.27
C ILE F 222 25.48 30.72 25.53
N LEU F 223 26.57 30.47 24.80
CA LEU F 223 27.11 31.40 23.82
C LEU F 223 27.16 30.68 22.48
N ASN F 224 26.63 31.33 21.45
CA ASN F 224 26.56 30.75 20.12
C ASN F 224 27.55 31.46 19.23
N MET F 225 28.50 30.70 18.68
CA MET F 225 29.40 31.18 17.63
C MET F 225 28.97 30.52 16.33
N THR F 226 28.30 31.28 15.46
CA THR F 226 27.79 30.75 14.21
C THR F 226 28.77 31.06 13.07
N TRP F 227 29.09 30.04 12.29
CA TRP F 227 29.87 30.20 11.08
C TRP F 227 29.12 29.60 9.90
N ALA F 228 29.62 29.90 8.71
CA ALA F 228 29.04 29.41 7.47
C ALA F 228 29.96 28.38 6.84
N ALA F 229 29.37 27.54 5.99
CA ALA F 229 30.12 26.74 5.06
C ALA F 229 30.11 27.46 3.71
N LYS F 230 30.71 26.83 2.70
CA LYS F 230 30.65 27.40 1.36
C LYS F 230 29.23 27.38 0.82
N ARG F 231 28.40 26.45 1.29
CA ARG F 231 27.02 26.35 0.81
C ARG F 231 26.14 27.49 1.29
N ASP F 232 26.58 28.20 2.32
CA ASP F 232 25.74 29.28 2.88
C ASP F 232 26.06 30.62 2.20
N LEU F 233 26.99 30.63 1.27
CA LEU F 233 27.41 31.86 0.55
C LEU F 233 26.40 32.15 -0.58
N LYS F 235 24.44 32.76 0.44
CA LYS F 235 23.11 32.88 -0.18
C LYS F 235 22.37 34.04 0.48
N ASP F 236 21.08 34.18 0.18
CA ASP F 236 20.32 35.33 0.68
C ASP F 236 19.50 34.91 1.90
N LEU F 237 19.39 35.81 2.85
CA LEU F 237 18.61 35.52 4.06
C LEU F 237 17.14 35.78 3.75
N VAL F 238 16.30 34.83 4.14
CA VAL F 238 14.87 34.96 3.95
C VAL F 238 14.16 34.57 5.25
N GLY F 239 12.87 34.91 5.33
CA GLY F 239 12.01 34.51 6.42
C GLY F 239 11.50 35.65 7.27
N ASN F 240 12.27 36.74 7.36
CA ASN F 240 11.96 37.86 8.26
C ASN F 240 11.74 37.38 9.68
N ASP F 241 12.62 36.47 10.12
CA ASP F 241 12.46 35.74 11.38
C ASP F 241 13.65 35.94 12.31
N ARG F 242 14.31 37.09 12.22
CA ARG F 242 15.49 37.37 13.02
C ARG F 242 15.06 38.02 14.34
N TRP F 243 14.34 37.20 15.12
CA TRP F 243 13.72 37.66 16.35
C TRP F 243 14.73 38.06 17.41
N TRP F 244 15.91 37.42 17.42
CA TRP F 244 16.93 37.78 18.39
C TRP F 244 17.42 39.21 18.17
N GLU F 245 17.58 39.60 16.91
CA GLU F 245 18.02 40.95 16.58
C GLU F 245 16.86 41.94 16.60
N ASN F 246 15.66 41.51 16.21
CA ASN F 246 14.50 42.39 16.15
C ASN F 246 13.35 41.69 16.85
N PRO F 247 12.95 42.15 18.04
CA PRO F 247 11.82 41.50 18.72
C PRO F 247 10.52 41.57 17.94
N GLU F 248 10.38 42.56 17.06
CA GLU F 248 9.19 42.75 16.26
C GLU F 248 9.39 42.32 14.81
N ALA F 249 10.15 41.25 14.60
CA ALA F 249 10.28 40.68 13.28
C ALA F 249 8.93 40.18 12.80
N GLU F 250 8.80 40.05 11.47
CA GLU F 250 7.52 39.67 10.89
C GLU F 250 7.08 38.29 11.37
N ALA F 251 8.02 37.36 11.50
CA ALA F 251 7.69 35.99 11.91
C ALA F 251 7.48 35.85 13.42
N ALA F 252 7.95 36.82 14.21
CA ALA F 252 7.79 36.76 15.66
C ALA F 252 6.36 37.08 16.04
N ARG F 253 5.71 36.18 16.77
CA ARG F 253 4.33 36.35 17.18
C ARG F 253 4.22 36.49 18.70
N ASN G 2 -23.76 18.46 -55.78
CA ASN G 2 -22.39 18.54 -55.28
C ASN G 2 -22.11 19.91 -54.69
N VAL G 3 -20.91 20.08 -54.13
CA VAL G 3 -20.44 21.33 -53.56
C VAL G 3 -21.35 21.77 -52.41
N GLU G 4 -22.05 22.90 -52.61
CA GLU G 4 -22.88 23.44 -51.54
C GLU G 4 -24.07 22.55 -51.23
N GLN G 5 -24.54 21.78 -52.22
CA GLN G 5 -25.65 20.86 -52.00
C GLN G 5 -25.31 19.77 -51.00
N ILE G 6 -24.03 19.59 -50.67
CA ILE G 6 -23.66 18.57 -49.70
C ILE G 6 -24.15 18.95 -48.31
N ASP G 7 -23.93 20.21 -47.91
CA ASP G 7 -24.39 20.64 -46.58
C ASP G 7 -25.92 20.63 -46.51
N GLU G 8 -26.59 21.17 -47.53
CA GLU G 8 -28.05 21.18 -47.52
C GLU G 8 -28.61 19.76 -47.50
N ASN G 9 -27.95 18.83 -48.18
CA ASN G 9 -28.42 17.46 -48.17
C ASN G 9 -28.14 16.79 -46.83
N LEU G 10 -26.94 16.97 -46.29
CA LEU G 10 -26.61 16.34 -45.02
C LEU G 10 -27.40 16.93 -43.87
N ALA G 11 -27.73 18.23 -43.94
CA ALA G 11 -28.56 18.82 -42.91
C ALA G 11 -29.96 18.23 -42.90
N LYS G 12 -30.52 17.96 -44.09
CA LYS G 12 -31.83 17.31 -44.15
C LYS G 12 -31.73 15.84 -43.79
N PHE G 13 -30.61 15.20 -44.09
CA PHE G 13 -30.43 13.79 -43.75
C PHE G 13 -30.38 13.59 -42.24
N LEU G 14 -29.57 14.39 -41.54
CA LEU G 14 -29.44 14.22 -40.10
C LEU G 14 -30.69 14.65 -39.36
N ALA G 15 -31.45 15.59 -39.92
CA ALA G 15 -32.62 16.11 -39.22
C ALA G 15 -33.72 15.07 -39.11
N GLU G 16 -33.79 14.14 -40.05
CA GLU G 16 -34.81 13.11 -40.03
C GLU G 16 -34.42 11.89 -39.20
N ARG G 17 -33.19 11.84 -38.68
CA ARG G 17 -32.72 10.66 -37.97
C ARG G 17 -32.23 10.94 -36.55
N TYR G 18 -32.24 12.19 -36.10
CA TYR G 18 -31.72 12.50 -34.78
C TYR G 18 -32.53 13.61 -34.13
N THR G 19 -32.60 13.57 -32.81
CA THR G 19 -33.19 14.60 -31.97
C THR G 19 -32.16 15.02 -30.94
N PRO G 20 -32.29 16.22 -30.36
CA PRO G 20 -31.39 16.60 -29.26
C PRO G 20 -31.39 15.59 -28.13
N GLU G 21 -32.51 14.94 -27.89
CA GLU G 21 -32.59 13.93 -26.84
C GLU G 21 -31.74 12.70 -27.20
N SER G 22 -31.85 12.23 -28.44
CA SER G 22 -31.11 11.05 -28.84
C SER G 22 -29.63 11.33 -29.08
N VAL G 23 -29.28 12.58 -29.45
CA VAL G 23 -27.87 12.95 -29.52
C VAL G 23 -27.26 13.00 -28.13
N ALA G 24 -28.04 13.42 -27.13
CA ALA G 24 -27.53 13.43 -25.76
C ALA G 24 -27.21 12.02 -25.28
N GLN G 25 -27.96 11.02 -25.73
CA GLN G 25 -27.64 9.65 -25.37
C GLN G 25 -26.33 9.21 -26.02
N LEU G 26 -26.07 9.67 -27.24
CA LEU G 26 -24.81 9.37 -27.90
C LEU G 26 -23.65 10.09 -27.22
N ALA G 27 -23.88 11.29 -26.69
CA ALA G 27 -22.83 11.98 -25.96
C ALA G 27 -22.46 11.21 -24.69
N ASP G 28 -23.44 10.57 -24.06
CA ASP G 28 -23.16 9.75 -22.90
C ASP G 28 -22.25 8.58 -23.27
N ARG G 29 -22.60 7.85 -24.32
CA ARG G 29 -21.79 6.70 -24.74
C ARG G 29 -20.41 7.15 -25.20
N PHE G 30 -20.31 8.34 -25.79
CA PHE G 30 -19.00 8.86 -26.17
C PHE G 30 -18.17 9.22 -24.95
N HIS G 31 -18.78 9.85 -23.95
CA HIS G 31 -18.07 10.15 -22.71
C HIS G 31 -17.67 8.87 -21.99
N ARG G 32 -18.52 7.85 -22.06
CA ARG G 32 -18.30 6.64 -21.27
C ARG G 32 -17.28 5.71 -21.91
N PHE G 33 -17.31 5.56 -23.22
CA PHE G 33 -16.43 4.62 -23.90
C PHE G 33 -15.37 5.30 -24.76
N GLY G 34 -15.37 6.63 -24.85
CA GLY G 34 -14.49 7.31 -25.77
C GLY G 34 -14.75 6.98 -27.22
N PHE G 35 -15.95 6.47 -27.54
CA PHE G 35 -16.22 5.82 -28.80
C PHE G 35 -17.72 5.74 -29.00
N VAL G 36 -18.19 6.13 -30.18
CA VAL G 36 -19.58 5.93 -30.58
C VAL G 36 -19.61 5.53 -32.05
N LYS G 37 -20.37 4.49 -32.36
CA LYS G 37 -20.37 3.90 -33.70
C LYS G 37 -21.59 4.33 -34.48
N PHE G 38 -21.37 4.77 -35.72
CA PHE G 38 -22.45 5.13 -36.64
C PHE G 38 -22.61 3.97 -37.62
N ASP G 39 -23.54 3.07 -37.33
CA ASP G 39 -23.78 1.89 -38.12
C ASP G 39 -25.14 1.99 -38.81
N ALA G 40 -25.68 0.84 -39.23
CA ALA G 40 -26.99 0.85 -39.89
C ALA G 40 -28.07 1.38 -38.96
N ALA G 41 -27.87 1.27 -37.65
CA ALA G 41 -28.83 1.79 -36.69
C ALA G 41 -28.78 3.30 -36.57
N ASN G 42 -27.60 3.91 -36.75
CA ASN G 42 -27.39 5.35 -36.56
C ASN G 42 -26.48 5.84 -37.68
N ARG G 43 -27.02 5.98 -38.89
CA ARG G 43 -26.22 6.46 -39.99
C ARG G 43 -25.80 7.91 -39.77
N LEU G 44 -24.69 8.28 -40.39
CA LEU G 44 -24.19 9.66 -40.31
C LEU G 44 -24.26 10.39 -41.64
N VAL G 45 -23.98 9.70 -42.74
CA VAL G 45 -23.95 10.30 -44.07
C VAL G 45 -24.84 9.51 -45.02
N PRO G 46 -25.42 10.16 -46.03
CA PRO G 46 -26.18 9.41 -47.05
C PRO G 46 -25.29 8.43 -47.79
N ASP G 47 -25.91 7.32 -48.22
CA ASP G 47 -25.18 6.29 -48.94
C ASP G 47 -24.44 6.86 -50.14
N GLU G 48 -25.05 7.82 -50.84
CA GLU G 48 -24.38 8.45 -51.97
C GLU G 48 -23.07 9.10 -51.53
N LEU G 49 -23.09 9.75 -50.36
CA LEU G 49 -21.89 10.41 -49.86
C LEU G 49 -20.84 9.40 -49.43
N GLN G 50 -21.26 8.28 -48.83
CA GLN G 50 -20.32 7.23 -48.45
C GLN G 50 -19.60 6.66 -49.66
N THR G 51 -20.34 6.40 -50.74
CA THR G 51 -19.73 5.79 -51.93
C THR G 51 -18.71 6.74 -52.57
N ALA G 52 -19.03 8.03 -52.62
CA ALA G 52 -18.11 8.99 -53.21
C ALA G 52 -16.79 9.05 -52.44
N VAL G 53 -16.87 9.07 -51.10
CA VAL G 53 -15.66 9.12 -50.30
C VAL G 53 -14.88 7.82 -50.39
N ARG G 54 -15.60 6.69 -50.42
CA ARG G 54 -14.91 5.40 -50.57
C ARG G 54 -14.19 5.32 -51.92
N GLU G 55 -14.85 5.76 -52.99
CA GLU G 55 -14.22 5.74 -54.31
C GLU G 55 -12.97 6.61 -54.34
N GLU G 56 -13.03 7.80 -53.75
CA GLU G 56 -11.85 8.66 -53.66
C GLU G 56 -10.70 7.93 -52.98
N CYS G 57 -10.97 7.30 -51.84
CA CYS G 57 -9.90 6.65 -51.09
C CYS G 57 -9.31 5.47 -51.84
N ASP G 58 -10.15 4.69 -52.51
CA ASP G 58 -9.65 3.55 -53.27
C ASP G 58 -8.75 4.01 -54.42
N LEU G 59 -8.97 5.22 -54.92
CA LEU G 59 -8.05 5.78 -55.90
C LEU G 59 -6.73 6.16 -55.23
N LEU G 60 -6.81 6.94 -54.14
CA LEU G 60 -5.60 7.40 -53.45
C LEU G 60 -4.75 6.23 -52.97
N ILE G 61 -5.37 5.09 -52.68
CA ILE G 61 -4.60 3.91 -52.27
C ILE G 61 -3.71 3.45 -53.41
N GLU G 62 -4.31 3.16 -54.57
CA GLU G 62 -3.56 2.65 -55.70
C GLU G 62 -2.50 3.62 -56.20
N GLN G 63 -2.55 4.89 -55.78
CA GLN G 63 -1.61 5.89 -56.26
C GLN G 63 -0.53 6.26 -55.26
N HIS G 64 -0.80 6.18 -53.96
CA HIS G 64 0.18 6.60 -52.98
C HIS G 64 0.31 5.64 -51.79
N LYS G 65 -0.06 4.37 -51.96
CA LYS G 65 0.10 3.43 -50.87
C LYS G 65 1.58 3.26 -50.54
N GLU G 66 1.92 3.45 -49.27
CA GLU G 66 3.28 3.31 -48.80
C GLU G 66 3.28 2.34 -47.63
N ARG G 67 3.96 1.21 -47.81
CA ARG G 67 3.97 0.18 -46.79
C ARG G 67 4.69 0.67 -45.54
N ARG G 68 4.12 0.34 -44.38
CA ARG G 68 4.72 0.66 -43.09
C ARG G 68 4.80 -0.63 -42.28
N ASN G 69 6.00 -0.96 -41.82
CA ASN G 69 6.20 -2.10 -40.92
C ASN G 69 7.27 -1.66 -39.92
N LEU G 70 6.85 -1.30 -38.72
CA LEU G 70 7.76 -0.75 -37.74
C LEU G 70 7.15 -0.89 -36.35
N LEU G 71 7.97 -0.61 -35.33
CA LEU G 71 7.54 -0.52 -33.95
C LEU G 71 7.76 0.91 -33.47
N LEU G 72 6.75 1.49 -32.84
CA LEU G 72 6.78 2.88 -32.40
C LEU G 72 7.16 2.92 -30.93
N SER G 73 8.33 3.48 -30.63
CA SER G 73 8.82 3.47 -29.25
C SER G 73 7.95 4.32 -28.33
N THR G 74 7.33 5.37 -28.86
CA THR G 74 6.46 6.21 -28.04
C THR G 74 5.18 5.50 -27.62
N THR G 75 4.84 4.37 -28.23
CA THR G 75 3.73 3.56 -27.76
C THR G 75 4.21 2.16 -27.40
N GLY G 76 5.27 2.08 -26.59
CA GLY G 76 5.76 0.80 -26.11
C GLY G 76 6.21 -0.16 -27.19
N ASN G 77 6.62 0.36 -28.35
CA ASN G 77 7.04 -0.47 -29.49
C ASN G 77 5.92 -1.38 -29.97
N THR G 78 4.69 -0.86 -29.96
CA THR G 78 3.59 -1.57 -30.58
C THR G 78 3.75 -1.51 -32.10
N PRO G 79 3.47 -2.60 -32.81
CA PRO G 79 3.72 -2.62 -34.25
C PRO G 79 2.79 -1.70 -35.02
N ARG G 80 3.26 -1.33 -36.22
CA ARG G 80 2.45 -0.64 -37.22
C ARG G 80 2.75 -1.34 -38.55
N ARG G 81 2.01 -2.41 -38.82
CA ARG G 81 2.18 -3.18 -40.05
C ARG G 81 0.96 -2.92 -40.93
N MET G 82 1.14 -2.06 -41.94
CA MET G 82 0.05 -1.60 -42.78
C MET G 82 0.65 -0.77 -43.91
N SER G 83 -0.21 -0.37 -44.84
CA SER G 83 0.11 0.67 -45.81
C SER G 83 -0.68 1.92 -45.45
N VAL G 84 -0.16 3.08 -45.85
CA VAL G 84 -0.75 4.37 -45.49
C VAL G 84 -0.79 5.27 -46.72
N VAL G 85 -1.57 6.35 -46.60
CA VAL G 85 -1.58 7.45 -47.56
C VAL G 85 -1.51 8.75 -46.77
N LYS G 86 -0.54 9.60 -47.10
CA LYS G 86 -0.22 10.75 -46.25
C LYS G 86 -1.31 11.81 -46.32
N SER G 87 -1.32 12.66 -45.31
CA SER G 87 -2.35 13.70 -45.21
C SER G 87 -2.26 14.67 -46.38
N GLU G 88 -1.04 15.12 -46.72
CA GLU G 88 -0.86 16.04 -47.84
C GLU G 88 -1.42 15.46 -49.13
N GLU G 89 -1.31 14.15 -49.31
CA GLU G 89 -1.86 13.51 -50.51
C GLU G 89 -3.39 13.49 -50.47
N ILE G 90 -3.96 13.11 -49.33
CA ILE G 90 -5.41 13.10 -49.18
C ILE G 90 -5.99 14.51 -49.27
N GLU G 91 -5.23 15.51 -48.81
CA GLU G 91 -5.72 16.88 -48.80
C GLU G 91 -6.11 17.36 -50.19
N LYS G 92 -5.47 16.81 -51.23
CA LYS G 92 -5.77 17.21 -52.60
C LYS G 92 -7.20 16.91 -53.01
N SER G 93 -7.85 15.93 -52.37
CA SER G 93 -9.24 15.62 -52.66
C SER G 93 -10.14 16.70 -52.08
N GLU G 94 -10.76 17.50 -52.96
CA GLU G 94 -11.67 18.53 -52.49
C GLU G 94 -12.82 17.95 -51.68
N LEU G 95 -13.26 16.74 -52.02
CA LEU G 95 -14.36 16.10 -51.28
C LEU G 95 -13.97 15.84 -49.84
N ILE G 96 -12.89 15.09 -49.62
CA ILE G 96 -12.49 14.72 -48.27
C ILE G 96 -12.09 15.95 -47.46
N SER G 97 -11.48 16.93 -48.11
CA SER G 97 -11.01 18.12 -47.39
C SER G 97 -12.18 18.98 -46.94
N THR G 98 -13.10 19.29 -47.86
CA THR G 98 -14.25 20.13 -47.50
C THR G 98 -15.19 19.41 -46.54
N LEU G 99 -15.30 18.09 -46.66
CA LEU G 99 -16.15 17.35 -45.74
C LEU G 99 -15.60 17.41 -44.32
N SER G 100 -14.27 17.32 -44.17
CA SER G 100 -13.67 17.38 -42.84
C SER G 100 -13.91 18.72 -42.16
N ARG G 101 -14.21 19.77 -42.92
CA ARG G 101 -14.41 21.11 -42.38
C ARG G 101 -15.87 21.55 -42.47
N SER G 102 -16.77 20.63 -42.80
CA SER G 102 -18.18 20.96 -42.99
C SER G 102 -18.81 21.44 -41.69
N GLU G 103 -19.40 22.63 -41.71
CA GLU G 103 -20.02 23.16 -40.50
C GLU G 103 -21.17 22.28 -40.03
N VAL G 104 -21.83 21.59 -40.96
CA VAL G 104 -22.93 20.70 -40.59
C VAL G 104 -22.40 19.43 -39.93
N LEU G 105 -21.30 18.88 -40.46
CA LEU G 105 -20.72 17.68 -39.88
C LEU G 105 -20.10 17.96 -38.52
N LEU G 106 -19.25 19.00 -38.45
CA LEU G 106 -18.63 19.36 -37.17
C LEU G 106 -19.66 19.86 -36.18
N GLY G 107 -20.67 20.57 -36.65
CA GLY G 107 -21.69 21.08 -35.75
C GLY G 107 -22.53 19.98 -35.13
N PHE G 108 -22.80 18.92 -35.89
CA PHE G 108 -23.62 17.83 -35.37
C PHE G 108 -22.85 17.00 -34.34
N LEU G 109 -21.62 16.61 -34.68
CA LEU G 109 -20.80 15.81 -33.78
C LEU G 109 -20.44 16.55 -32.51
N ALA G 110 -20.42 17.88 -32.54
CA ALA G 110 -20.16 18.66 -31.33
C ALA G 110 -21.23 18.45 -30.26
N GLY G 111 -22.39 17.93 -30.64
CA GLY G 111 -23.39 17.53 -29.67
C GLY G 111 -23.07 16.22 -28.98
N ILE G 112 -22.22 15.41 -29.59
CA ILE G 112 -21.74 14.17 -28.99
C ILE G 112 -20.49 14.40 -28.15
N THR G 113 -19.55 15.19 -28.67
CA THR G 113 -18.37 15.56 -27.90
C THR G 113 -18.70 16.57 -26.81
N ARG G 114 -19.82 17.29 -26.94
CA ARG G 114 -20.22 18.34 -26.01
C ARG G 114 -19.22 19.49 -25.96
N GLU G 115 -18.34 19.59 -26.95
CA GLU G 115 -17.41 20.69 -27.07
C GLU G 115 -17.12 20.95 -28.54
N GLU G 116 -16.65 22.17 -28.81
CA GLU G 116 -16.36 22.56 -30.18
C GLU G 116 -15.32 21.66 -30.80
N ILE G 117 -15.56 21.26 -32.04
CA ILE G 117 -14.61 20.50 -32.85
C ILE G 117 -13.92 21.47 -33.78
N ILE G 118 -12.59 21.52 -33.73
CA ILE G 118 -11.81 22.54 -34.42
C ILE G 118 -10.93 21.86 -35.46
N PRO G 119 -11.12 22.12 -36.74
CA PRO G 119 -10.30 21.52 -37.80
C PRO G 119 -8.97 22.24 -38.03
N GLU G 120 -8.25 22.49 -36.94
CA GLU G 120 -6.94 23.14 -36.98
C GLU G 120 -5.95 22.18 -36.34
N VAL G 121 -5.44 21.24 -37.14
CA VAL G 121 -4.47 20.26 -36.69
C VAL G 121 -3.24 20.32 -37.60
N SER G 122 -2.22 19.54 -37.25
CA SER G 122 -0.98 19.54 -38.01
C SER G 122 -1.22 19.09 -39.44
N SER G 123 -0.49 19.70 -40.37
CA SER G 123 -0.73 19.45 -41.79
C SER G 123 -0.38 18.03 -42.21
N ASP G 124 0.36 17.28 -41.40
CA ASP G 124 0.68 15.90 -41.71
C ASP G 124 -0.27 14.92 -41.03
N GLU G 125 -1.28 15.42 -40.31
CA GLU G 125 -2.17 14.55 -39.56
C GLU G 125 -3.64 14.96 -39.72
N ARG G 126 -3.98 15.81 -40.67
CA ARG G 126 -5.39 16.13 -40.91
C ARG G 126 -6.16 14.92 -41.40
N TYR G 127 -5.53 14.12 -42.28
CA TYR G 127 -6.19 12.93 -42.82
C TYR G 127 -5.17 11.79 -42.90
N LEU G 128 -5.69 10.57 -42.77
CA LEU G 128 -4.87 9.39 -42.91
C LEU G 128 -5.74 8.25 -43.42
N ILE G 129 -5.21 7.49 -44.37
CA ILE G 129 -5.81 6.25 -44.83
C ILE G 129 -4.86 5.12 -44.47
N THR G 130 -5.37 4.10 -43.78
CA THR G 130 -4.61 2.91 -43.50
C THR G 130 -5.19 1.75 -44.30
N HIS G 131 -4.33 0.88 -44.80
CA HIS G 131 -4.72 -0.21 -45.69
C HIS G 131 -3.97 -1.47 -45.27
N GLN G 132 -4.59 -2.26 -44.41
CA GLN G 132 -4.02 -3.51 -43.95
C GLN G 132 -4.44 -4.63 -44.90
N GLU G 133 -3.48 -5.45 -45.31
CA GLU G 133 -3.77 -6.47 -46.30
C GLU G 133 -3.31 -7.88 -45.92
N PHE G 134 -2.41 -8.04 -44.96
CA PHE G 134 -1.77 -9.32 -44.74
C PHE G 134 -2.00 -9.80 -43.32
N LYS G 135 -1.72 -11.10 -43.12
CA LYS G 135 -1.78 -11.68 -41.79
C LYS G 135 -0.85 -10.94 -40.85
N SER G 136 -1.31 -10.73 -39.62
CA SER G 136 -0.61 -10.04 -38.53
C SER G 136 -0.48 -8.54 -38.79
N ASP G 137 -1.07 -8.01 -39.86
CA ASP G 137 -1.09 -6.57 -40.04
C ASP G 137 -1.98 -5.94 -38.98
N THR G 138 -1.49 -4.85 -38.37
CA THR G 138 -2.20 -4.27 -37.25
C THR G 138 -1.78 -2.82 -37.09
N HIS G 139 -2.66 -2.04 -36.47
CA HIS G 139 -2.38 -0.70 -36.00
C HIS G 139 -2.30 -0.82 -34.47
N GLY G 140 -1.09 -0.96 -33.96
CA GLY G 140 -0.89 -1.34 -32.57
C GLY G 140 -1.44 -0.32 -31.59
N TRP G 141 -1.39 -0.70 -30.31
CA TRP G 141 -1.91 0.13 -29.24
C TRP G 141 -1.27 1.51 -29.28
N HIS G 142 -2.10 2.54 -29.16
CA HIS G 142 -1.61 3.90 -29.28
C HIS G 142 -2.68 4.87 -28.79
N TRP G 143 -2.29 6.12 -28.69
CA TRP G 143 -3.20 7.23 -28.48
C TRP G 143 -3.04 8.19 -29.65
N GLY G 144 -3.92 9.18 -29.71
CA GLY G 144 -3.83 10.23 -30.71
C GLY G 144 -3.21 11.49 -30.12
N ASP G 145 -2.51 12.23 -30.98
CA ASP G 145 -1.98 13.52 -30.53
C ASP G 145 -3.07 14.55 -30.33
N TYR G 146 -4.22 14.39 -30.98
CA TYR G 146 -5.33 15.30 -30.86
C TYR G 146 -6.53 14.59 -30.22
N SER G 147 -7.57 15.37 -29.95
CA SER G 147 -8.68 14.86 -29.15
C SER G 147 -9.60 13.95 -29.94
N PHE G 148 -9.92 14.31 -31.18
CA PHE G 148 -11.01 13.71 -31.91
C PHE G 148 -10.53 13.03 -33.18
N ALA G 149 -11.26 11.99 -33.58
CA ALA G 149 -11.02 11.33 -34.85
C ALA G 149 -12.31 10.65 -35.30
N LEU G 150 -12.74 10.96 -36.51
CA LEU G 150 -13.88 10.29 -37.15
C LEU G 150 -13.32 9.28 -38.13
N ILE G 151 -13.52 8.00 -37.84
CA ILE G 151 -12.94 6.92 -38.64
C ILE G 151 -14.01 6.37 -39.58
N TRP G 152 -13.66 6.31 -40.87
CA TRP G 152 -14.54 5.77 -41.91
C TRP G 152 -14.16 4.32 -42.15
N ALA G 153 -14.86 3.39 -41.52
CA ALA G 153 -14.63 1.96 -41.74
C ALA G 153 -15.08 1.62 -43.16
N LEU G 154 -14.19 1.93 -44.12
CA LEU G 154 -14.56 1.82 -45.53
C LEU G 154 -14.76 0.36 -45.94
N ARG G 155 -13.83 -0.52 -45.57
CA ARG G 155 -13.93 -1.94 -45.91
C ARG G 155 -13.38 -2.75 -44.76
N MET G 156 -14.24 -3.55 -44.14
CA MET G 156 -13.85 -4.38 -43.01
C MET G 156 -13.91 -5.85 -43.37
N PRO G 157 -12.92 -6.64 -42.95
CA PRO G 157 -13.03 -8.09 -43.10
C PRO G 157 -14.04 -8.65 -42.11
N PRO G 158 -14.39 -9.94 -42.23
CA PRO G 158 -15.18 -10.58 -41.17
C PRO G 158 -14.44 -10.49 -39.83
N ILE G 159 -15.23 -10.54 -38.76
CA ILE G 159 -14.66 -10.46 -37.41
C ILE G 159 -13.77 -11.65 -37.10
N GLU G 160 -13.98 -12.79 -37.76
CA GLU G 160 -13.13 -13.95 -37.54
C GLU G 160 -11.72 -13.76 -38.09
N HIS G 161 -11.46 -12.66 -38.81
CA HIS G 161 -10.13 -12.35 -39.30
C HIS G 161 -9.49 -11.20 -38.54
N GLY G 162 -10.04 -10.82 -37.39
CA GLY G 162 -9.52 -9.70 -36.65
C GLY G 162 -9.97 -8.37 -37.25
N GLY G 163 -9.21 -7.34 -36.95
CA GLY G 163 -9.53 -6.01 -37.43
C GLY G 163 -10.51 -5.24 -36.57
N MET G 164 -10.94 -5.80 -35.46
CA MET G 164 -11.78 -5.05 -34.53
C MET G 164 -10.96 -3.97 -33.85
N LEU G 165 -11.63 -2.89 -33.47
CA LEU G 165 -11.02 -1.84 -32.68
C LEU G 165 -11.18 -2.18 -31.20
N GLN G 166 -10.05 -2.36 -30.51
CA GLN G 166 -10.05 -2.52 -29.06
C GLN G 166 -9.74 -1.17 -28.45
N ALA G 167 -10.34 -0.90 -27.28
CA ALA G 167 -10.20 0.42 -26.70
C ALA G 167 -10.24 0.34 -25.18
N VAL G 168 -9.52 1.25 -24.55
CA VAL G 168 -9.58 1.46 -23.11
C VAL G 168 -9.80 2.96 -22.88
N PRO G 169 -10.99 3.39 -22.52
CA PRO G 169 -11.24 4.81 -22.35
C PRO G 169 -10.69 5.32 -21.02
N HIS G 170 -10.63 6.65 -20.92
CA HIS G 170 -10.19 7.32 -19.69
C HIS G 170 -8.76 6.95 -19.34
N THR G 171 -7.87 7.12 -20.30
CA THR G 171 -6.44 6.98 -20.10
C THR G 171 -5.75 8.25 -20.57
N HIS G 172 -4.43 8.22 -20.71
CA HIS G 172 -3.71 9.33 -21.33
C HIS G 172 -2.38 8.83 -21.85
N TRP G 173 -1.76 9.64 -22.71
CA TRP G 173 -0.56 9.26 -23.43
C TRP G 173 0.64 9.91 -22.79
N ASP G 174 1.46 9.11 -22.11
CA ASP G 174 2.75 9.52 -21.58
C ASP G 174 3.80 8.91 -22.50
N LYS G 175 4.32 9.69 -23.44
CA LYS G 175 5.23 9.15 -24.45
C LYS G 175 6.57 8.72 -23.86
N SER G 176 6.90 9.12 -22.63
CA SER G 176 8.09 8.65 -21.95
C SER G 176 7.86 7.40 -21.11
N ASN G 177 6.60 7.01 -20.91
CA ASN G 177 6.27 5.84 -20.12
C ASN G 177 4.88 5.35 -20.49
N PRO G 178 4.69 4.84 -21.72
CA PRO G 178 3.31 4.55 -22.17
C PRO G 178 2.54 3.62 -21.25
N ARG G 179 3.21 2.62 -20.67
CA ARG G 179 2.57 1.71 -19.71
C ARG G 179 1.39 0.99 -20.32
N ILE G 180 1.56 0.52 -21.56
CA ILE G 180 0.43 0.00 -22.32
C ILE G 180 -0.06 -1.33 -21.75
N ASN G 181 0.81 -2.33 -21.72
CA ASN G 181 0.41 -3.64 -21.21
C ASN G 181 0.04 -3.56 -19.73
N GLN G 182 0.68 -2.67 -18.99
CA GLN G 182 0.32 -2.47 -17.59
C GLN G 182 -1.10 -1.93 -17.49
N THR G 183 -1.41 -0.89 -18.27
CA THR G 183 -2.77 -0.34 -18.28
C THR G 183 -3.79 -1.40 -18.66
N LEU G 184 -3.43 -2.31 -19.57
CA LEU G 184 -4.33 -3.40 -19.88
C LEU G 184 -4.56 -4.30 -18.69
N CYS G 185 -3.54 -4.50 -17.85
CA CYS G 185 -3.71 -5.33 -16.66
C CYS G 185 -4.63 -4.70 -15.64
N GLU G 186 -4.75 -3.37 -15.65
CA GLU G 186 -5.59 -2.68 -14.68
C GLU G 186 -6.99 -2.38 -15.19
N ARG G 187 -7.20 -2.43 -16.50
CA ARG G 187 -8.42 -1.94 -17.11
C ARG G 187 -9.05 -3.00 -17.99
N GLU G 188 -10.37 -2.90 -18.15
CA GLU G 188 -11.12 -3.79 -19.02
C GLU G 188 -11.01 -3.32 -20.46
N ILE G 189 -10.66 -4.24 -21.36
CA ILE G 189 -10.54 -3.93 -22.77
C ILE G 189 -11.90 -4.10 -23.42
N ASN G 190 -12.35 -3.05 -24.10
CA ASN G 190 -13.59 -3.08 -24.85
C ASN G 190 -13.27 -3.29 -26.32
N THR G 191 -13.91 -4.29 -26.93
CA THR G 191 -13.69 -4.63 -28.32
C THR G 191 -14.90 -4.18 -29.14
N HIS G 192 -14.64 -3.42 -30.20
CA HIS G 192 -15.69 -2.88 -31.05
C HIS G 192 -15.52 -3.49 -32.45
N GLY G 193 -16.36 -4.46 -32.77
CA GLY G 193 -16.38 -5.00 -34.12
C GLY G 193 -16.97 -3.99 -35.10
N LEU G 194 -16.42 -3.98 -36.31
CA LEU G 194 -16.80 -3.01 -37.33
C LEU G 194 -17.27 -3.71 -38.60
N GLU G 195 -18.20 -3.08 -39.30
CA GLU G 195 -18.68 -3.55 -40.59
C GLU G 195 -18.44 -2.49 -41.65
N SER G 196 -18.31 -2.95 -42.90
CA SER G 196 -18.13 -2.03 -44.02
C SER G 196 -19.26 -1.00 -44.06
N GLY G 197 -18.88 0.27 -44.16
CA GLY G 197 -19.83 1.36 -44.16
C GLY G 197 -20.06 2.00 -42.81
N ASP G 198 -19.58 1.40 -41.73
CA ASP G 198 -19.68 2.03 -40.42
C ASP G 198 -18.77 3.25 -40.35
N LEU G 199 -19.13 4.18 -39.47
CA LEU G 199 -18.24 5.24 -39.04
C LEU G 199 -18.24 5.26 -37.52
N TYR G 200 -17.17 5.81 -36.94
CA TYR G 200 -17.17 5.97 -35.49
C TYR G 200 -16.34 7.17 -35.09
N LEU G 201 -16.84 7.89 -34.10
CA LEU G 201 -16.13 9.01 -33.49
C LEU G 201 -15.33 8.48 -32.30
N LEU G 202 -14.05 8.79 -32.25
CA LEU G 202 -13.15 8.32 -31.22
C LEU G 202 -12.49 9.49 -30.51
N ARG G 203 -12.41 9.41 -29.19
CA ARG G 203 -11.68 10.39 -28.38
C ARG G 203 -10.26 9.86 -28.23
N THR G 204 -9.42 10.20 -29.21
CA THR G 204 -8.13 9.52 -29.38
C THR G 204 -7.13 9.85 -28.29
N ASP G 205 -7.19 11.05 -27.71
CA ASP G 205 -6.16 11.45 -26.76
C ASP G 205 -6.30 10.70 -25.44
N THR G 206 -7.53 10.42 -25.01
CA THR G 206 -7.76 9.77 -23.72
C THR G 206 -8.20 8.32 -23.85
N THR G 207 -8.16 7.74 -25.06
CA THR G 207 -8.61 6.37 -25.26
C THR G 207 -7.48 5.58 -25.89
N LEU G 208 -6.93 4.62 -25.14
CA LEU G 208 -5.90 3.74 -25.68
C LEU G 208 -6.58 2.73 -26.60
N HIS G 209 -6.11 2.64 -27.85
CA HIS G 209 -6.81 1.79 -28.81
C HIS G 209 -5.84 1.15 -29.78
N ARG G 210 -6.27 0.02 -30.34
CA ARG G 210 -5.54 -0.68 -31.39
C ARG G 210 -6.55 -1.36 -32.29
N THR G 211 -6.05 -1.88 -33.42
CA THR G 211 -6.81 -2.77 -34.28
C THR G 211 -6.29 -4.18 -34.09
N VAL G 212 -7.20 -5.13 -33.92
CA VAL G 212 -6.78 -6.52 -33.71
C VAL G 212 -6.07 -7.01 -34.96
N PRO G 213 -4.90 -7.64 -34.84
CA PRO G 213 -4.16 -8.07 -36.03
C PRO G 213 -4.98 -9.00 -36.91
N LEU G 214 -4.77 -8.88 -38.22
CA LEU G 214 -5.45 -9.74 -39.18
C LEU G 214 -4.96 -11.17 -39.02
N SER G 215 -5.88 -12.09 -38.74
CA SER G 215 -5.51 -13.49 -38.57
C SER G 215 -5.19 -14.17 -39.89
N GLU G 216 -5.43 -13.49 -41.01
CA GLU G 216 -5.09 -14.01 -42.32
C GLU G 216 -5.14 -12.83 -43.29
N ASP G 217 -4.63 -13.06 -44.49
CA ASP G 217 -4.58 -12.01 -45.51
C ASP G 217 -5.99 -11.56 -45.89
N SER G 218 -6.44 -10.45 -45.31
CA SER G 218 -7.73 -9.87 -45.62
C SER G 218 -7.55 -8.38 -45.89
N THR G 219 -8.63 -7.71 -46.26
CA THR G 219 -8.60 -6.30 -46.65
C THR G 219 -9.30 -5.46 -45.59
N ARG G 220 -8.55 -4.56 -44.95
CA ARG G 220 -9.08 -3.64 -43.95
C ARG G 220 -8.66 -2.23 -44.32
N THR G 221 -9.63 -1.35 -44.57
CA THR G 221 -9.35 -0.01 -45.08
C THR G 221 -10.17 1.01 -44.28
N ILE G 222 -9.51 2.06 -43.78
CA ILE G 222 -10.18 3.12 -43.05
C ILE G 222 -9.69 4.47 -43.53
N LEU G 223 -10.53 5.48 -43.35
CA LEU G 223 -10.16 6.88 -43.50
C LEU G 223 -10.24 7.56 -42.13
N ASN G 224 -9.15 8.23 -41.75
CA ASN G 224 -9.05 8.91 -40.46
C ASN G 224 -9.13 10.43 -40.70
N MET G 225 -10.17 11.05 -40.15
CA MET G 225 -10.27 12.50 -40.07
C MET G 225 -9.97 12.91 -38.64
N THR G 226 -8.88 13.63 -38.44
CA THR G 226 -8.46 14.08 -37.13
C THR G 226 -8.84 15.55 -36.94
N TRP G 227 -9.40 15.87 -35.78
CA TRP G 227 -9.69 17.24 -35.41
C TRP G 227 -9.14 17.52 -34.03
N ALA G 228 -9.14 18.80 -33.67
CA ALA G 228 -8.64 19.27 -32.40
C ALA G 228 -9.79 19.77 -31.53
N ALA G 229 -9.62 19.65 -30.23
CA ALA G 229 -10.44 20.38 -29.27
C ALA G 229 -9.70 21.64 -28.86
N LYS G 230 -10.37 22.49 -28.07
CA LYS G 230 -9.71 23.69 -27.59
C LYS G 230 -8.44 23.34 -26.82
N ARG G 231 -8.39 22.16 -26.21
CA ARG G 231 -7.21 21.74 -25.41
C ARG G 231 -5.99 21.46 -26.31
N ASP G 232 -6.20 21.28 -27.61
CA ASP G 232 -5.10 20.90 -28.54
C ASP G 232 -4.50 22.14 -29.19
N LEU G 233 -5.10 23.30 -28.97
CA LEU G 233 -4.60 24.50 -29.65
C LEU G 233 -3.31 24.99 -28.96
N LYS G 235 -0.88 23.19 -28.88
CA LYS G 235 0.21 22.59 -28.07
C LYS G 235 1.39 22.29 -28.99
N ASP G 236 2.45 21.72 -28.42
CA ASP G 236 3.66 21.44 -29.22
C ASP G 236 3.70 19.94 -29.51
N LEU G 237 3.87 19.58 -30.77
CA LEU G 237 3.97 18.16 -31.14
C LEU G 237 5.29 17.64 -30.57
N VAL G 238 5.24 16.50 -29.92
CA VAL G 238 6.44 15.93 -29.33
C VAL G 238 6.52 14.45 -29.66
N GLY G 239 7.72 13.89 -29.50
CA GLY G 239 7.94 12.47 -29.56
C GLY G 239 8.71 12.00 -30.76
N ASN G 240 8.76 12.77 -31.84
CA ASN G 240 9.40 12.35 -33.08
C ASN G 240 8.90 10.96 -33.47
N ASP G 241 7.57 10.85 -33.60
CA ASP G 241 6.91 9.57 -33.79
C ASP G 241 5.85 9.64 -34.88
N ARG G 242 6.01 10.56 -35.83
CA ARG G 242 5.02 10.73 -36.90
C ARG G 242 5.32 9.76 -38.06
N TRP G 243 5.27 8.48 -37.70
CA TRP G 243 5.66 7.39 -38.60
C TRP G 243 4.83 7.36 -39.87
N TRP G 244 3.58 7.82 -39.83
CA TRP G 244 2.74 7.79 -41.02
C TRP G 244 3.24 8.77 -42.06
N GLU G 245 3.72 9.94 -41.64
CA GLU G 245 4.27 10.90 -42.58
C GLU G 245 5.74 10.65 -42.85
N ASN G 246 6.46 10.11 -41.87
CA ASN G 246 7.89 9.85 -41.98
C ASN G 246 8.19 8.44 -41.52
N PRO G 247 8.34 7.49 -42.44
CA PRO G 247 8.66 6.12 -42.03
C PRO G 247 9.99 6.01 -41.31
N GLU G 248 10.93 6.92 -41.58
CA GLU G 248 12.22 6.94 -40.91
C GLU G 248 12.23 7.81 -39.66
N ALA G 249 11.08 7.92 -38.98
CA ALA G 249 11.00 8.71 -37.76
C ALA G 249 11.93 8.15 -36.69
N GLU G 250 12.30 9.01 -35.73
CA GLU G 250 13.23 8.60 -34.69
C GLU G 250 12.64 7.49 -33.82
N ALA G 251 11.35 7.60 -33.48
CA ALA G 251 10.72 6.60 -32.63
C ALA G 251 10.42 5.29 -33.37
N ALA G 252 10.63 5.26 -34.68
CA ALA G 252 10.24 4.12 -35.50
C ALA G 252 11.40 3.15 -35.60
N ARG G 253 11.18 1.92 -35.18
CA ARG G 253 12.14 0.83 -35.36
C ARG G 253 11.65 -0.01 -36.53
N ALA G 254 12.25 0.20 -37.70
CA ALA G 254 11.85 -0.49 -38.92
C ALA G 254 12.02 -2.00 -38.79
N ASN H 2 10.97 -34.17 2.24
CA ASN H 2 9.99 -34.61 1.26
C ASN H 2 9.41 -35.97 1.64
N VAL H 3 8.12 -35.98 1.98
CA VAL H 3 7.41 -37.21 2.35
C VAL H 3 5.90 -36.95 2.35
N GLU H 4 5.31 -36.89 3.54
CA GLU H 4 3.88 -36.66 3.68
C GLU H 4 3.56 -35.92 4.98
N ILE H 6 4.72 -33.39 3.57
CA ILE H 6 4.28 -32.37 2.63
C ILE H 6 2.88 -31.90 2.99
N ASP H 7 1.98 -32.85 3.24
CA ASP H 7 0.61 -32.49 3.60
C ASP H 7 0.55 -31.84 4.97
N GLU H 8 1.39 -32.28 5.91
CA GLU H 8 1.43 -31.63 7.22
C GLU H 8 2.09 -30.25 7.12
N ASN H 9 3.09 -30.12 6.26
CA ASN H 9 3.78 -28.83 6.10
C ASN H 9 2.88 -27.82 5.39
N LEU H 10 2.17 -28.25 4.35
CA LEU H 10 1.29 -27.33 3.64
C LEU H 10 0.08 -26.93 4.49
N ALA H 11 -0.41 -27.85 5.33
CA ALA H 11 -1.55 -27.52 6.18
C ALA H 11 -1.20 -26.41 7.17
N LYS H 12 -0.02 -26.49 7.78
CA LYS H 12 0.40 -25.44 8.71
C LYS H 12 0.70 -24.13 7.98
N PHE H 13 1.20 -24.22 6.75
CA PHE H 13 1.47 -23.01 5.97
C PHE H 13 0.19 -22.23 5.69
N LEU H 14 -0.83 -22.92 5.17
CA LEU H 14 -2.06 -22.22 4.82
C LEU H 14 -2.85 -21.81 6.06
N ALA H 15 -2.73 -22.56 7.15
CA ALA H 15 -3.51 -22.24 8.34
C ALA H 15 -3.09 -20.91 8.96
N GLU H 16 -1.84 -20.50 8.76
CA GLU H 16 -1.36 -19.23 9.27
C GLU H 16 -1.65 -18.06 8.35
N ARG H 17 -2.14 -18.31 7.13
CA ARG H 17 -2.34 -17.27 6.14
C ARG H 17 -3.77 -17.12 5.65
N TYR H 18 -4.71 -17.94 6.13
CA TYR H 18 -6.08 -17.89 5.63
C TYR H 18 -7.06 -18.18 6.75
N THR H 19 -8.23 -17.57 6.64
CA THR H 19 -9.39 -17.83 7.48
C THR H 19 -10.56 -18.20 6.60
N PRO H 20 -11.59 -18.87 7.13
CA PRO H 20 -12.78 -19.14 6.32
C PRO H 20 -13.42 -17.88 5.74
N GLU H 21 -13.30 -16.75 6.44
CA GLU H 21 -13.89 -15.51 5.96
C GLU H 21 -13.12 -14.93 4.78
N SER H 22 -11.80 -15.14 4.73
CA SER H 22 -11.01 -14.62 3.62
C SER H 22 -10.93 -15.58 2.45
N VAL H 23 -11.12 -16.88 2.68
CA VAL H 23 -11.30 -17.79 1.55
C VAL H 23 -12.62 -17.49 0.84
N ALA H 24 -13.67 -17.17 1.60
CA ALA H 24 -14.95 -16.82 1.00
C ALA H 24 -14.84 -15.59 0.10
N GLN H 25 -13.95 -14.64 0.46
CA GLN H 25 -13.75 -13.50 -0.42
C GLN H 25 -13.02 -13.89 -1.69
N LEU H 26 -12.15 -14.90 -1.61
CA LEU H 26 -11.53 -15.42 -2.83
C LEU H 26 -12.55 -16.19 -3.66
N ALA H 27 -13.47 -16.88 -3.00
CA ALA H 27 -14.54 -17.57 -3.71
C ALA H 27 -15.43 -16.59 -4.46
N ASP H 28 -15.64 -15.41 -3.89
CA ASP H 28 -16.33 -14.35 -4.62
C ASP H 28 -15.60 -14.00 -5.91
N ARG H 29 -14.29 -13.75 -5.81
CA ARG H 29 -13.52 -13.33 -6.98
C ARG H 29 -13.45 -14.44 -8.03
N PHE H 30 -13.33 -15.69 -7.58
CA PHE H 30 -13.24 -16.80 -8.53
C PHE H 30 -14.54 -16.95 -9.31
N HIS H 31 -15.67 -16.79 -8.64
CA HIS H 31 -16.93 -16.84 -9.38
C HIS H 31 -17.07 -15.64 -10.31
N ARG H 32 -16.68 -14.45 -9.83
CA ARG H 32 -16.89 -13.24 -10.60
C ARG H 32 -15.98 -13.18 -11.83
N PHE H 33 -14.73 -13.61 -11.70
CA PHE H 33 -13.78 -13.47 -12.79
C PHE H 33 -13.36 -14.79 -13.42
N GLY H 34 -13.80 -15.92 -12.87
CA GLY H 34 -13.28 -17.20 -13.31
C GLY H 34 -11.82 -17.39 -13.01
N PHE H 35 -11.28 -16.58 -12.10
CA PHE H 35 -9.83 -16.45 -11.94
C PHE H 35 -9.53 -15.94 -10.54
N VAL H 36 -8.60 -16.60 -9.85
CA VAL H 36 -8.09 -16.13 -8.56
C VAL H 36 -6.59 -16.35 -8.55
N LYS H 37 -5.83 -15.28 -8.35
CA LYS H 37 -4.39 -15.31 -8.45
C LYS H 37 -3.77 -15.43 -7.06
N PHE H 38 -2.78 -16.32 -6.93
CA PHE H 38 -2.04 -16.51 -5.69
C PHE H 38 -0.67 -15.86 -5.88
N ASP H 39 -0.57 -14.59 -5.54
CA ASP H 39 0.68 -13.85 -5.67
C ASP H 39 1.34 -13.72 -4.29
N ALA H 40 2.22 -12.72 -4.16
CA ALA H 40 2.87 -12.47 -2.87
C ALA H 40 1.85 -12.11 -1.79
N ALA H 41 0.74 -11.47 -2.17
CA ALA H 41 -0.27 -11.11 -1.19
C ALA H 41 -0.99 -12.31 -0.62
N ASN H 42 -1.13 -13.38 -1.42
CA ASN H 42 -1.87 -14.58 -1.02
C ASN H 42 -1.09 -15.80 -1.54
N ARG H 43 -0.17 -16.30 -0.73
CA ARG H 43 0.63 -17.45 -1.12
C ARG H 43 -0.17 -18.74 -1.01
N LEU H 44 0.16 -19.70 -1.87
CA LEU H 44 -0.50 -21.01 -1.85
C LEU H 44 0.42 -22.12 -1.38
N VAL H 45 1.68 -22.12 -1.79
CA VAL H 45 2.65 -23.14 -1.39
C VAL H 45 3.92 -22.47 -0.87
N PRO H 46 4.67 -23.11 0.02
CA PRO H 46 5.92 -22.51 0.49
C PRO H 46 6.95 -22.43 -0.61
N ASP H 47 7.95 -21.57 -0.39
CA ASP H 47 9.00 -21.38 -1.37
C ASP H 47 9.77 -22.68 -1.62
N GLU H 48 9.97 -23.49 -0.57
CA GLU H 48 10.69 -24.75 -0.72
C GLU H 48 9.94 -25.69 -1.65
N LEU H 49 8.61 -25.67 -1.60
CA LEU H 49 7.83 -26.54 -2.48
C LEU H 49 7.77 -25.98 -3.90
N GLN H 50 7.64 -24.67 -4.04
CA GLN H 50 7.67 -24.05 -5.37
C GLN H 50 8.99 -24.33 -6.07
N THR H 51 10.11 -24.22 -5.35
CA THR H 51 11.41 -24.50 -5.94
C THR H 51 11.55 -25.96 -6.35
N ALA H 52 10.95 -26.87 -5.59
CA ALA H 52 10.97 -28.29 -5.99
C ALA H 52 10.14 -28.52 -7.24
N VAL H 53 8.92 -27.99 -7.28
CA VAL H 53 8.06 -28.17 -8.44
C VAL H 53 8.68 -27.54 -9.68
N ARG H 54 9.27 -26.35 -9.51
CA ARG H 54 9.92 -25.69 -10.65
C ARG H 54 11.08 -26.53 -11.17
N GLU H 55 11.91 -27.05 -10.27
CA GLU H 55 13.07 -27.81 -10.70
C GLU H 55 12.67 -29.10 -11.41
N GLU H 56 11.59 -29.73 -10.96
CA GLU H 56 11.08 -30.92 -11.65
C GLU H 56 10.65 -30.57 -13.07
N CYS H 57 9.89 -29.50 -13.24
CA CYS H 57 9.38 -29.15 -14.55
C CYS H 57 10.51 -28.77 -15.51
N ASP H 58 11.50 -28.00 -15.04
CA ASP H 58 12.60 -27.60 -15.92
C ASP H 58 13.37 -28.80 -16.42
N LEU H 59 13.34 -29.90 -15.68
CA LEU H 59 13.91 -31.16 -16.16
C LEU H 59 13.02 -31.81 -17.21
N LEU H 60 11.71 -31.85 -16.96
CA LEU H 60 10.79 -32.41 -17.93
C LEU H 60 10.83 -31.65 -19.26
N ILE H 61 11.10 -30.35 -19.21
CA ILE H 61 11.23 -29.56 -20.43
C ILE H 61 12.40 -30.10 -21.23
N GLU H 62 13.62 -29.93 -20.69
CA GLU H 62 14.84 -30.29 -21.40
C GLU H 62 14.81 -31.69 -21.99
N GLN H 63 13.91 -32.56 -21.52
CA GLN H 63 13.82 -33.93 -22.03
C GLN H 63 12.73 -34.10 -23.08
N HIS H 64 11.49 -33.74 -22.75
CA HIS H 64 10.32 -34.12 -23.53
C HIS H 64 9.61 -32.91 -24.12
N LYS H 65 10.36 -31.87 -24.49
CA LYS H 65 9.76 -30.69 -25.09
C LYS H 65 9.52 -30.96 -26.58
N GLU H 66 8.25 -31.08 -26.96
CA GLU H 66 7.85 -31.11 -28.35
C GLU H 66 7.27 -29.75 -28.70
N ARG H 67 7.67 -29.20 -29.83
CA ARG H 67 7.13 -27.92 -30.26
C ARG H 67 5.78 -28.11 -30.94
N ARG H 68 4.84 -27.23 -30.61
CA ARG H 68 3.53 -27.17 -31.25
C ARG H 68 3.42 -25.83 -31.96
N ASN H 69 3.07 -25.87 -33.24
CA ASN H 69 2.83 -24.66 -34.04
C ASN H 69 1.62 -24.97 -34.92
N LEU H 70 0.44 -24.66 -34.42
CA LEU H 70 -0.79 -25.12 -35.05
C LEU H 70 -1.91 -24.13 -34.76
N LEU H 71 -3.03 -24.33 -35.45
CA LEU H 71 -4.26 -23.61 -35.21
C LEU H 71 -5.36 -24.60 -34.91
N LEU H 72 -6.14 -24.34 -33.86
CA LEU H 72 -7.13 -25.28 -33.37
C LEU H 72 -8.50 -24.86 -33.89
N SER H 73 -9.11 -25.71 -34.72
CA SER H 73 -10.38 -25.35 -35.35
C SER H 73 -11.50 -25.22 -34.34
N THR H 74 -11.54 -26.12 -33.34
CA THR H 74 -12.58 -26.06 -32.33
C THR H 74 -12.53 -24.79 -31.49
N THR H 75 -11.48 -23.98 -31.64
CA THR H 75 -11.40 -22.67 -31.00
C THR H 75 -11.15 -21.60 -32.05
N GLY H 76 -11.89 -21.65 -33.16
CA GLY H 76 -11.81 -20.60 -34.16
C GLY H 76 -10.46 -20.45 -34.81
N ASN H 77 -9.67 -21.53 -34.88
CA ASN H 77 -8.32 -21.50 -35.45
C ASN H 77 -7.39 -20.55 -34.70
N THR H 78 -7.58 -20.43 -33.39
CA THR H 78 -6.63 -19.65 -32.60
C THR H 78 -5.32 -20.40 -32.47
N PRO H 79 -4.18 -19.72 -32.56
CA PRO H 79 -2.90 -20.43 -32.68
C PRO H 79 -2.46 -21.06 -31.37
N ARG H 80 -1.57 -22.05 -31.50
CA ARG H 80 -0.91 -22.70 -30.38
C ARG H 80 0.58 -22.81 -30.76
N ARG H 81 1.30 -21.70 -30.60
CA ARG H 81 2.73 -21.65 -30.89
C ARG H 81 3.49 -21.72 -29.56
N MET H 82 4.09 -22.87 -29.27
CA MET H 82 4.76 -23.10 -28.00
C MET H 82 5.47 -24.44 -28.08
N SER H 83 6.10 -24.82 -26.97
CA SER H 83 6.57 -26.18 -26.73
C SER H 83 5.82 -26.74 -25.53
N VAL H 84 5.54 -28.04 -25.56
CA VAL H 84 4.72 -28.68 -24.54
C VAL H 84 5.44 -29.91 -24.00
N VAL H 85 4.89 -30.44 -22.90
CA VAL H 85 5.28 -31.73 -22.34
C VAL H 85 4.00 -32.47 -21.98
N LYS H 86 3.80 -33.65 -22.55
CA LYS H 86 2.53 -34.36 -22.41
C LYS H 86 2.31 -34.78 -20.96
N SER H 87 1.04 -35.04 -20.64
CA SER H 87 0.66 -35.38 -19.28
C SER H 87 1.34 -36.67 -18.82
N GLU H 88 1.38 -37.68 -19.70
CA GLU H 88 1.98 -38.95 -19.34
C GLU H 88 3.44 -38.77 -18.92
N GLU H 89 4.15 -37.85 -19.58
CA GLU H 89 5.53 -37.58 -19.20
C GLU H 89 5.59 -36.87 -17.84
N ILE H 90 4.66 -35.96 -17.59
CA ILE H 90 4.66 -35.23 -16.32
C ILE H 90 4.21 -36.13 -15.18
N GLU H 91 3.29 -37.07 -15.45
CA GLU H 91 2.76 -37.92 -14.39
C GLU H 91 3.83 -38.82 -13.78
N LYS H 92 4.95 -39.02 -14.48
CA LYS H 92 6.04 -39.83 -13.95
C LYS H 92 6.72 -39.18 -12.75
N SER H 93 6.54 -37.87 -12.56
CA SER H 93 7.08 -37.17 -11.40
C SER H 93 6.24 -37.50 -10.17
N GLU H 94 6.86 -38.15 -9.19
CA GLU H 94 6.15 -38.48 -7.96
C GLU H 94 5.68 -37.23 -7.22
N LEU H 95 6.41 -36.12 -7.39
CA LEU H 95 6.07 -34.90 -6.65
C LEU H 95 4.82 -34.24 -7.21
N ILE H 96 4.76 -34.07 -8.53
CA ILE H 96 3.63 -33.37 -9.14
C ILE H 96 2.35 -34.19 -8.98
N SER H 97 2.43 -35.49 -9.22
CA SER H 97 1.23 -36.33 -9.21
C SER H 97 0.61 -36.41 -7.81
N THR H 98 1.45 -36.56 -6.78
CA THR H 98 0.92 -36.64 -5.42
C THR H 98 0.40 -35.29 -4.95
N LEU H 99 1.05 -34.20 -5.36
CA LEU H 99 0.58 -32.87 -5.00
C LEU H 99 -0.73 -32.56 -5.70
N SER H 100 -0.87 -32.96 -6.97
CA SER H 100 -2.09 -32.71 -7.73
C SER H 100 -3.30 -33.44 -7.13
N ARG H 101 -3.07 -34.50 -6.35
CA ARG H 101 -4.15 -35.25 -5.74
C ARG H 101 -4.23 -35.02 -4.23
N SER H 102 -3.44 -34.09 -3.69
CA SER H 102 -3.38 -33.85 -2.26
C SER H 102 -4.73 -33.38 -1.73
N GLU H 103 -5.30 -34.14 -0.79
CA GLU H 103 -6.55 -33.72 -0.18
C GLU H 103 -6.39 -32.48 0.69
N VAL H 104 -5.16 -32.01 0.90
CA VAL H 104 -4.94 -30.74 1.58
C VAL H 104 -5.05 -29.59 0.58
N LEU H 105 -4.42 -29.74 -0.58
CA LEU H 105 -4.51 -28.72 -1.63
C LEU H 105 -5.91 -28.65 -2.22
N LEU H 106 -6.49 -29.81 -2.56
CA LEU H 106 -7.84 -29.81 -3.10
C LEU H 106 -8.85 -29.37 -2.06
N GLY H 107 -8.67 -29.80 -0.81
CA GLY H 107 -9.60 -29.41 0.25
C GLY H 107 -9.61 -27.93 0.51
N PHE H 108 -8.49 -27.25 0.28
CA PHE H 108 -8.44 -25.81 0.46
C PHE H 108 -9.03 -25.07 -0.73
N LEU H 109 -8.67 -25.49 -1.95
CA LEU H 109 -9.16 -24.82 -3.15
C LEU H 109 -10.66 -25.02 -3.35
N ALA H 110 -11.21 -26.13 -2.85
CA ALA H 110 -12.64 -26.34 -2.89
C ALA H 110 -13.40 -25.31 -2.07
N GLY H 111 -12.72 -24.58 -1.19
CA GLY H 111 -13.32 -23.42 -0.55
C GLY H 111 -13.41 -22.21 -1.44
N ILE H 112 -12.60 -22.16 -2.50
CA ILE H 112 -12.69 -21.09 -3.49
C ILE H 112 -13.68 -21.45 -4.58
N THR H 113 -13.62 -22.69 -5.08
CA THR H 113 -14.58 -23.15 -6.07
C THR H 113 -15.97 -23.40 -5.47
N ARG H 114 -16.05 -23.66 -4.17
CA ARG H 114 -17.30 -23.95 -3.48
C ARG H 114 -17.96 -25.23 -3.98
N GLU H 115 -17.17 -26.13 -4.57
CA GLU H 115 -17.63 -27.45 -4.97
C GLU H 115 -16.44 -28.39 -4.99
N GLU H 116 -16.72 -29.68 -4.86
CA GLU H 116 -15.67 -30.69 -4.81
C GLU H 116 -14.82 -30.66 -6.08
N ILE H 117 -13.52 -30.75 -5.89
CA ILE H 117 -12.55 -30.78 -6.98
C ILE H 117 -12.08 -32.22 -7.15
N ILE H 118 -12.50 -32.86 -8.22
CA ILE H 118 -12.31 -34.30 -8.41
C ILE H 118 -11.11 -34.51 -9.33
N PRO H 119 -10.05 -35.18 -8.89
CA PRO H 119 -8.89 -35.40 -9.76
C PRO H 119 -9.05 -36.61 -10.67
N GLU H 120 -10.25 -36.83 -11.17
CA GLU H 120 -10.52 -37.90 -12.14
C GLU H 120 -10.73 -37.21 -13.48
N VAL H 121 -9.64 -37.08 -14.25
CA VAL H 121 -9.67 -36.50 -15.58
C VAL H 121 -8.87 -37.38 -16.51
N SER H 122 -8.98 -37.09 -17.81
CA SER H 122 -8.33 -37.88 -18.85
C SER H 122 -6.84 -38.01 -18.58
N SER H 123 -6.31 -39.19 -18.89
CA SER H 123 -4.90 -39.49 -18.64
C SER H 123 -3.95 -38.72 -19.55
N ASP H 124 -4.46 -37.97 -20.54
CA ASP H 124 -3.63 -37.10 -21.35
C ASP H 124 -3.82 -35.63 -21.03
N GLU H 125 -4.76 -35.29 -20.15
CA GLU H 125 -5.01 -33.91 -19.75
C GLU H 125 -4.87 -33.72 -18.24
N ARG H 126 -4.30 -34.70 -17.53
CA ARG H 126 -4.05 -34.50 -16.11
C ARG H 126 -3.08 -33.34 -15.89
N TYR H 127 -1.98 -33.32 -16.64
CA TYR H 127 -0.95 -32.31 -16.50
C TYR H 127 -0.55 -31.78 -17.87
N LEU H 128 0.02 -30.58 -17.87
CA LEU H 128 0.53 -29.99 -19.09
C LEU H 128 1.53 -28.92 -18.72
N ILE H 129 2.66 -28.91 -19.42
CA ILE H 129 3.67 -27.88 -19.27
C ILE H 129 3.85 -27.23 -20.64
N THR H 130 3.66 -25.92 -20.71
CA THR H 130 3.87 -25.17 -21.94
C THR H 130 5.06 -24.24 -21.77
N HIS H 131 5.86 -24.13 -22.81
CA HIS H 131 7.12 -23.38 -22.77
C HIS H 131 7.19 -22.53 -24.03
N GLN H 132 6.83 -21.25 -23.92
CA GLN H 132 6.91 -20.32 -25.04
C GLN H 132 8.24 -19.59 -24.98
N GLU H 133 8.96 -19.56 -26.09
CA GLU H 133 10.29 -18.95 -26.11
C GLU H 133 10.50 -17.92 -27.21
N PHE H 134 9.74 -17.97 -28.29
CA PHE H 134 9.95 -17.08 -29.43
C PHE H 134 8.88 -16.00 -29.46
N LYS H 135 9.10 -15.01 -30.33
CA LYS H 135 8.08 -14.00 -30.57
C LYS H 135 6.85 -14.65 -31.19
N SER H 136 5.69 -14.04 -30.91
CA SER H 136 4.40 -14.47 -31.43
C SER H 136 3.92 -15.77 -30.80
N ASP H 137 4.76 -16.40 -29.98
CA ASP H 137 4.35 -17.59 -29.25
C ASP H 137 3.21 -17.24 -28.30
N THR H 138 2.19 -18.10 -28.28
CA THR H 138 0.97 -17.80 -27.55
C THR H 138 0.16 -19.06 -27.40
N HIS H 139 -0.66 -19.08 -26.35
CA HIS H 139 -1.69 -20.10 -26.15
C HIS H 139 -3.01 -19.41 -26.48
N GLY H 140 -3.46 -19.56 -27.72
CA GLY H 140 -4.54 -18.75 -28.24
C GLY H 140 -5.84 -18.95 -27.47
N TRP H 141 -6.83 -18.11 -27.81
CA TRP H 141 -8.12 -18.11 -27.13
C TRP H 141 -8.71 -19.52 -27.12
N HIS H 142 -9.20 -19.93 -25.95
CA HIS H 142 -9.68 -21.29 -25.79
C HIS H 142 -10.42 -21.40 -24.47
N TRP H 143 -11.12 -22.52 -24.33
CA TRP H 143 -11.68 -23.00 -23.08
C TRP H 143 -11.05 -24.35 -22.75
N GLY H 144 -11.45 -24.92 -21.64
CA GLY H 144 -10.98 -26.23 -21.22
C GLY H 144 -12.11 -27.23 -21.19
N ASP H 145 -11.77 -28.48 -21.50
CA ASP H 145 -12.75 -29.56 -21.43
C ASP H 145 -13.19 -29.83 -19.99
N TYR H 146 -12.37 -29.49 -19.01
CA TYR H 146 -12.68 -29.71 -17.60
C TYR H 146 -12.87 -28.38 -16.89
N SER H 147 -13.44 -28.46 -15.68
CA SER H 147 -13.87 -27.25 -14.99
C SER H 147 -12.68 -26.41 -14.53
N PHE H 148 -11.71 -27.04 -13.87
CA PHE H 148 -10.71 -26.30 -13.12
C PHE H 148 -9.31 -26.57 -13.66
N ALA H 149 -8.41 -25.63 -13.38
CA ALA H 149 -7.00 -25.80 -13.66
C ALA H 149 -6.22 -24.89 -12.73
N LEU H 150 -5.25 -25.46 -12.03
CA LEU H 150 -4.30 -24.69 -11.23
C LEU H 150 -3.06 -24.48 -12.09
N ILE H 151 -2.82 -23.23 -12.48
CA ILE H 151 -1.71 -22.90 -13.36
C ILE H 151 -0.56 -22.38 -12.51
N TRP H 152 0.60 -22.99 -12.66
CA TRP H 152 1.82 -22.59 -11.97
C TRP H 152 2.62 -21.67 -12.89
N ALA H 153 2.62 -20.38 -12.57
CA ALA H 153 3.43 -19.41 -13.32
C ALA H 153 4.88 -19.51 -12.83
N LEU H 154 5.56 -20.54 -13.31
CA LEU H 154 6.93 -20.80 -12.86
C LEU H 154 7.90 -19.74 -13.35
N ARG H 155 7.78 -19.33 -14.62
CA ARG H 155 8.65 -18.30 -15.20
C ARG H 155 7.82 -17.40 -16.08
N MET H 156 7.71 -16.13 -15.70
CA MET H 156 6.97 -15.14 -16.47
C MET H 156 7.93 -14.04 -16.93
N PRO H 157 7.87 -13.65 -18.20
CA PRO H 157 8.62 -12.48 -18.65
C PRO H 157 8.00 -11.21 -18.07
N PRO H 158 8.65 -10.07 -18.23
CA PRO H 158 7.98 -8.80 -17.90
C PRO H 158 6.75 -8.59 -18.78
N ILE H 159 5.81 -7.80 -18.26
CA ILE H 159 4.53 -7.58 -18.94
C ILE H 159 4.70 -6.86 -20.27
N GLU H 160 5.80 -6.13 -20.45
CA GLU H 160 6.04 -5.47 -21.73
C GLU H 160 6.31 -6.47 -22.85
N HIS H 161 6.71 -7.68 -22.50
CA HIS H 161 6.92 -8.75 -23.48
C HIS H 161 5.69 -9.61 -23.68
N GLY H 162 4.56 -9.26 -23.06
CA GLY H 162 3.35 -10.03 -23.20
C GLY H 162 3.32 -11.24 -22.29
N GLY H 163 2.50 -12.21 -22.67
CA GLY H 163 2.32 -13.42 -21.89
C GLY H 163 1.28 -13.32 -20.80
N MET H 164 0.62 -12.18 -20.65
CA MET H 164 -0.45 -12.05 -19.67
C MET H 164 -1.61 -12.95 -20.07
N LEU H 165 -2.35 -13.41 -19.06
CA LEU H 165 -3.57 -14.16 -19.29
C LEU H 165 -4.72 -13.18 -19.49
N GLN H 166 -5.38 -13.26 -20.64
CA GLN H 166 -6.60 -12.53 -20.87
C GLN H 166 -7.77 -13.49 -20.72
N ALA H 167 -8.86 -13.01 -20.15
CA ALA H 167 -9.97 -13.90 -19.80
C ALA H 167 -11.28 -13.20 -20.03
N VAL H 168 -12.29 -14.00 -20.38
CA VAL H 168 -13.66 -13.52 -20.44
C VAL H 168 -14.52 -14.52 -19.68
N PRO H 169 -14.90 -14.23 -18.44
CA PRO H 169 -15.65 -15.22 -17.66
C PRO H 169 -17.09 -15.32 -18.12
N HIS H 170 -17.77 -16.34 -17.60
CA HIS H 170 -19.19 -16.56 -17.86
C HIS H 170 -19.44 -16.72 -19.36
N THR H 171 -18.64 -17.59 -19.97
CA THR H 171 -18.81 -18.01 -21.35
C THR H 171 -18.99 -19.53 -21.35
N HIS H 172 -18.98 -20.13 -22.53
CA HIS H 172 -18.97 -21.59 -22.65
C HIS H 172 -18.39 -21.95 -24.00
N TRP H 173 -17.94 -23.20 -24.11
CA TRP H 173 -17.23 -23.68 -25.29
C TRP H 173 -18.19 -24.43 -26.20
N ASP H 174 -18.51 -23.83 -27.34
CA ASP H 174 -19.28 -24.49 -28.40
C ASP H 174 -18.28 -24.87 -29.49
N LYS H 175 -17.89 -26.15 -29.50
CA LYS H 175 -16.85 -26.56 -30.44
C LYS H 175 -17.34 -26.56 -31.89
N SER H 176 -18.65 -26.57 -32.09
CA SER H 176 -19.23 -26.42 -33.43
C SER H 176 -19.37 -24.96 -33.84
N ASN H 177 -19.35 -24.04 -32.88
CA ASN H 177 -19.52 -22.61 -33.17
C ASN H 177 -18.88 -21.81 -32.05
N PRO H 178 -17.55 -21.73 -32.02
CA PRO H 178 -16.87 -21.05 -30.91
C PRO H 178 -17.25 -19.58 -30.78
N ARG H 179 -17.27 -18.85 -31.90
CA ARG H 179 -17.64 -17.44 -31.92
C ARG H 179 -16.79 -16.65 -30.93
N ILE H 180 -15.47 -16.78 -31.08
CA ILE H 180 -14.54 -16.18 -30.13
C ILE H 180 -14.49 -14.67 -30.33
N ASN H 181 -14.19 -14.23 -31.55
CA ASN H 181 -14.08 -12.79 -31.80
C ASN H 181 -15.42 -12.08 -31.63
N GLN H 182 -16.53 -12.79 -31.85
CA GLN H 182 -17.83 -12.22 -31.58
C GLN H 182 -18.05 -12.05 -30.07
N THR H 183 -17.67 -13.07 -29.29
CA THR H 183 -17.77 -12.96 -27.84
C THR H 183 -16.93 -11.81 -27.32
N LEU H 184 -15.75 -11.59 -27.91
CA LEU H 184 -14.90 -10.46 -27.50
C LEU H 184 -15.58 -9.14 -27.80
N CYS H 185 -16.31 -9.05 -28.92
CA CYS H 185 -17.03 -7.83 -29.24
C CYS H 185 -18.20 -7.58 -28.31
N GLU H 186 -18.70 -8.61 -27.63
CA GLU H 186 -19.83 -8.46 -26.74
C GLU H 186 -19.45 -8.28 -25.27
N ARG H 187 -18.24 -8.66 -24.90
CA ARG H 187 -17.84 -8.73 -23.51
C ARG H 187 -16.53 -7.95 -23.31
N GLU H 188 -16.30 -7.53 -22.07
CA GLU H 188 -15.06 -6.89 -21.70
C GLU H 188 -13.98 -7.93 -21.44
N ILE H 189 -12.76 -7.62 -21.87
CA ILE H 189 -11.63 -8.50 -21.65
C ILE H 189 -10.95 -8.12 -20.35
N ASN H 190 -10.68 -9.11 -19.51
CA ASN H 190 -9.93 -8.92 -18.29
C ASN H 190 -8.51 -9.43 -18.53
N THR H 191 -7.53 -8.55 -18.43
CA THR H 191 -6.13 -8.91 -18.60
C THR H 191 -5.48 -9.07 -17.23
N HIS H 192 -4.86 -10.23 -17.01
CA HIS H 192 -4.27 -10.57 -15.72
C HIS H 192 -2.76 -10.70 -15.89
N GLY H 193 -2.03 -9.75 -15.34
CA GLY H 193 -0.58 -9.81 -15.36
C GLY H 193 -0.05 -10.81 -14.34
N LEU H 194 0.86 -11.66 -14.78
CA LEU H 194 1.44 -12.71 -13.94
C LEU H 194 2.91 -12.42 -13.71
N GLU H 195 3.42 -12.94 -12.60
CA GLU H 195 4.84 -12.83 -12.28
C GLU H 195 5.37 -14.20 -11.89
N SER H 196 6.68 -14.32 -11.90
CA SER H 196 7.31 -15.58 -11.54
C SER H 196 6.93 -15.97 -10.11
N GLY H 197 6.65 -17.24 -9.91
CA GLY H 197 6.22 -17.73 -8.62
C GLY H 197 4.74 -17.60 -8.33
N ASP H 198 3.98 -17.01 -9.24
CA ASP H 198 2.53 -16.91 -9.08
C ASP H 198 1.87 -18.23 -9.39
N LEU H 199 0.70 -18.44 -8.79
CA LEU H 199 -0.22 -19.49 -9.18
C LEU H 199 -1.60 -18.86 -9.31
N TYR H 200 -2.43 -19.43 -10.18
CA TYR H 200 -3.80 -18.97 -10.26
C TYR H 200 -4.74 -20.12 -10.58
N LEU H 201 -5.95 -20.02 -10.06
CA LEU H 201 -7.01 -20.99 -10.28
C LEU H 201 -7.94 -20.44 -11.36
N LEU H 202 -8.24 -21.26 -12.36
CA LEU H 202 -9.02 -20.85 -13.53
C LEU H 202 -10.20 -21.77 -13.70
N ARG H 203 -11.39 -21.19 -13.82
CA ARG H 203 -12.59 -21.94 -14.20
C ARG H 203 -12.52 -22.09 -15.71
N THR H 204 -11.89 -23.17 -16.18
CA THR H 204 -11.48 -23.25 -17.56
C THR H 204 -12.63 -23.54 -18.52
N ASP H 205 -13.71 -24.14 -18.04
CA ASP H 205 -14.79 -24.48 -18.95
C ASP H 205 -15.68 -23.28 -19.25
N THR H 206 -15.82 -22.34 -18.31
CA THR H 206 -16.70 -21.19 -18.49
C THR H 206 -15.94 -19.87 -18.65
N THR H 207 -14.61 -19.90 -18.74
CA THR H 207 -13.82 -18.70 -18.94
C THR H 207 -13.05 -18.83 -20.24
N LEU H 208 -13.40 -18.01 -21.22
CA LEU H 208 -12.60 -17.92 -22.43
C LEU H 208 -11.29 -17.24 -22.11
N HIS H 209 -10.16 -17.88 -22.42
CA HIS H 209 -8.89 -17.32 -22.00
C HIS H 209 -7.80 -17.63 -23.03
N ARG H 210 -6.77 -16.79 -23.01
CA ARG H 210 -5.59 -16.95 -23.85
C ARG H 210 -4.40 -16.32 -23.14
N THR H 211 -3.23 -16.47 -23.75
CA THR H 211 -2.04 -15.76 -23.31
C THR H 211 -1.65 -14.76 -24.38
N VAL H 212 -1.36 -13.53 -23.96
CA VAL H 212 -0.98 -12.48 -24.91
C VAL H 212 0.31 -12.88 -25.61
N PRO H 213 0.39 -12.79 -26.93
CA PRO H 213 1.59 -13.26 -27.63
C PRO H 213 2.84 -12.55 -27.14
N LEU H 214 3.95 -13.28 -27.16
CA LEU H 214 5.24 -12.70 -26.80
C LEU H 214 5.62 -11.68 -27.87
N SER H 215 5.74 -10.41 -27.46
CA SER H 215 6.17 -9.37 -28.39
C SER H 215 7.60 -9.57 -28.86
N GLU H 216 8.35 -10.44 -28.20
CA GLU H 216 9.72 -10.75 -28.57
C GLU H 216 10.11 -12.06 -27.90
N ASP H 217 11.25 -12.60 -28.30
CA ASP H 217 11.77 -13.82 -27.71
C ASP H 217 11.98 -13.67 -26.22
N SER H 218 11.12 -14.30 -25.42
CA SER H 218 11.26 -14.32 -23.97
C SER H 218 11.18 -15.75 -23.47
N THR H 219 10.77 -15.94 -22.23
CA THR H 219 10.56 -17.30 -21.69
C THR H 219 9.31 -17.28 -20.82
N ARG H 220 8.28 -17.98 -21.28
CA ARG H 220 7.02 -18.13 -20.54
C ARG H 220 6.81 -19.61 -20.27
N THR H 221 6.87 -19.99 -19.00
CA THR H 221 6.76 -21.38 -18.58
C THR H 221 5.64 -21.52 -17.56
N ILE H 222 4.73 -22.48 -17.78
CA ILE H 222 3.66 -22.76 -16.84
C ILE H 222 3.53 -24.27 -16.66
N LEU H 223 2.90 -24.64 -15.55
CA LEU H 223 2.46 -26.00 -15.28
C LEU H 223 0.95 -25.99 -15.08
N ASN H 224 0.26 -26.94 -15.72
CA ASN H 224 -1.18 -27.04 -15.64
C ASN H 224 -1.56 -28.29 -14.86
N MET H 225 -2.30 -28.12 -13.78
CA MET H 225 -2.94 -29.22 -13.05
C MET H 225 -4.44 -29.11 -13.30
N THR H 226 -4.93 -29.89 -14.25
CA THR H 226 -6.36 -29.90 -14.58
C THR H 226 -7.11 -30.87 -13.67
N TRP H 227 -8.23 -30.41 -13.12
CA TRP H 227 -9.11 -31.28 -12.34
C TRP H 227 -10.52 -31.17 -12.89
N ALA H 228 -11.37 -32.08 -12.42
CA ALA H 228 -12.76 -32.13 -12.82
C ALA H 228 -13.66 -31.60 -11.71
N ALA H 229 -14.87 -31.23 -12.08
CA ALA H 229 -15.96 -31.03 -11.15
C ALA H 229 -16.96 -32.17 -11.32
N LYS H 230 -17.94 -32.23 -10.42
CA LYS H 230 -18.95 -33.27 -10.55
C LYS H 230 -19.65 -33.19 -11.90
N ARG H 231 -19.72 -31.98 -12.49
CA ARG H 231 -20.32 -31.82 -13.81
C ARG H 231 -19.49 -32.45 -14.91
N ASP H 232 -18.21 -32.72 -14.66
CA ASP H 232 -17.31 -33.32 -15.64
C ASP H 232 -17.22 -34.83 -15.48
N LEU H 233 -17.84 -35.40 -14.46
CA LEU H 233 -17.61 -36.79 -14.09
C LEU H 233 -18.00 -37.73 -15.22
N GLU H 234 -17.06 -38.57 -15.63
CA GLU H 234 -17.30 -39.64 -16.61
C GLU H 234 -17.93 -39.10 -17.88
N LYS H 235 -17.66 -37.84 -18.21
CA LYS H 235 -18.20 -37.25 -19.41
C LYS H 235 -17.53 -37.83 -20.65
N ASP H 236 -18.10 -37.52 -21.81
CA ASP H 236 -17.59 -38.00 -23.09
C ASP H 236 -16.78 -36.89 -23.73
N LEU H 237 -15.47 -37.07 -23.80
CA LEU H 237 -14.61 -36.10 -24.45
C LEU H 237 -14.87 -36.08 -25.95
N VAL H 238 -15.04 -34.88 -26.50
CA VAL H 238 -15.31 -34.72 -27.92
C VAL H 238 -14.44 -33.59 -28.47
N GLY H 239 -14.27 -33.58 -29.78
CA GLY H 239 -13.56 -32.50 -30.42
C GLY H 239 -12.48 -32.94 -31.39
N ASN H 240 -11.78 -34.02 -31.08
CA ASN H 240 -10.61 -34.43 -31.86
C ASN H 240 -9.61 -33.28 -31.94
N ASP H 241 -9.42 -32.59 -30.81
CA ASP H 241 -8.63 -31.38 -30.76
C ASP H 241 -7.57 -31.43 -29.66
N ARG H 242 -7.15 -32.63 -29.24
CA ARG H 242 -6.18 -32.78 -28.16
C ARG H 242 -4.78 -32.59 -28.73
N TRP H 243 -4.51 -31.34 -29.14
CA TRP H 243 -3.28 -31.00 -29.84
C TRP H 243 -2.05 -31.24 -28.98
N TRP H 244 -2.17 -31.04 -27.67
CA TRP H 244 -1.01 -31.22 -26.79
C TRP H 244 -0.55 -32.66 -26.78
N GLU H 245 -1.49 -33.59 -26.62
CA GLU H 245 -1.14 -35.01 -26.64
C GLU H 245 -0.85 -35.49 -28.05
N ASN H 246 -1.42 -34.83 -29.04
CA ASN H 246 -1.37 -35.29 -30.43
C ASN H 246 -1.24 -34.09 -31.36
N PRO H 247 -0.03 -33.78 -31.83
CA PRO H 247 0.12 -32.64 -32.74
C PRO H 247 -0.65 -32.79 -34.03
N GLU H 248 -0.80 -34.03 -34.53
CA GLU H 248 -1.56 -34.31 -35.74
C GLU H 248 -3.03 -34.56 -35.45
N ALA H 249 -3.56 -33.96 -34.39
CA ALA H 249 -4.98 -34.09 -34.07
C ALA H 249 -5.83 -33.62 -35.24
N GLU H 250 -7.06 -34.11 -35.29
CA GLU H 250 -7.94 -33.81 -36.42
C GLU H 250 -8.27 -32.31 -36.50
N ALA H 251 -8.33 -31.63 -35.37
CA ALA H 251 -8.65 -30.21 -35.35
C ALA H 251 -7.42 -29.32 -35.50
N ALA H 252 -6.25 -29.94 -35.55
CA ALA H 252 -4.99 -29.15 -35.58
C ALA H 252 -4.62 -28.82 -37.02
N ARG H 253 -4.53 -27.54 -37.31
CA ARG H 253 -4.18 -27.07 -38.67
C ARG H 253 -2.77 -26.46 -38.63
N ALA H 254 -1.95 -26.75 -39.64
CA ALA H 254 -0.56 -26.27 -39.66
C ALA H 254 -0.52 -24.77 -39.96
#